data_7BJT
#
_entry.id   7BJT
#
_cell.length_a   163.390
_cell.length_b   163.390
_cell.length_c   166.730
_cell.angle_alpha   90.000
_cell.angle_beta   90.000
_cell.angle_gamma   120.000
#
_symmetry.space_group_name_H-M   'P 65'
#
loop_
_entity.id
_entity.type
_entity.pdbx_description
1 polymer 'Alginate lyase, family PL17'
2 non-polymer 'CALCIUM ION'
3 non-polymer 'MAGNESIUM ION'
4 non-polymer D-MALATE
5 non-polymer GLYCEROL
6 water water
#
_entity_poly.entity_id   1
_entity_poly.type   'polypeptide(L)'
_entity_poly.pdbx_seq_one_letter_code
;MNMTKYIPVLQSLLFVLLLSFSGHAQEHPSLILTKAGVEKIRAELGNIPIFDATLEKVKAEVDAEIALGIDTPLPKDYSG
GYTHERHKRNFFILQKAGVLYQILNDEKYALYIKDMLFQYEGMYKDLPVHPQTRSYARGKLFWQCLNDSNWLVYVSQAYD
CVYDYLSKKERKQLEKNLFRPFADYISIENPQFYNRVHNHSTWGNAAVGMIGLVMGDEELIQRALYGIEDDGLPIGAKDN
DGGFIKVEGQKAGFLANIDEPFSPDGYYTEGPYYQRYAMYPFLIFAEALHNVRPQQKIFEHKDGVLLKSVNTLLSLSDAD
GEFFPLNDAQKGMSYHSRELVTAVDIAYHYGNHNPQLLSIAEEQGQVLLDDSGLAVALGIREGKSEDFQKKSIKLSDGAN
GDQGGVAILRYGNEAMTLVYKYAAQGLSHGHYDKLSFSLYEKGTEILQDYGLARFVNIEQKGGGNYLKENTTWAKQTIAH
NTLVQNETSHFEGKYEVGSQHHSELYFFDASNPEVQVVSAKEQNAYPGTEMHRTMALIKTDGFEKPFVLDILRVGSNAAN
QYDLPFYFKGQVMQTNFDFTTPKSLEPLGSDNGYQHLWSEGLGQPKGDNSQLSWLENGRFYTLTTATNNDDELHFVRIGA
NDPEFNLRRDAGLIIRRKNTKNTTFVSILESHGHYSPVSEFSVNANSSISKIELMLDTKEYTAVLIDAKSNTEQTLLILA
NENKNVNKEHIIEIKGKEYRWTGPYQFIKIN
;
_entity_poly.pdbx_strand_id   A,B
#
# COMPACT_ATOMS: atom_id res chain seq x y z
N ALA A 25 24.67 46.61 21.69
CA ALA A 25 25.63 46.23 20.60
C ALA A 25 25.12 45.11 19.70
N GLN A 26 24.57 44.06 20.30
CA GLN A 26 24.05 42.91 19.55
C GLN A 26 22.82 43.29 18.71
N GLU A 27 22.89 42.99 17.42
CA GLU A 27 21.75 43.20 16.51
C GLU A 27 20.68 42.14 16.78
N HIS A 28 19.43 42.48 16.49
CA HIS A 28 18.32 41.52 16.51
C HIS A 28 17.45 41.76 15.27
N PRO A 29 17.11 40.72 14.50
CA PRO A 29 17.54 39.34 14.70
C PRO A 29 19.00 39.12 14.29
N SER A 30 19.63 38.08 14.82
CA SER A 30 20.99 37.69 14.41
C SER A 30 21.32 36.19 14.51
N LEU A 31 20.54 35.40 15.24
CA LEU A 31 20.89 34.00 15.47
C LEU A 31 20.73 33.14 14.21
N ILE A 32 19.56 33.24 13.58
CA ILE A 32 19.18 32.36 12.48
C ILE A 32 18.94 33.22 11.24
N LEU A 33 17.85 33.96 11.24
CA LEU A 33 17.66 35.05 10.27
C LEU A 33 18.52 36.24 10.73
N THR A 34 19.33 36.78 9.83
CA THR A 34 20.21 37.92 10.13
C THR A 34 19.69 39.18 9.45
N LYS A 35 20.13 40.36 9.91
CA LYS A 35 19.69 41.62 9.30
C LYS A 35 20.14 41.76 7.85
N ALA A 36 21.39 41.35 7.57
CA ALA A 36 21.88 41.27 6.19
C ALA A 36 21.05 40.30 5.35
N GLY A 37 20.68 39.17 5.95
CA GLY A 37 19.81 38.19 5.31
C GLY A 37 18.46 38.74 4.91
N VAL A 38 17.85 39.52 5.80
CA VAL A 38 16.55 40.15 5.52
C VAL A 38 16.66 41.02 4.26
N GLU A 39 17.71 41.83 4.20
CA GLU A 39 17.96 42.70 3.04
C GLU A 39 18.17 41.90 1.76
N LYS A 40 18.99 40.86 1.83
CA LYS A 40 19.23 39.98 0.68
C LYS A 40 17.96 39.29 0.20
N ILE A 41 17.17 38.77 1.15
CA ILE A 41 15.89 38.12 0.83
C ILE A 41 14.96 39.10 0.13
N ARG A 42 14.76 40.27 0.73
CA ARG A 42 13.85 41.28 0.17
C ARG A 42 14.22 41.67 -1.27
N ALA A 43 15.52 41.74 -1.55
CA ALA A 43 16.03 42.06 -2.89
C ALA A 43 15.74 40.98 -3.95
N GLU A 44 15.61 39.72 -3.52
CA GLU A 44 15.41 38.59 -4.42
C GLU A 44 13.97 38.10 -4.54
N LEU A 45 13.09 38.51 -3.63
CA LEU A 45 11.68 38.07 -3.66
C LEU A 45 11.05 38.25 -5.04
N GLY A 46 10.31 37.23 -5.47
CA GLY A 46 9.74 37.18 -6.81
C GLY A 46 10.60 36.48 -7.86
N ASN A 47 11.88 36.27 -7.58
CA ASN A 47 12.80 35.61 -8.52
C ASN A 47 13.46 34.35 -7.92
N ILE A 48 12.84 33.76 -6.90
CA ILE A 48 13.38 32.57 -6.21
C ILE A 48 12.22 31.61 -5.92
N PRO A 49 11.73 30.88 -6.95
CA PRO A 49 10.47 30.14 -6.85
C PRO A 49 10.28 29.26 -5.60
N ILE A 50 11.27 28.43 -5.26
CA ILE A 50 11.13 27.55 -4.08
C ILE A 50 10.93 28.36 -2.78
N PHE A 51 11.62 29.51 -2.68
CA PHE A 51 11.48 30.41 -1.53
C PHE A 51 10.14 31.16 -1.58
N ASP A 52 9.82 31.72 -2.75
CA ASP A 52 8.57 32.47 -2.95
C ASP A 52 7.35 31.60 -2.63
N ALA A 53 7.38 30.35 -3.07
CA ALA A 53 6.27 29.43 -2.81
C ALA A 53 6.15 29.12 -1.32
N THR A 54 7.28 28.93 -0.65
CA THR A 54 7.27 28.69 0.79
C THR A 54 6.69 29.89 1.53
N LEU A 55 7.15 31.08 1.16
CA LEU A 55 6.68 32.33 1.78
C LEU A 55 5.17 32.49 1.66
N GLU A 56 4.63 32.22 0.47
CA GLU A 56 3.18 32.30 0.24
C GLU A 56 2.42 31.32 1.14
N LYS A 57 2.90 30.08 1.22
CA LYS A 57 2.28 29.04 2.05
C LYS A 57 2.30 29.41 3.53
N VAL A 58 3.46 29.82 4.02
CA VAL A 58 3.63 30.18 5.43
C VAL A 58 2.80 31.43 5.79
N LYS A 59 2.80 32.43 4.91
CA LYS A 59 1.97 33.61 5.12
C LYS A 59 0.49 33.25 5.28
N ALA A 60 -0.01 32.35 4.44
CA ALA A 60 -1.41 31.93 4.52
C ALA A 60 -1.68 31.17 5.82
N GLU A 61 -0.75 30.31 6.23
CA GLU A 61 -0.86 29.58 7.49
C GLU A 61 -0.96 30.51 8.69
N VAL A 62 -0.03 31.47 8.77
CA VAL A 62 0.00 32.40 9.88
C VAL A 62 -1.22 33.33 9.87
N ASP A 63 -1.58 33.84 8.69
CA ASP A 63 -2.75 34.72 8.60
C ASP A 63 -4.01 34.02 9.10
N ALA A 64 -4.14 32.74 8.79
CA ALA A 64 -5.30 31.97 9.25
C ALA A 64 -5.33 31.84 10.78
N GLU A 65 -4.18 31.56 11.38
CA GLU A 65 -4.09 31.46 12.84
C GLU A 65 -4.34 32.82 13.52
N ILE A 66 -3.85 33.90 12.92
CA ILE A 66 -4.12 35.25 13.43
C ILE A 66 -5.64 35.50 13.45
N ALA A 67 -6.32 35.13 12.38
CA ALA A 67 -7.78 35.26 12.32
C ALA A 67 -8.49 34.48 13.43
N LEU A 68 -7.98 33.29 13.75
CA LEU A 68 -8.56 32.44 14.79
C LEU A 68 -8.33 32.96 16.20
N GLY A 69 -7.25 33.71 16.40
CA GLY A 69 -6.99 34.37 17.68
C GLY A 69 -5.79 33.77 18.40
N ILE A 70 -5.79 33.93 19.72
CA ILE A 70 -4.67 33.50 20.56
C ILE A 70 -5.23 32.62 21.66
N ASP A 71 -4.87 31.34 21.66
CA ASP A 71 -5.40 30.38 22.61
C ASP A 71 -4.23 29.75 23.36
N THR A 72 -4.22 29.93 24.68
CA THR A 72 -3.17 29.39 25.55
C THR A 72 -3.83 28.61 26.67
N PRO A 73 -4.40 27.43 26.36
CA PRO A 73 -5.21 26.72 27.35
C PRO A 73 -4.43 26.15 28.52
N LEU A 74 -5.13 26.01 29.65
CA LEU A 74 -4.61 25.31 30.82
C LEU A 74 -4.18 23.90 30.39
N PRO A 75 -2.89 23.56 30.54
CA PRO A 75 -2.45 22.25 30.01
C PRO A 75 -3.10 21.05 30.70
N LYS A 76 -3.52 20.08 29.89
CA LYS A 76 -4.27 18.89 30.35
CA LYS A 76 -4.19 18.87 30.41
C LYS A 76 -3.85 17.58 29.68
N ASP A 77 -3.60 17.64 28.37
CA ASP A 77 -3.62 16.46 27.53
C ASP A 77 -2.26 15.88 27.18
N TYR A 78 -2.28 14.61 26.77
CA TYR A 78 -1.17 13.97 26.08
C TYR A 78 -1.19 14.35 24.58
N SER A 79 -0.16 13.89 23.86
CA SER A 79 -0.03 14.17 22.45
C SER A 79 -1.25 13.78 21.63
N GLY A 80 -1.59 14.62 20.66
CA GLY A 80 -2.84 14.49 19.89
C GLY A 80 -4.04 15.13 20.55
N GLY A 81 -3.98 15.35 21.86
CA GLY A 81 -5.05 16.03 22.58
C GLY A 81 -4.94 17.53 22.44
N TYR A 82 -6.07 18.19 22.66
CA TYR A 82 -6.22 19.62 22.45
C TYR A 82 -5.07 20.48 23.01
N THR A 83 -4.77 20.37 24.29
CA THR A 83 -3.83 21.34 24.87
C THR A 83 -2.41 21.13 24.35
N HIS A 84 -2.06 19.87 24.09
CA HIS A 84 -0.76 19.54 23.51
C HIS A 84 -0.66 20.13 22.10
N GLU A 85 -1.66 19.83 21.27
CA GLU A 85 -1.63 20.29 19.89
C GLU A 85 -1.72 21.81 19.76
N ARG A 86 -2.44 22.45 20.66
CA ARG A 86 -2.58 23.91 20.62
C ARG A 86 -1.28 24.62 21.01
N HIS A 87 -0.65 24.19 22.10
CA HIS A 87 0.62 24.80 22.50
C HIS A 87 1.74 24.49 21.51
N LYS A 88 1.67 23.30 20.89
CA LYS A 88 2.62 22.92 19.86
C LYS A 88 2.46 23.77 18.61
N ARG A 89 1.22 23.90 18.13
CA ARG A 89 0.98 24.75 16.97
C ARG A 89 1.42 26.19 17.26
N ASN A 90 1.18 26.67 18.48
CA ASN A 90 1.60 28.01 18.84
C ASN A 90 3.09 28.25 18.64
N PHE A 91 3.95 27.30 19.04
CA PHE A 91 5.37 27.55 18.87
C PHE A 91 5.80 27.57 17.41
N PHE A 92 5.19 26.73 16.59
CA PHE A 92 5.47 26.73 15.16
C PHE A 92 5.03 28.04 14.52
N ILE A 93 3.85 28.50 14.90
CA ILE A 93 3.29 29.73 14.34
C ILE A 93 4.08 30.96 14.79
N LEU A 94 4.54 30.99 16.04
CA LEU A 94 5.34 32.12 16.51
C LEU A 94 6.64 32.28 15.70
N GLN A 95 7.35 31.17 15.48
CA GLN A 95 8.59 31.24 14.69
C GLN A 95 8.30 31.70 13.25
N LYS A 96 7.22 31.19 12.66
CA LYS A 96 6.81 31.60 11.31
C LYS A 96 6.46 33.09 11.29
N ALA A 97 5.70 33.55 12.28
CA ALA A 97 5.34 34.97 12.36
C ALA A 97 6.57 35.86 12.47
N GLY A 98 7.60 35.39 13.17
CA GLY A 98 8.83 36.16 13.34
C GLY A 98 9.54 36.46 12.04
N VAL A 99 9.70 35.44 11.21
CA VAL A 99 10.36 35.62 9.92
C VAL A 99 9.47 36.38 8.93
N LEU A 100 8.15 36.21 9.03
CA LEU A 100 7.24 37.02 8.21
C LEU A 100 7.32 38.51 8.56
N TYR A 101 7.37 38.82 9.86
CA TYR A 101 7.51 40.22 10.30
C TYR A 101 8.72 40.86 9.65
N GLN A 102 9.86 40.17 9.74
CA GLN A 102 11.13 40.67 9.21
C GLN A 102 11.16 40.73 7.68
N ILE A 103 10.74 39.66 7.02
CA ILE A 103 10.80 39.59 5.54
C ILE A 103 9.81 40.56 4.90
N LEU A 104 8.57 40.56 5.38
CA LEU A 104 7.51 41.39 4.81
C LEU A 104 7.43 42.81 5.37
N ASN A 105 8.18 43.09 6.44
CA ASN A 105 8.16 44.40 7.10
C ASN A 105 6.72 44.81 7.44
N ASP A 106 6.01 43.90 8.10
CA ASP A 106 4.59 44.06 8.39
C ASP A 106 4.37 43.81 9.88
N GLU A 107 4.06 44.88 10.61
CA GLU A 107 3.87 44.81 12.06
C GLU A 107 2.68 43.98 12.54
N LYS A 108 1.75 43.64 11.64
CA LYS A 108 0.70 42.66 11.92
C LYS A 108 1.29 41.42 12.62
N TYR A 109 2.41 40.93 12.12
CA TYR A 109 3.03 39.71 12.63
C TYR A 109 3.74 39.94 13.96
N ALA A 110 4.38 41.11 14.12
CA ALA A 110 5.01 41.47 15.38
C ALA A 110 4.00 41.65 16.50
N LEU A 111 2.87 42.28 16.18
CA LEU A 111 1.80 42.49 17.16
C LEU A 111 1.23 41.15 17.64
N TYR A 112 1.02 40.22 16.72
CA TYR A 112 0.57 38.89 17.09
C TYR A 112 1.54 38.19 18.04
N ILE A 113 2.82 38.27 17.71
CA ILE A 113 3.86 37.68 18.56
C ILE A 113 3.84 38.32 19.95
N LYS A 114 3.82 39.66 19.99
CA LYS A 114 3.76 40.36 21.27
C LYS A 114 2.56 39.92 22.10
N ASP A 115 1.38 39.93 21.49
CA ASP A 115 0.16 39.59 22.20
C ASP A 115 0.18 38.13 22.68
N MET A 116 0.66 37.21 21.86
CA MET A 116 0.74 35.81 22.29
C MET A 116 1.78 35.63 23.40
N LEU A 117 2.95 36.24 23.25
CA LEU A 117 3.96 36.16 24.31
C LEU A 117 3.44 36.71 25.64
N PHE A 118 2.73 37.83 25.60
CA PHE A 118 2.17 38.36 26.85
C PHE A 118 1.01 37.54 27.40
N GLN A 119 0.22 36.91 26.54
CA GLN A 119 -0.78 35.98 27.05
C GLN A 119 -0.10 34.78 27.74
N TYR A 120 0.97 34.27 27.13
CA TYR A 120 1.80 33.27 27.82
C TYR A 120 2.34 33.78 29.16
N GLU A 121 2.87 35.00 29.16
CA GLU A 121 3.41 35.57 30.40
C GLU A 121 2.34 35.65 31.50
N GLY A 122 1.10 35.90 31.13
CA GLY A 122 -0.01 35.96 32.09
C GLY A 122 -0.38 34.64 32.73
N MET A 123 -0.05 33.52 32.08
CA MET A 123 -0.44 32.21 32.59
C MET A 123 0.72 31.30 33.06
N TYR A 124 1.89 31.41 32.42
CA TYR A 124 2.95 30.40 32.64
C TYR A 124 3.39 30.36 34.11
N LYS A 125 3.67 31.53 34.66
CA LYS A 125 4.09 31.67 36.06
C LYS A 125 3.13 31.10 37.11
N ASP A 126 1.84 30.98 36.79
CA ASP A 126 0.87 30.44 37.74
C ASP A 126 0.49 28.97 37.47
N LEU A 127 1.10 28.35 36.46
CA LEU A 127 0.80 26.95 36.16
C LEU A 127 1.36 26.00 37.20
N PRO A 128 0.63 24.91 37.47
CA PRO A 128 1.22 23.81 38.19
C PRO A 128 2.08 22.98 37.25
N VAL A 129 2.78 22.01 37.80
CA VAL A 129 3.39 20.97 36.97
C VAL A 129 2.26 20.33 36.14
N HIS A 130 2.55 19.91 34.92
CA HIS A 130 1.54 19.32 34.05
C HIS A 130 0.82 18.19 34.79
N PRO A 131 -0.51 18.12 34.69
CA PRO A 131 -1.24 17.15 35.51
C PRO A 131 -1.06 15.67 35.12
N GLN A 132 -0.67 15.38 33.89
CA GLN A 132 -0.32 14.01 33.50
C GLN A 132 0.99 13.59 34.17
N THR A 133 1.02 12.35 34.67
CA THR A 133 2.12 11.90 35.53
C THR A 133 3.10 10.92 34.88
N ARG A 134 2.93 10.60 33.60
CA ARG A 134 3.79 9.59 32.96
C ARG A 134 5.27 9.98 32.91
N SER A 135 5.56 11.24 32.60
CA SER A 135 6.94 11.62 32.30
C SER A 135 7.86 11.55 33.51
N TYR A 136 9.08 11.09 33.27
CA TYR A 136 10.18 11.22 34.24
C TYR A 136 10.61 12.67 34.48
N ALA A 137 10.17 13.59 33.63
CA ALA A 137 10.46 15.01 33.77
C ALA A 137 9.25 15.78 33.26
N ARG A 138 8.21 15.79 34.08
CA ARG A 138 6.95 16.43 33.71
C ARG A 138 7.17 17.90 33.35
N GLY A 139 6.55 18.32 32.25
CA GLY A 139 6.64 19.70 31.78
C GLY A 139 5.66 20.61 32.51
N LYS A 140 5.53 21.81 31.99
CA LYS A 140 4.55 22.80 32.45
C LYS A 140 3.51 23.01 31.34
N LEU A 141 3.95 23.47 30.16
CA LEU A 141 3.04 23.58 29.02
C LEU A 141 2.64 22.22 28.47
N PHE A 142 3.54 21.24 28.59
CA PHE A 142 3.33 19.92 28.02
C PHE A 142 3.59 18.83 29.07
N TRP A 143 3.18 17.62 28.73
CA TRP A 143 3.32 16.49 29.64
C TRP A 143 4.78 16.20 29.98
N GLN A 144 5.71 16.60 29.13
CA GLN A 144 7.13 16.33 29.35
C GLN A 144 7.97 17.56 29.03
N CYS A 145 9.08 17.71 29.75
CA CYS A 145 10.02 18.77 29.51
C CYS A 145 10.58 18.81 28.09
N LEU A 146 10.67 17.67 27.41
CA LEU A 146 11.09 17.68 26.01
C LEU A 146 10.26 18.66 25.18
N ASN A 147 8.94 18.62 25.37
CA ASN A 147 8.07 19.46 24.56
C ASN A 147 8.10 20.91 24.99
N ASP A 148 8.22 21.18 26.29
CA ASP A 148 8.49 22.55 26.75
C ASP A 148 9.77 23.07 26.08
N SER A 149 10.78 22.20 25.95
CA SER A 149 12.03 22.59 25.30
C SER A 149 11.85 22.87 23.80
N ASN A 150 11.07 22.04 23.11
CA ASN A 150 10.70 22.32 21.70
C ASN A 150 10.15 23.74 21.60
N TRP A 151 9.20 24.04 22.47
CA TRP A 151 8.54 25.35 22.50
C TRP A 151 9.56 26.47 22.61
N LEU A 152 10.48 26.37 23.57
CA LEU A 152 11.45 27.45 23.76
C LEU A 152 12.44 27.60 22.61
N VAL A 153 12.86 26.50 21.99
CA VAL A 153 13.75 26.61 20.80
C VAL A 153 13.08 27.45 19.69
N TYR A 154 11.82 27.15 19.41
CA TYR A 154 11.08 27.89 18.37
C TYR A 154 10.75 29.31 18.80
N VAL A 155 10.28 29.49 20.03
CA VAL A 155 9.89 30.82 20.51
C VAL A 155 11.10 31.75 20.64
N SER A 156 12.27 31.22 20.99
CA SER A 156 13.49 32.04 21.03
C SER A 156 13.76 32.70 19.68
N GLN A 157 13.48 31.99 18.59
CA GLN A 157 13.66 32.53 17.25
C GLN A 157 12.69 33.68 16.98
N ALA A 158 11.45 33.50 17.41
CA ALA A 158 10.44 34.56 17.29
C ALA A 158 10.81 35.79 18.11
N TYR A 159 11.30 35.56 19.33
CA TYR A 159 11.72 36.66 20.20
C TYR A 159 12.88 37.43 19.55
N ASP A 160 13.83 36.73 18.93
CA ASP A 160 14.92 37.39 18.21
C ASP A 160 14.40 38.32 17.10
N CYS A 161 13.35 37.89 16.41
CA CYS A 161 12.73 38.68 15.33
C CYS A 161 11.92 39.90 15.81
N VAL A 162 11.35 39.88 17.01
CA VAL A 162 10.57 41.03 17.52
C VAL A 162 11.29 41.82 18.61
N TYR A 163 12.53 41.48 18.92
CA TYR A 163 13.24 42.08 20.06
C TYR A 163 13.22 43.62 20.02
N ASP A 164 13.53 44.21 18.86
CA ASP A 164 13.56 45.68 18.72
C ASP A 164 12.17 46.33 18.63
N TYR A 165 11.19 45.56 18.18
CA TYR A 165 9.80 46.02 18.15
C TYR A 165 9.23 46.21 19.55
N LEU A 166 9.62 45.34 20.47
CA LEU A 166 9.23 45.46 21.86
C LEU A 166 9.98 46.60 22.53
N SER A 167 9.39 47.16 23.58
CA SER A 167 10.06 48.15 24.40
C SER A 167 10.98 47.46 25.41
N LYS A 168 11.90 48.23 25.98
CA LYS A 168 12.77 47.70 27.05
C LYS A 168 11.92 47.16 28.21
N LYS A 169 10.88 47.90 28.58
CA LYS A 169 9.97 47.50 29.63
C LYS A 169 9.28 46.16 29.34
N GLU A 170 8.82 45.99 28.11
CA GLU A 170 8.19 44.74 27.69
C GLU A 170 9.17 43.58 27.71
N ARG A 171 10.37 43.79 27.16
CA ARG A 171 11.40 42.75 27.19
C ARG A 171 11.76 42.35 28.62
N LYS A 172 11.92 43.33 29.50
CA LYS A 172 12.28 43.04 30.88
C LYS A 172 11.24 42.12 31.55
N GLN A 173 9.96 42.41 31.35
CA GLN A 173 8.91 41.59 31.94
C GLN A 173 8.89 40.18 31.35
N LEU A 174 9.00 40.08 30.03
CA LEU A 174 9.04 38.75 29.40
C LEU A 174 10.22 37.92 29.86
N GLU A 175 11.39 38.55 29.97
CA GLU A 175 12.59 37.83 30.39
C GLU A 175 12.50 37.43 31.86
N LYS A 176 12.05 38.34 32.71
CA LYS A 176 11.99 38.06 34.14
C LYS A 176 10.91 37.04 34.51
N ASN A 177 9.73 37.13 33.89
CA ASN A 177 8.59 36.35 34.34
C ASN A 177 8.13 35.24 33.40
N LEU A 178 8.70 35.19 32.20
CA LEU A 178 8.44 34.07 31.28
C LEU A 178 9.74 33.33 30.94
N PHE A 179 10.66 33.98 30.24
CA PHE A 179 11.80 33.23 29.65
C PHE A 179 12.80 32.67 30.66
N ARG A 180 13.24 33.49 31.62
CA ARG A 180 14.21 33.00 32.60
C ARG A 180 13.64 31.88 33.48
N PRO A 181 12.41 32.06 34.01
CA PRO A 181 11.84 30.94 34.76
C PRO A 181 11.65 29.67 33.92
N PHE A 182 11.25 29.84 32.66
CA PHE A 182 11.06 28.72 31.74
C PHE A 182 12.38 27.98 31.53
N ALA A 183 13.45 28.73 31.24
CA ALA A 183 14.78 28.15 31.04
C ALA A 183 15.26 27.39 32.27
N ASP A 184 15.01 27.93 33.46
CA ASP A 184 15.35 27.21 34.69
C ASP A 184 14.52 25.95 34.90
N TYR A 185 13.23 26.00 34.56
CA TYR A 185 12.35 24.85 34.74
C TYR A 185 12.85 23.62 33.98
N ILE A 186 13.24 23.84 32.73
CA ILE A 186 13.70 22.75 31.85
C ILE A 186 15.17 22.39 32.05
N SER A 187 15.88 23.07 32.95
CA SER A 187 17.30 22.78 33.19
C SER A 187 17.54 22.46 34.67
N ILE A 188 17.85 23.48 35.47
CA ILE A 188 18.24 23.25 36.87
C ILE A 188 17.15 22.64 37.75
N GLU A 189 15.88 22.85 37.40
CA GLU A 189 14.77 22.23 38.14
C GLU A 189 14.46 20.80 37.68
N ASN A 190 14.99 20.41 36.52
CA ASN A 190 14.81 19.05 35.98
C ASN A 190 16.11 18.55 35.38
N PRO A 191 17.15 18.43 36.23
CA PRO A 191 18.46 18.02 35.71
C PRO A 191 18.47 16.63 35.11
N GLN A 192 17.56 15.76 35.57
CA GLN A 192 17.43 14.41 35.04
C GLN A 192 17.06 14.39 33.57
N PHE A 193 16.37 15.43 33.10
CA PHE A 193 16.06 15.65 31.69
C PHE A 193 17.20 16.36 30.94
N TYR A 194 17.77 17.36 31.59
CA TYR A 194 18.65 18.31 30.93
C TYR A 194 20.10 17.87 30.75
N ASN A 195 20.62 17.12 31.73
CA ASN A 195 22.07 16.87 31.84
C ASN A 195 22.54 15.51 31.32
N ARG A 196 21.83 14.98 30.33
CA ARG A 196 22.12 13.66 29.76
C ARG A 196 22.85 13.78 28.43
N VAL A 197 23.29 12.64 27.92
CA VAL A 197 23.59 12.49 26.50
C VAL A 197 22.40 11.73 25.91
N HIS A 198 21.52 12.49 25.28
CA HIS A 198 20.19 12.01 24.90
C HIS A 198 19.55 13.08 24.03
N ASN A 199 18.69 12.69 23.08
CA ASN A 199 17.97 13.69 22.29
C ASN A 199 17.20 14.71 23.15
N HIS A 200 16.68 14.27 24.29
CA HIS A 200 16.03 15.15 25.24
C HIS A 200 16.92 16.29 25.66
N SER A 201 18.14 15.95 26.07
CA SER A 201 19.09 16.96 26.53
C SER A 201 19.58 17.85 25.40
N THR A 202 19.71 17.31 24.19
CA THR A 202 20.06 18.13 23.04
C THR A 202 19.02 19.24 22.84
N TRP A 203 17.75 18.87 22.87
CA TRP A 203 16.66 19.85 22.81
C TRP A 203 16.67 20.82 23.99
N GLY A 204 16.88 20.30 25.21
CA GLY A 204 16.91 21.17 26.39
C GLY A 204 18.07 22.15 26.37
N ASN A 205 19.25 21.65 26.02
CA ASN A 205 20.45 22.50 25.91
C ASN A 205 20.27 23.57 24.82
N ALA A 206 19.72 23.17 23.68
CA ALA A 206 19.44 24.13 22.61
C ALA A 206 18.43 25.19 23.06
N ALA A 207 17.40 24.79 23.80
CA ALA A 207 16.39 25.73 24.29
C ALA A 207 17.00 26.81 25.19
N VAL A 208 17.76 26.37 26.18
CA VAL A 208 18.42 27.27 27.11
C VAL A 208 19.44 28.14 26.37
N GLY A 209 20.19 27.54 25.46
CA GLY A 209 21.23 28.25 24.73
C GLY A 209 20.68 29.29 23.77
N MET A 210 19.58 28.94 23.09
CA MET A 210 18.98 29.87 22.14
C MET A 210 18.46 31.11 22.86
N ILE A 211 17.71 30.93 23.94
CA ILE A 211 17.20 32.09 24.67
C ILE A 211 18.35 32.86 25.34
N GLY A 212 19.36 32.15 25.83
CA GLY A 212 20.57 32.77 26.35
C GLY A 212 21.25 33.65 25.32
N LEU A 213 21.38 33.17 24.09
CA LEU A 213 22.01 33.96 23.01
C LEU A 213 21.20 35.21 22.65
N VAL A 214 19.88 35.10 22.60
CA VAL A 214 19.04 36.27 22.29
C VAL A 214 19.20 37.31 23.40
N MET A 215 19.19 36.87 24.65
CA MET A 215 19.26 37.79 25.80
C MET A 215 20.66 38.27 26.15
N GLY A 216 21.69 37.65 25.59
CA GLY A 216 23.07 37.96 25.96
C GLY A 216 23.40 37.53 27.38
N ASP A 217 22.83 36.39 27.79
CA ASP A 217 23.02 35.88 29.14
C ASP A 217 24.11 34.82 29.16
N GLU A 218 25.28 35.19 29.67
CA GLU A 218 26.44 34.30 29.65
C GLU A 218 26.22 33.04 30.50
N GLU A 219 25.54 33.19 31.63
CA GLU A 219 25.26 32.04 32.50
C GLU A 219 24.46 30.97 31.75
N LEU A 220 23.40 31.38 31.07
CA LEU A 220 22.60 30.43 30.31
C LEU A 220 23.34 29.87 29.11
N ILE A 221 24.14 30.71 28.44
CA ILE A 221 24.96 30.22 27.32
C ILE A 221 25.94 29.14 27.80
N GLN A 222 26.60 29.39 28.93
CA GLN A 222 27.49 28.37 29.51
C GLN A 222 26.76 27.11 29.96
N ARG A 223 25.57 27.27 30.53
CA ARG A 223 24.76 26.11 30.92
C ARG A 223 24.35 25.28 29.69
N ALA A 224 24.11 25.95 28.57
CA ALA A 224 23.79 25.28 27.31
C ALA A 224 24.99 24.52 26.75
N LEU A 225 26.16 25.14 26.78
CA LEU A 225 27.35 24.54 26.17
C LEU A 225 27.94 23.41 27.02
N TYR A 226 27.94 23.60 28.33
CA TYR A 226 28.67 22.70 29.25
C TYR A 226 27.78 22.03 30.30
N GLY A 227 26.47 22.25 30.24
CA GLY A 227 25.55 21.61 31.17
C GLY A 227 25.57 22.23 32.55
N ILE A 228 24.79 21.60 33.43
CA ILE A 228 24.75 21.97 34.84
C ILE A 228 25.99 21.39 35.51
N GLU A 229 26.69 22.23 36.26
CA GLU A 229 27.84 21.75 37.03
C GLU A 229 27.34 21.01 38.27
N ASP A 230 27.95 19.86 38.54
CA ASP A 230 27.65 19.06 39.73
C ASP A 230 26.16 18.74 39.84
N ASP A 231 25.65 18.03 38.83
CA ASP A 231 24.20 17.77 38.74
C ASP A 231 23.62 16.87 39.84
N GLY A 232 24.47 16.08 40.51
CA GLY A 232 24.01 15.21 41.58
C GLY A 232 23.11 14.06 41.16
N LEU A 233 23.06 13.75 39.86
CA LEU A 233 22.14 12.74 39.36
C LEU A 233 22.59 11.32 39.69
N PRO A 234 21.64 10.43 39.97
CA PRO A 234 21.98 9.05 40.27
C PRO A 234 22.52 8.33 39.05
N ILE A 235 23.52 7.48 39.28
CA ILE A 235 24.11 6.65 38.24
C ILE A 235 23.46 5.27 38.39
N GLY A 236 22.96 4.72 37.29
CA GLY A 236 22.21 3.47 37.32
C GLY A 236 20.69 3.63 37.37
N ALA A 237 20.22 4.87 37.47
CA ALA A 237 18.78 5.16 37.43
C ALA A 237 18.29 5.09 36.00
N LYS A 238 17.10 4.55 35.80
CA LYS A 238 16.54 4.38 34.46
C LYS A 238 15.43 5.38 34.14
N ASP A 239 15.39 5.77 32.87
CA ASP A 239 14.25 6.51 32.32
C ASP A 239 13.08 5.55 32.08
N ASN A 240 12.00 6.03 31.48
CA ASN A 240 10.82 5.17 31.26
C ASN A 240 10.87 4.33 30.00
N ASP A 241 11.97 4.41 29.27
CA ASP A 241 12.26 3.53 28.14
C ASP A 241 13.31 2.48 28.48
N GLY A 242 13.72 2.41 29.75
CA GLY A 242 14.60 1.35 30.24
C GLY A 242 16.08 1.65 30.22
N GLY A 243 16.49 2.82 29.73
CA GLY A 243 17.92 3.17 29.65
C GLY A 243 18.36 4.13 30.75
N PHE A 244 19.66 4.28 30.92
CA PHE A 244 20.17 5.07 32.04
C PHE A 244 20.01 6.56 31.83
N ILE A 245 19.68 7.26 32.91
CA ILE A 245 19.60 8.71 32.90
C ILE A 245 20.98 9.32 32.66
N LYS A 246 21.94 8.92 33.47
CA LYS A 246 23.27 9.54 33.56
C LYS A 246 24.34 8.45 33.52
N VAL A 247 25.41 8.70 32.78
CA VAL A 247 26.56 7.80 32.70
C VAL A 247 27.70 8.37 33.53
N GLU A 248 28.31 7.51 34.35
CA GLU A 248 29.39 7.92 35.25
C GLU A 248 30.54 8.53 34.47
N GLY A 249 31.00 9.70 34.90
CA GLY A 249 32.13 10.37 34.27
C GLY A 249 31.84 11.10 32.99
N GLN A 250 30.59 11.02 32.50
CA GLN A 250 30.24 11.62 31.22
C GLN A 250 29.91 13.09 31.41
N LYS A 251 30.38 13.91 30.47
CA LYS A 251 30.08 15.33 30.45
C LYS A 251 28.60 15.57 30.07
N ALA A 252 28.16 16.81 30.25
CA ALA A 252 26.80 17.24 29.91
C ALA A 252 26.89 18.51 29.07
N GLY A 253 25.76 18.91 28.52
CA GLY A 253 25.68 20.10 27.67
C GLY A 253 25.75 19.79 26.20
N PHE A 254 25.61 20.84 25.40
CA PHE A 254 25.51 20.70 23.95
C PHE A 254 26.75 20.08 23.33
N LEU A 255 27.93 20.48 23.79
CA LEU A 255 29.16 19.97 23.21
C LEU A 255 29.33 18.47 23.49
N ALA A 256 28.96 18.03 24.69
CA ALA A 256 28.95 16.60 25.03
C ALA A 256 27.98 15.81 24.14
N ASN A 257 26.84 16.42 23.82
CA ASN A 257 25.88 15.79 22.91
C ASN A 257 26.34 15.74 21.45
N ILE A 258 27.34 16.54 21.09
CA ILE A 258 28.01 16.40 19.80
C ILE A 258 29.07 15.30 19.88
N ASP A 259 29.89 15.33 20.93
CA ASP A 259 31.03 14.42 21.04
C ASP A 259 30.67 12.96 21.26
N GLU A 260 29.70 12.70 22.15
CA GLU A 260 29.48 11.34 22.64
C GLU A 260 28.58 10.42 21.80
N PRO A 261 27.40 10.92 21.35
CA PRO A 261 26.47 10.02 20.66
C PRO A 261 26.64 10.00 19.15
N PHE A 262 27.59 10.78 18.61
CA PHE A 262 27.95 10.70 17.19
C PHE A 262 29.27 9.96 17.05
N SER A 263 29.34 9.08 16.06
CA SER A 263 30.60 8.47 15.69
C SER A 263 31.38 9.40 14.76
N PRO A 264 32.65 9.08 14.48
CA PRO A 264 33.41 9.88 13.51
C PRO A 264 32.86 9.85 12.08
N ASP A 265 31.95 8.93 11.78
CA ASP A 265 31.24 8.91 10.50
C ASP A 265 29.93 9.68 10.51
N GLY A 266 29.60 10.36 11.62
CA GLY A 266 28.37 11.14 11.70
C GLY A 266 27.11 10.33 11.90
N TYR A 267 27.27 9.11 12.39
CA TYR A 267 26.14 8.24 12.74
C TYR A 267 25.76 8.52 14.20
N TYR A 268 24.53 8.92 14.42
CA TYR A 268 23.98 9.17 15.75
C TYR A 268 23.48 7.85 16.34
N THR A 269 23.95 7.53 17.54
CA THR A 269 23.79 6.18 18.08
C THR A 269 22.32 5.78 18.35
N GLU A 270 21.43 6.76 18.52
CA GLU A 270 20.01 6.47 18.77
C GLU A 270 19.31 5.91 17.53
N GLY A 271 19.94 6.01 16.35
CA GLY A 271 19.38 5.49 15.10
C GLY A 271 18.74 6.60 14.29
N PRO A 272 18.46 6.34 13.01
CA PRO A 272 18.07 7.43 12.10
C PRO A 272 16.78 8.19 12.45
N TYR A 273 15.78 7.50 12.99
CA TYR A 273 14.52 8.15 13.34
C TYR A 273 14.77 9.23 14.40
N TYR A 274 15.56 8.87 15.43
CA TYR A 274 15.92 9.83 16.46
C TYR A 274 17.01 10.81 16.03
N GLN A 275 17.88 10.40 15.11
CA GLN A 275 18.83 11.36 14.53
C GLN A 275 18.07 12.48 13.84
N ARG A 276 17.08 12.12 13.03
CA ARG A 276 16.18 13.10 12.42
C ARG A 276 15.64 14.09 13.43
N TYR A 277 15.18 13.59 14.58
CA TYR A 277 14.59 14.44 15.61
C TYR A 277 15.60 15.42 16.19
N ALA A 278 16.79 14.92 16.50
CA ALA A 278 17.85 15.72 17.10
C ALA A 278 18.50 16.69 16.12
N MET A 279 18.37 16.44 14.80
CA MET A 279 19.03 17.30 13.82
C MET A 279 18.57 18.75 13.91
N TYR A 280 17.30 18.96 14.27
CA TYR A 280 16.80 20.33 14.38
C TYR A 280 17.54 21.14 15.47
N PRO A 281 17.51 20.69 16.74
CA PRO A 281 18.24 21.48 17.73
C PRO A 281 19.75 21.49 17.51
N PHE A 282 20.34 20.40 17.02
CA PHE A 282 21.79 20.42 16.73
C PHE A 282 22.15 21.51 15.72
N LEU A 283 21.46 21.55 14.60
CA LEU A 283 21.86 22.46 13.52
CA LEU A 283 21.86 22.46 13.52
C LEU A 283 21.39 23.89 13.74
N ILE A 284 20.22 24.05 14.37
CA ILE A 284 19.72 25.39 14.71
C ILE A 284 20.62 26.04 15.77
N PHE A 285 20.93 25.34 16.85
CA PHE A 285 21.76 25.94 17.88
C PHE A 285 23.20 26.12 17.38
N ALA A 286 23.69 25.19 16.56
CA ALA A 286 25.01 25.39 15.92
C ALA A 286 25.01 26.64 15.04
N GLU A 287 23.98 26.83 14.23
CA GLU A 287 23.90 28.04 13.41
C GLU A 287 23.93 29.30 14.28
N ALA A 288 23.14 29.30 15.34
CA ALA A 288 23.07 30.44 16.27
C ALA A 288 24.44 30.72 16.88
N LEU A 289 25.10 29.67 17.35
CA LEU A 289 26.46 29.79 17.90
C LEU A 289 27.45 30.32 16.87
N HIS A 290 27.36 29.82 15.64
CA HIS A 290 28.24 30.30 14.58
C HIS A 290 28.06 31.79 14.34
N ASN A 291 26.80 32.24 14.29
CA ASN A 291 26.51 33.64 14.00
C ASN A 291 26.85 34.58 15.15
N VAL A 292 26.54 34.18 16.37
CA VAL A 292 26.69 35.04 17.54
C VAL A 292 28.04 34.87 18.24
N ARG A 293 28.56 33.63 18.26
CA ARG A 293 29.80 33.29 18.95
C ARG A 293 30.73 32.49 18.03
N PRO A 294 31.20 33.11 16.93
CA PRO A 294 32.03 32.40 15.95
C PRO A 294 33.30 31.78 16.55
N GLN A 295 33.81 32.37 17.63
CA GLN A 295 34.96 31.84 18.38
C GLN A 295 34.78 30.41 18.92
N GLN A 296 33.53 29.98 19.09
CA GLN A 296 33.25 28.61 19.49
C GLN A 296 33.65 27.57 18.43
N LYS A 297 33.71 27.98 17.15
CA LYS A 297 34.03 27.09 16.02
C LYS A 297 33.15 25.85 16.02
N ILE A 298 31.85 26.06 16.24
CA ILE A 298 30.91 24.96 16.43
C ILE A 298 30.83 23.99 15.25
N PHE A 299 30.93 24.49 14.02
CA PHE A 299 30.89 23.64 12.83
C PHE A 299 32.19 22.88 12.57
N GLU A 300 33.24 23.21 13.32
CA GLU A 300 34.47 22.41 13.37
C GLU A 300 34.49 21.37 14.49
N HIS A 301 33.54 21.43 15.41
CA HIS A 301 33.57 20.54 16.58
C HIS A 301 33.52 19.06 16.19
N LYS A 302 34.32 18.25 16.89
CA LYS A 302 34.48 16.82 16.58
C LYS A 302 34.72 16.58 15.08
N ASP A 303 35.75 17.22 14.53
CA ASP A 303 36.12 17.05 13.12
C ASP A 303 34.92 17.30 12.18
N GLY A 304 34.16 18.36 12.47
CA GLY A 304 33.03 18.78 11.64
C GLY A 304 31.88 17.78 11.57
N VAL A 305 31.59 17.12 12.69
CA VAL A 305 30.65 16.00 12.64
C VAL A 305 29.22 16.42 12.33
N LEU A 306 28.77 17.60 12.77
CA LEU A 306 27.38 17.97 12.54
C LEU A 306 27.06 18.11 11.05
N LEU A 307 27.95 18.77 10.30
CA LEU A 307 27.77 18.89 8.85
C LEU A 307 27.82 17.52 8.16
N LYS A 308 28.77 16.69 8.57
CA LYS A 308 28.86 15.33 8.04
C LYS A 308 27.59 14.53 8.32
N SER A 309 27.04 14.68 9.54
CA SER A 309 25.89 13.89 9.99
C SER A 309 24.63 14.11 9.14
N VAL A 310 24.50 15.27 8.50
CA VAL A 310 23.40 15.51 7.58
C VAL A 310 23.51 14.56 6.39
N ASN A 311 24.71 14.45 5.82
CA ASN A 311 24.93 13.52 4.71
C ASN A 311 24.69 12.08 5.16
N THR A 312 25.20 11.74 6.35
CA THR A 312 25.03 10.40 6.87
C THR A 312 23.55 10.05 7.04
N LEU A 313 22.76 10.98 7.59
CA LEU A 313 21.34 10.73 7.80
C LEU A 313 20.61 10.54 6.47
N LEU A 314 20.92 11.39 5.49
CA LEU A 314 20.34 11.22 4.17
C LEU A 314 20.70 9.86 3.56
N SER A 315 21.91 9.38 3.82
CA SER A 315 22.33 8.04 3.36
C SER A 315 21.60 6.89 4.08
N LEU A 316 21.01 7.17 5.24
CA LEU A 316 20.21 6.21 6.01
C LEU A 316 18.72 6.24 5.64
N SER A 317 18.41 6.66 4.41
CA SER A 317 17.04 6.62 3.90
C SER A 317 16.96 5.71 2.69
N ASP A 318 15.78 5.14 2.49
CA ASP A 318 15.51 4.29 1.34
C ASP A 318 15.29 5.16 0.09
N ALA A 319 14.88 4.55 -1.02
CA ALA A 319 14.81 5.27 -2.28
C ALA A 319 13.74 6.36 -2.29
N ASP A 320 12.77 6.27 -1.39
CA ASP A 320 11.73 7.30 -1.25
C ASP A 320 12.06 8.31 -0.16
N GLY A 321 13.26 8.24 0.38
CA GLY A 321 13.71 9.15 1.43
C GLY A 321 13.21 8.81 2.81
N GLU A 322 12.66 7.61 3.01
CA GLU A 322 12.15 7.19 4.32
C GLU A 322 13.27 6.52 5.12
N PHE A 323 13.46 6.95 6.36
CA PHE A 323 14.57 6.43 7.16
C PHE A 323 14.36 4.97 7.53
N PHE A 324 15.45 4.21 7.48
CA PHE A 324 15.38 2.79 7.83
C PHE A 324 14.93 2.66 9.28
N PRO A 325 13.94 1.78 9.56
CA PRO A 325 13.33 1.72 10.90
C PRO A 325 14.15 0.87 11.89
N LEU A 326 15.36 1.32 12.16
CA LEU A 326 16.28 0.69 13.10
C LEU A 326 16.00 1.21 14.50
N ASN A 327 16.04 0.33 15.49
CA ASN A 327 15.71 0.71 16.87
C ASN A 327 14.30 1.31 16.94
N ASP A 328 13.98 2.11 17.97
CA ASP A 328 12.65 2.72 18.01
C ASP A 328 12.54 3.70 16.85
N ALA A 329 11.61 3.42 15.94
CA ALA A 329 11.49 4.18 14.69
C ALA A 329 10.12 3.95 14.09
N GLN A 330 9.40 5.04 13.80
CA GLN A 330 8.13 4.94 13.11
C GLN A 330 8.36 4.98 11.61
N LYS A 331 7.79 4.01 10.91
CA LYS A 331 7.93 3.94 9.46
C LYS A 331 7.19 5.10 8.80
N GLY A 332 7.82 5.68 7.79
CA GLY A 332 7.25 6.81 7.07
C GLY A 332 7.95 8.12 7.36
N MET A 333 8.66 8.21 8.48
CA MET A 333 9.47 9.41 8.73
C MET A 333 10.51 9.50 7.62
N SER A 334 10.71 10.70 7.08
CA SER A 334 11.50 10.85 5.86
C SER A 334 12.22 12.16 5.83
N TYR A 335 13.05 12.34 4.80
CA TYR A 335 13.75 13.61 4.65
C TYR A 335 12.88 14.74 4.10
N HIS A 336 11.58 14.49 3.92
CA HIS A 336 10.63 15.57 3.72
C HIS A 336 10.22 16.26 5.00
N SER A 337 10.63 15.73 6.14
CA SER A 337 10.29 16.32 7.43
C SER A 337 10.91 17.70 7.64
N ARG A 338 10.29 18.47 8.53
CA ARG A 338 10.77 19.82 8.84
C ARG A 338 12.21 19.82 9.37
N GLU A 339 12.60 18.78 10.09
CA GLU A 339 13.95 18.70 10.62
C GLU A 339 14.99 18.60 9.49
N LEU A 340 14.64 17.87 8.43
CA LEU A 340 15.55 17.71 7.29
C LEU A 340 15.52 18.90 6.34
N VAL A 341 14.39 19.60 6.20
CA VAL A 341 14.39 20.86 5.46
C VAL A 341 15.41 21.80 6.14
N THR A 342 15.32 21.87 7.46
CA THR A 342 16.21 22.70 8.25
C THR A 342 17.66 22.27 8.12
N ALA A 343 17.91 20.96 8.29
CA ALA A 343 19.27 20.45 8.29
C ALA A 343 19.96 20.61 6.94
N VAL A 344 19.23 20.30 5.88
CA VAL A 344 19.75 20.43 4.53
C VAL A 344 20.15 21.88 4.24
N ASP A 345 19.27 22.82 4.60
CA ASP A 345 19.51 24.22 4.25
C ASP A 345 20.69 24.80 5.03
N ILE A 346 20.75 24.48 6.32
CA ILE A 346 21.85 24.93 7.16
C ILE A 346 23.17 24.32 6.70
N ALA A 347 23.18 23.02 6.42
CA ALA A 347 24.40 22.36 5.94
C ALA A 347 24.87 22.94 4.61
N TYR A 348 23.95 23.24 3.70
CA TYR A 348 24.33 23.87 2.44
C TYR A 348 24.99 25.23 2.68
N HIS A 349 24.34 26.05 3.50
CA HIS A 349 24.78 27.44 3.69
C HIS A 349 26.06 27.58 4.52
N TYR A 350 26.20 26.78 5.57
CA TYR A 350 27.35 26.89 6.48
C TYR A 350 28.43 25.84 6.27
N GLY A 351 28.17 24.86 5.41
CA GLY A 351 29.17 23.86 5.05
C GLY A 351 29.93 24.30 3.82
N ASN A 352 30.35 23.33 3.00
CA ASN A 352 31.09 23.65 1.77
C ASN A 352 30.20 23.91 0.54
N HIS A 353 28.91 24.15 0.76
CA HIS A 353 27.94 24.38 -0.31
C HIS A 353 27.89 23.17 -1.24
N ASN A 354 27.62 22.01 -0.63
CA ASN A 354 27.55 20.74 -1.34
C ASN A 354 26.37 20.75 -2.31
N PRO A 355 26.62 20.73 -3.63
CA PRO A 355 25.51 20.82 -4.58
C PRO A 355 24.53 19.64 -4.55
N GLN A 356 24.97 18.50 -4.00
CA GLN A 356 24.10 17.35 -3.82
C GLN A 356 22.94 17.63 -2.87
N LEU A 357 23.15 18.52 -1.91
CA LEU A 357 22.07 18.91 -1.00
C LEU A 357 20.94 19.66 -1.70
N LEU A 358 21.24 20.35 -2.80
CA LEU A 358 20.24 21.10 -3.53
C LEU A 358 19.21 20.19 -4.19
N SER A 359 19.61 18.99 -4.63
CA SER A 359 18.64 18.05 -5.19
C SER A 359 17.65 17.57 -4.13
N ILE A 360 18.12 17.41 -2.89
CA ILE A 360 17.24 17.05 -1.78
C ILE A 360 16.27 18.21 -1.52
N ALA A 361 16.78 19.45 -1.52
CA ALA A 361 15.92 20.62 -1.36
C ALA A 361 14.84 20.68 -2.45
N GLU A 362 15.23 20.40 -3.70
CA GLU A 362 14.26 20.36 -4.79
C GLU A 362 13.16 19.31 -4.56
N GLU A 363 13.55 18.14 -4.04
CA GLU A 363 12.57 17.10 -3.70
C GLU A 363 11.66 17.54 -2.56
N GLN A 364 12.23 18.20 -1.55
CA GLN A 364 11.43 18.72 -0.45
C GLN A 364 10.43 19.78 -0.93
N GLY A 365 10.84 20.61 -1.88
CA GLY A 365 9.96 21.60 -2.48
C GLY A 365 9.68 22.81 -1.60
N GLN A 366 10.51 23.00 -0.57
CA GLN A 366 10.43 24.17 0.28
C GLN A 366 11.79 24.40 0.90
N VAL A 367 11.99 25.61 1.42
CA VAL A 367 13.21 26.01 2.11
C VAL A 367 12.85 26.78 3.37
N LEU A 368 13.83 26.96 4.25
CA LEU A 368 13.66 27.86 5.39
C LEU A 368 13.51 29.29 4.90
N LEU A 369 12.72 30.09 5.60
CA LEU A 369 12.56 31.50 5.27
C LEU A 369 13.60 32.33 5.99
N ASP A 370 14.86 32.14 5.58
CA ASP A 370 16.00 32.78 6.22
C ASP A 370 17.21 32.75 5.29
N ASP A 371 18.35 33.21 5.80
CA ASP A 371 19.59 33.30 5.02
C ASP A 371 19.93 31.96 4.34
N SER A 372 19.77 30.87 5.08
CA SER A 372 20.15 29.56 4.58
C SER A 372 19.21 29.06 3.48
N GLY A 373 17.92 29.32 3.64
CA GLY A 373 16.95 28.98 2.61
C GLY A 373 17.12 29.80 1.34
N LEU A 374 17.49 31.07 1.51
CA LEU A 374 17.83 31.91 0.36
C LEU A 374 19.03 31.33 -0.38
N ALA A 375 20.07 30.94 0.35
CA ALA A 375 21.28 30.37 -0.27
C ALA A 375 20.93 29.13 -1.11
N VAL A 376 20.06 28.29 -0.58
CA VAL A 376 19.58 27.10 -1.32
C VAL A 376 18.80 27.49 -2.56
N ALA A 377 17.84 28.42 -2.40
CA ALA A 377 17.05 28.89 -3.54
C ALA A 377 17.92 29.46 -4.66
N LEU A 378 18.94 30.23 -4.29
CA LEU A 378 19.85 30.84 -5.27
C LEU A 378 20.73 29.79 -5.93
N GLY A 379 21.20 28.80 -5.17
CA GLY A 379 21.96 27.69 -5.73
C GLY A 379 21.16 26.93 -6.78
N ILE A 380 19.88 26.68 -6.48
CA ILE A 380 18.98 26.03 -7.43
C ILE A 380 18.78 26.90 -8.68
N ARG A 381 18.51 28.19 -8.48
CA ARG A 381 18.32 29.13 -9.60
C ARG A 381 19.53 29.20 -10.52
N GLU A 382 20.73 29.17 -9.94
CA GLU A 382 21.98 29.24 -10.71
C GLU A 382 22.39 27.92 -11.37
N GLY A 383 21.54 26.89 -11.29
CA GLY A 383 21.77 25.61 -11.97
C GLY A 383 22.80 24.71 -11.30
N LYS A 384 23.04 24.90 -10.01
CA LYS A 384 24.09 24.15 -9.31
C LYS A 384 23.67 22.77 -8.81
N SER A 385 22.39 22.44 -8.86
CA SER A 385 21.93 21.19 -8.27
C SER A 385 22.59 19.97 -8.91
N GLU A 386 23.00 19.02 -8.07
CA GLU A 386 23.52 17.72 -8.51
C GLU A 386 22.79 16.66 -7.69
N ASP A 387 22.59 15.47 -8.27
CA ASP A 387 21.83 14.41 -7.60
C ASP A 387 22.57 13.89 -6.37
N PHE A 388 21.82 13.66 -5.28
CA PHE A 388 22.42 13.14 -4.06
C PHE A 388 22.68 11.65 -4.24
N GLN A 389 23.96 11.27 -4.20
CA GLN A 389 24.36 9.89 -4.45
C GLN A 389 24.07 9.01 -3.25
N LYS A 390 23.25 7.97 -3.46
CA LYS A 390 22.90 7.00 -2.42
C LYS A 390 23.79 5.79 -2.62
N LYS A 391 24.79 5.66 -1.77
CA LYS A 391 25.90 4.71 -1.95
C LYS A 391 25.89 3.62 -0.90
N SER A 392 26.62 2.54 -1.19
CA SER A 392 27.01 1.62 -0.13
C SER A 392 27.90 2.38 0.84
N ILE A 393 27.71 2.14 2.14
CA ILE A 393 28.43 2.91 3.14
C ILE A 393 28.60 2.09 4.42
N LYS A 394 29.78 2.24 5.03
CA LYS A 394 30.05 1.70 6.35
C LYS A 394 30.01 2.85 7.34
N LEU A 395 29.21 2.70 8.39
CA LEU A 395 29.06 3.70 9.44
C LEU A 395 29.46 3.10 10.77
N SER A 396 30.46 3.67 11.42
CA SER A 396 30.86 3.19 12.73
C SER A 396 29.92 3.72 13.80
N ASP A 397 29.89 3.03 14.94
CA ASP A 397 29.14 3.45 16.12
C ASP A 397 30.13 3.65 17.26
N GLY A 398 29.71 4.37 18.29
CA GLY A 398 30.59 4.78 19.40
C GLY A 398 31.29 6.10 19.09
N ALA A 399 31.55 6.88 20.14
CA ALA A 399 32.22 8.18 19.98
C ALA A 399 33.53 8.09 19.22
N ASN A 400 34.28 7.00 19.40
CA ASN A 400 35.55 6.79 18.71
C ASN A 400 35.47 5.84 17.51
N GLY A 401 34.26 5.44 17.13
CA GLY A 401 34.06 4.58 15.98
C GLY A 401 34.47 3.14 16.17
N ASP A 402 34.57 2.70 17.42
CA ASP A 402 35.07 1.35 17.73
C ASP A 402 34.02 0.45 18.40
N GLN A 403 32.75 0.86 18.37
CA GLN A 403 31.67 0.10 19.00
C GLN A 403 30.69 -0.43 17.97
N GLY A 404 31.20 -1.24 17.05
CA GLY A 404 30.38 -1.81 15.99
C GLY A 404 29.98 -0.76 14.98
N GLY A 405 28.86 -0.97 14.33
CA GLY A 405 28.45 -0.10 13.24
C GLY A 405 27.23 -0.57 12.51
N VAL A 406 26.94 0.11 11.41
CA VAL A 406 25.84 -0.21 10.52
C VAL A 406 26.40 -0.17 9.09
N ALA A 407 26.08 -1.18 8.29
CA ALA A 407 26.51 -1.22 6.89
C ALA A 407 25.29 -1.21 5.98
N ILE A 408 25.36 -0.37 4.94
CA ILE A 408 24.34 -0.34 3.91
C ILE A 408 25.02 -0.77 2.62
N LEU A 409 24.51 -1.84 2.00
CA LEU A 409 24.99 -2.27 0.69
C LEU A 409 23.88 -2.00 -0.33
N ARG A 410 24.23 -1.24 -1.38
CA ARG A 410 23.29 -0.86 -2.42
C ARG A 410 23.79 -1.37 -3.76
N TYR A 411 22.87 -1.87 -4.57
CA TYR A 411 23.21 -2.31 -5.92
C TYR A 411 22.74 -1.30 -6.93
N GLY A 412 23.61 -1.02 -7.91
CA GLY A 412 23.25 -0.24 -9.07
C GLY A 412 22.78 1.15 -8.72
N ASN A 413 21.72 1.59 -9.40
CA ASN A 413 21.13 2.90 -9.18
C ASN A 413 20.10 2.81 -8.08
N GLU A 414 20.57 2.56 -6.85
CA GLU A 414 19.71 2.33 -5.69
C GLU A 414 18.62 1.26 -5.97
N ALA A 415 19.02 0.19 -6.65
CA ALA A 415 18.09 -0.83 -7.14
C ALA A 415 17.75 -1.90 -6.10
N MET A 416 18.68 -2.16 -5.19
CA MET A 416 18.44 -3.08 -4.06
CA MET A 416 18.47 -3.10 -4.08
C MET A 416 19.30 -2.60 -2.92
N THR A 417 18.74 -2.65 -1.70
CA THR A 417 19.41 -2.09 -0.52
C THR A 417 19.32 -3.05 0.67
N LEU A 418 20.49 -3.46 1.17
CA LEU A 418 20.62 -4.30 2.35
C LEU A 418 21.17 -3.45 3.48
N VAL A 419 20.51 -3.51 4.64
CA VAL A 419 20.94 -2.77 5.84
C VAL A 419 21.27 -3.79 6.93
N TYR A 420 22.55 -3.84 7.31
CA TYR A 420 23.05 -4.82 8.28
C TYR A 420 23.48 -4.06 9.53
N LYS A 421 22.84 -4.39 10.66
CA LYS A 421 23.00 -3.65 11.90
C LYS A 421 23.84 -4.44 12.92
N TYR A 422 25.09 -4.04 13.08
CA TYR A 422 26.03 -4.69 14.01
C TYR A 422 26.48 -3.63 15.03
N ALA A 423 25.51 -2.88 15.54
CA ALA A 423 25.76 -1.67 16.30
C ALA A 423 25.93 -1.91 17.79
N ALA A 424 26.22 -0.83 18.50
CA ALA A 424 26.17 -0.81 19.96
C ALA A 424 24.70 -0.84 20.43
N GLN A 425 24.46 -0.69 21.73
CA GLN A 425 23.09 -0.83 22.24
C GLN A 425 22.13 0.18 21.64
N GLY A 426 22.60 1.41 21.43
CA GLY A 426 21.77 2.48 20.90
C GLY A 426 21.05 3.30 21.95
N LEU A 427 21.52 3.24 23.20
CA LEU A 427 20.90 3.94 24.33
C LEU A 427 19.45 3.47 24.53
N SER A 428 18.59 4.28 25.16
CA SER A 428 17.29 3.81 25.62
C SER A 428 16.36 3.24 24.54
N HIS A 429 16.47 3.79 23.34
CA HIS A 429 15.63 3.38 22.21
C HIS A 429 16.17 2.17 21.46
N GLY A 430 17.31 1.63 21.88
CA GLY A 430 17.93 0.52 21.19
C GLY A 430 17.19 -0.78 21.34
N HIS A 431 17.27 -1.61 20.31
CA HIS A 431 16.64 -2.92 20.29
C HIS A 431 17.66 -4.04 20.57
N TYR A 432 17.14 -5.19 20.98
CA TYR A 432 17.97 -6.36 21.30
C TYR A 432 18.14 -7.20 20.03
N ASP A 433 18.98 -6.71 19.12
CA ASP A 433 19.08 -7.39 17.80
C ASP A 433 20.39 -7.19 17.11
N LYS A 434 21.39 -7.63 17.81
CA LYS A 434 22.73 -7.76 17.28
C LYS A 434 22.72 -8.57 15.98
N LEU A 435 23.36 -8.01 14.97
CA LEU A 435 23.54 -8.63 13.65
C LEU A 435 22.26 -8.79 12.84
N SER A 436 21.20 -8.04 13.19
CA SER A 436 19.97 -8.08 12.42
C SER A 436 20.13 -7.39 11.06
N PHE A 437 19.23 -7.70 10.14
CA PHE A 437 19.23 -7.01 8.85
C PHE A 437 17.82 -6.76 8.36
N SER A 438 17.74 -5.89 7.37
CA SER A 438 16.51 -5.64 6.64
C SER A 438 16.87 -5.42 5.16
N LEU A 439 15.88 -5.57 4.28
CA LEU A 439 16.12 -5.57 2.84
C LEU A 439 15.01 -4.81 2.14
N TYR A 440 15.41 -3.98 1.16
CA TYR A 440 14.52 -3.09 0.43
C TYR A 440 14.82 -3.19 -1.05
N GLU A 441 13.80 -3.01 -1.88
CA GLU A 441 13.98 -2.88 -3.33
C GLU A 441 13.27 -1.62 -3.81
N LYS A 442 14.05 -0.62 -4.19
CA LYS A 442 13.51 0.61 -4.76
C LYS A 442 12.39 1.21 -3.91
N GLY A 443 12.63 1.28 -2.60
CA GLY A 443 11.70 1.88 -1.67
C GLY A 443 10.61 0.95 -1.14
N THR A 444 10.62 -0.32 -1.53
CA THR A 444 9.68 -1.31 -1.02
C THR A 444 10.40 -2.20 -0.03
N GLU A 445 9.86 -2.29 1.19
CA GLU A 445 10.40 -3.14 2.23
C GLU A 445 10.10 -4.61 1.92
N ILE A 446 11.14 -5.45 1.92
CA ILE A 446 11.02 -6.87 1.58
C ILE A 446 11.17 -7.75 2.82
N LEU A 447 12.23 -7.50 3.60
CA LEU A 447 12.42 -8.14 4.90
C LEU A 447 12.53 -7.02 5.92
N GLN A 448 11.65 -7.00 6.91
CA GLN A 448 11.51 -5.82 7.77
C GLN A 448 12.24 -5.89 9.08
N ASP A 449 12.64 -4.70 9.55
CA ASP A 449 12.85 -4.42 10.97
C ASP A 449 11.52 -3.79 11.41
N TYR A 450 10.92 -4.35 12.47
CA TYR A 450 9.56 -3.97 12.86
C TYR A 450 9.40 -2.48 13.14
N GLY A 451 10.41 -1.86 13.73
CA GLY A 451 10.31 -0.49 14.20
C GLY A 451 9.72 -0.46 15.59
N LEU A 452 9.09 0.65 15.95
CA LEU A 452 8.46 0.79 17.27
C LEU A 452 7.01 0.29 17.31
N ALA A 453 6.50 0.08 18.52
CA ALA A 453 5.06 -0.15 18.77
C ALA A 453 4.58 1.11 19.49
N ARG A 454 4.07 2.03 18.68
CA ARG A 454 3.69 3.38 19.09
C ARG A 454 3.11 4.05 17.85
N PHE A 455 2.05 4.83 18.04
CA PHE A 455 1.42 5.58 16.96
C PHE A 455 1.64 7.04 17.32
N VAL A 456 2.70 7.59 16.75
CA VAL A 456 3.35 8.77 17.32
C VAL A 456 2.40 9.96 17.27
N ASN A 457 2.11 10.52 18.44
CA ASN A 457 1.21 11.68 18.59
C ASN A 457 -0.26 11.39 18.24
N ILE A 458 -0.65 10.12 18.19
CA ILE A 458 -2.07 9.78 18.03
C ILE A 458 -2.63 9.47 19.40
N GLU A 459 -3.49 10.36 19.90
CA GLU A 459 -3.97 10.32 21.28
C GLU A 459 -4.69 9.01 21.62
N GLN A 460 -5.39 8.47 20.63
CA GLN A 460 -6.22 7.28 20.78
C GLN A 460 -5.39 6.02 21.07
N LYS A 461 -4.12 6.06 20.72
CA LYS A 461 -3.19 4.96 21.01
C LYS A 461 -2.30 5.32 22.18
N GLY A 462 -2.79 5.08 23.38
CA GLY A 462 -1.99 5.32 24.58
C GLY A 462 -1.41 6.71 24.69
N GLY A 463 -2.20 7.72 24.32
CA GLY A 463 -1.75 9.11 24.37
C GLY A 463 -0.64 9.46 23.40
N GLY A 464 -0.50 8.65 22.35
CA GLY A 464 0.56 8.81 21.36
C GLY A 464 1.94 8.45 21.85
N ASN A 465 2.00 7.75 22.98
CA ASN A 465 3.24 7.44 23.68
C ASN A 465 3.65 5.98 23.48
N TYR A 466 4.86 5.62 23.91
CA TYR A 466 5.32 4.23 23.75
C TYR A 466 4.36 3.26 24.43
N LEU A 467 3.99 2.22 23.69
CA LEU A 467 3.02 1.24 24.15
C LEU A 467 3.72 0.09 24.88
N LYS A 468 2.96 -0.64 25.69
CA LYS A 468 3.51 -1.81 26.41
C LYS A 468 4.25 -2.76 25.49
N GLU A 469 3.71 -2.92 24.28
CA GLU A 469 4.25 -3.87 23.31
C GLU A 469 5.53 -3.37 22.64
N ASN A 470 5.92 -2.11 22.84
CA ASN A 470 7.25 -1.69 22.40
C ASN A 470 8.33 -2.46 23.14
N THR A 471 8.13 -2.65 24.44
CA THR A 471 9.04 -3.48 25.22
C THR A 471 8.82 -4.96 24.97
N THR A 472 7.57 -5.41 25.04
CA THR A 472 7.32 -6.85 25.06
C THR A 472 7.43 -7.50 23.67
N TRP A 473 7.25 -6.72 22.60
CA TRP A 473 7.44 -7.20 21.23
C TRP A 473 8.62 -6.51 20.52
N ALA A 474 8.48 -5.21 20.28
CA ALA A 474 9.30 -4.55 19.26
C ALA A 474 10.79 -4.54 19.54
N LYS A 475 11.16 -4.41 20.82
CA LYS A 475 12.56 -4.43 21.23
C LYS A 475 13.19 -5.82 21.30
N GLN A 476 12.35 -6.86 21.35
CA GLN A 476 12.85 -8.21 21.60
C GLN A 476 13.48 -8.85 20.37
N THR A 477 14.41 -9.77 20.62
CA THR A 477 15.19 -10.37 19.55
C THR A 477 14.33 -11.17 18.58
N ILE A 478 13.34 -11.89 19.10
CA ILE A 478 12.45 -12.69 18.24
C ILE A 478 11.67 -11.87 17.20
N ALA A 479 11.54 -10.55 17.43
CA ALA A 479 10.93 -9.65 16.46
C ALA A 479 11.85 -9.30 15.29
N HIS A 480 13.10 -9.76 15.33
CA HIS A 480 14.13 -9.37 14.36
C HIS A 480 14.65 -10.51 13.52
N ASN A 481 15.24 -10.14 12.39
CA ASN A 481 15.87 -11.10 11.49
C ASN A 481 17.29 -11.38 11.97
N THR A 482 17.40 -12.10 13.08
CA THR A 482 18.69 -12.48 13.64
C THR A 482 18.52 -13.69 14.56
N LEU A 483 19.64 -14.21 15.05
CA LEU A 483 19.63 -15.44 15.85
C LEU A 483 19.00 -15.24 17.23
N VAL A 484 18.07 -16.14 17.58
CA VAL A 484 17.53 -16.20 18.94
C VAL A 484 17.90 -17.56 19.53
N GLN A 485 18.43 -17.55 20.75
CA GLN A 485 18.91 -18.77 21.41
C GLN A 485 18.03 -19.04 22.62
N ASN A 486 17.47 -20.25 22.67
CA ASN A 486 16.65 -20.69 23.81
C ASN A 486 15.57 -19.70 24.21
N GLU A 487 14.89 -19.16 23.20
CA GLU A 487 13.75 -18.26 23.39
C GLU A 487 14.04 -17.11 24.36
N THR A 488 15.27 -16.60 24.29
CA THR A 488 15.77 -15.56 25.17
C THR A 488 16.33 -14.45 24.29
N SER A 489 16.06 -13.20 24.63
CA SER A 489 16.65 -12.09 23.87
C SER A 489 18.13 -11.94 24.13
N HIS A 490 18.82 -11.31 23.18
CA HIS A 490 20.20 -10.89 23.37
C HIS A 490 20.34 -10.16 24.69
N PHE A 491 21.37 -10.51 25.46
CA PHE A 491 21.64 -9.90 26.78
C PHE A 491 20.49 -10.12 27.79
N GLU A 492 19.67 -11.16 27.55
CA GLU A 492 18.43 -11.40 28.29
C GLU A 492 17.48 -10.17 28.29
N GLY A 493 17.59 -9.33 27.27
CA GLY A 493 16.78 -8.11 27.21
C GLY A 493 17.03 -7.12 28.33
N LYS A 494 18.21 -7.19 28.95
CA LYS A 494 18.58 -6.35 30.10
C LYS A 494 19.45 -5.18 29.68
N TYR A 495 18.94 -3.97 29.85
CA TYR A 495 19.67 -2.77 29.44
C TYR A 495 21.04 -2.65 30.12
N GLU A 496 21.06 -2.97 31.41
CA GLU A 496 22.30 -2.86 32.19
C GLU A 496 23.42 -3.76 31.66
N VAL A 497 23.06 -4.82 30.94
CA VAL A 497 24.02 -5.69 30.28
C VAL A 497 24.28 -5.24 28.84
N GLY A 498 23.21 -5.10 28.04
CA GLY A 498 23.36 -4.72 26.63
C GLY A 498 24.10 -3.41 26.39
N SER A 499 23.84 -2.43 27.26
CA SER A 499 24.52 -1.14 27.17
C SER A 499 26.05 -1.21 27.31
N GLN A 500 26.57 -2.31 27.85
CA GLN A 500 28.01 -2.47 27.99
C GLN A 500 28.66 -3.19 26.80
N HIS A 501 27.88 -3.52 25.77
CA HIS A 501 28.36 -4.37 24.68
C HIS A 501 27.97 -3.89 23.30
N HIS A 502 28.75 -4.31 22.31
CA HIS A 502 28.49 -3.99 20.92
C HIS A 502 29.01 -5.13 20.08
N SER A 503 28.44 -5.31 18.89
CA SER A 503 29.01 -6.26 17.95
C SER A 503 30.30 -5.68 17.37
N GLU A 504 31.10 -6.52 16.73
CA GLU A 504 32.43 -6.12 16.27
C GLU A 504 32.55 -6.34 14.76
N LEU A 505 32.92 -5.29 14.03
CA LEU A 505 33.18 -5.44 12.61
C LEU A 505 34.31 -6.44 12.41
N TYR A 506 34.08 -7.39 11.51
CA TYR A 506 35.14 -8.31 11.08
C TYR A 506 35.78 -7.74 9.82
N PHE A 507 35.01 -7.54 8.75
CA PHE A 507 35.48 -6.73 7.62
C PHE A 507 34.31 -6.16 6.82
N PHE A 508 34.61 -5.13 6.05
CA PHE A 508 33.67 -4.49 5.13
C PHE A 508 34.42 -4.28 3.83
N ASP A 509 33.89 -4.80 2.74
CA ASP A 509 34.47 -4.58 1.42
C ASP A 509 33.36 -4.43 0.40
N ALA A 510 33.06 -3.17 0.07
CA ALA A 510 32.05 -2.86 -0.93
C ALA A 510 32.66 -2.29 -2.21
N SER A 511 33.97 -2.47 -2.42
CA SER A 511 34.64 -1.87 -3.58
C SER A 511 34.15 -2.43 -4.92
N ASN A 512 33.83 -3.72 -4.96
CA ASN A 512 33.29 -4.33 -6.18
C ASN A 512 31.77 -4.14 -6.20
N PRO A 513 31.26 -3.29 -7.11
CA PRO A 513 29.80 -3.08 -7.13
C PRO A 513 28.98 -4.37 -7.37
N GLU A 514 29.59 -5.39 -7.96
CA GLU A 514 28.91 -6.66 -8.22
C GLU A 514 28.92 -7.63 -7.03
N VAL A 515 29.88 -7.48 -6.12
CA VAL A 515 30.08 -8.42 -5.03
C VAL A 515 30.54 -7.64 -3.79
N GLN A 516 29.58 -7.27 -2.95
CA GLN A 516 29.82 -6.42 -1.79
C GLN A 516 29.58 -7.26 -0.58
N VAL A 517 30.53 -7.25 0.36
CA VAL A 517 30.54 -8.20 1.47
C VAL A 517 30.81 -7.47 2.77
N VAL A 518 30.05 -7.82 3.81
CA VAL A 518 30.26 -7.30 5.15
C VAL A 518 30.11 -8.43 6.16
N SER A 519 30.92 -8.40 7.21
CA SER A 519 30.98 -9.48 8.17
C SER A 519 31.22 -8.91 9.56
N ALA A 520 30.51 -9.44 10.55
CA ALA A 520 30.63 -8.98 11.94
C ALA A 520 30.37 -10.12 12.90
N LYS A 521 30.82 -9.94 14.14
CA LYS A 521 30.75 -10.97 15.17
C LYS A 521 30.12 -10.44 16.45
N GLU A 522 29.52 -11.36 17.20
CA GLU A 522 28.84 -11.03 18.44
C GLU A 522 29.01 -12.21 19.40
N GLN A 523 29.74 -12.00 20.49
CA GLN A 523 29.99 -13.08 21.45
C GLN A 523 29.48 -12.80 22.85
N ASN A 524 28.81 -11.67 23.06
CA ASN A 524 28.26 -11.34 24.38
C ASN A 524 26.75 -11.41 24.46
N ALA A 525 26.05 -11.31 23.34
CA ALA A 525 24.59 -11.45 23.34
C ALA A 525 24.14 -12.71 24.06
N TYR A 526 24.85 -13.81 23.81
CA TYR A 526 24.64 -15.08 24.48
C TYR A 526 25.99 -15.58 24.95
N PRO A 527 26.35 -15.27 26.21
CA PRO A 527 27.64 -15.73 26.71
C PRO A 527 27.79 -17.24 26.54
N GLY A 528 28.93 -17.65 25.98
CA GLY A 528 29.17 -19.04 25.64
C GLY A 528 28.83 -19.41 24.21
N THR A 529 28.28 -18.45 23.45
CA THR A 529 27.96 -18.64 22.04
C THR A 529 28.64 -17.54 21.24
N GLU A 530 29.20 -17.93 20.10
CA GLU A 530 29.85 -17.02 19.17
C GLU A 530 28.95 -16.95 17.94
N MET A 531 28.56 -15.74 17.54
CA MET A 531 27.78 -15.51 16.31
C MET A 531 28.69 -14.77 15.33
N HIS A 532 28.81 -15.29 14.11
CA HIS A 532 29.61 -14.65 13.07
C HIS A 532 28.76 -14.61 11.81
N ARG A 533 28.24 -13.42 11.50
CA ARG A 533 27.32 -13.28 10.38
C ARG A 533 27.94 -12.48 9.25
N THR A 534 27.98 -13.09 8.07
CA THR A 534 28.53 -12.49 6.87
C THR A 534 27.39 -12.35 5.89
N MET A 535 27.22 -11.13 5.37
CA MET A 535 26.18 -10.84 4.39
C MET A 535 26.82 -10.29 3.13
N ALA A 536 26.29 -10.70 1.99
CA ALA A 536 26.82 -10.27 0.71
C ALA A 536 25.68 -9.92 -0.22
N LEU A 537 25.91 -8.89 -1.03
CA LEU A 537 24.99 -8.51 -2.09
C LEU A 537 25.74 -8.82 -3.39
N ILE A 538 25.23 -9.79 -4.14
CA ILE A 538 25.97 -10.42 -5.24
C ILE A 538 25.15 -10.43 -6.52
N LYS A 539 25.71 -9.83 -7.58
CA LYS A 539 25.22 -9.99 -8.93
C LYS A 539 26.15 -10.94 -9.66
N THR A 540 25.60 -12.02 -10.20
CA THR A 540 26.40 -13.02 -10.92
C THR A 540 25.58 -13.62 -12.07
N ASP A 541 26.28 -14.23 -13.02
CA ASP A 541 25.64 -14.80 -14.21
C ASP A 541 24.65 -15.90 -13.79
N GLY A 542 23.43 -15.86 -14.36
CA GLY A 542 22.40 -16.84 -14.05
C GLY A 542 21.24 -16.26 -13.28
N PHE A 543 21.36 -15.02 -12.82
CA PHE A 543 20.34 -14.36 -12.01
C PHE A 543 20.02 -13.01 -12.62
N GLU A 544 18.73 -12.70 -12.67
CA GLU A 544 18.24 -11.43 -13.21
C GLU A 544 18.73 -10.22 -12.42
N LYS A 545 18.79 -10.37 -11.10
CA LYS A 545 19.05 -9.29 -10.17
C LYS A 545 20.09 -9.73 -9.15
N PRO A 546 20.70 -8.76 -8.43
CA PRO A 546 21.53 -9.15 -7.30
C PRO A 546 20.72 -9.91 -6.28
N PHE A 547 21.36 -10.83 -5.57
CA PHE A 547 20.74 -11.53 -4.45
C PHE A 547 21.52 -11.25 -3.18
N VAL A 548 20.88 -11.51 -2.05
CA VAL A 548 21.53 -11.44 -0.76
C VAL A 548 21.93 -12.85 -0.33
N LEU A 549 23.19 -13.01 0.03
CA LEU A 549 23.70 -14.24 0.65
C LEU A 549 23.91 -13.95 2.12
N ASP A 550 23.36 -14.83 2.97
CA ASP A 550 23.42 -14.69 4.42
C ASP A 550 24.04 -15.95 5.02
N ILE A 551 25.20 -15.79 5.65
CA ILE A 551 25.89 -16.89 6.35
C ILE A 551 25.94 -16.53 7.83
N LEU A 552 25.24 -17.31 8.66
CA LEU A 552 25.21 -17.06 10.11
C LEU A 552 25.86 -18.26 10.81
N ARG A 553 27.13 -18.10 11.13
CA ARG A 553 27.94 -19.16 11.73
C ARG A 553 27.84 -19.07 13.24
N VAL A 554 27.46 -20.18 13.88
CA VAL A 554 27.22 -20.21 15.32
C VAL A 554 28.12 -21.27 15.96
N GLY A 555 28.83 -20.86 17.00
CA GLY A 555 29.63 -21.77 17.82
C GLY A 555 29.14 -21.70 19.25
N SER A 556 28.98 -22.83 19.92
CA SER A 556 28.57 -22.81 21.32
C SER A 556 29.22 -23.93 22.12
N ASN A 557 29.07 -23.82 23.43
CA ASN A 557 29.59 -24.81 24.38
C ASN A 557 28.51 -25.75 24.92
N ALA A 558 27.30 -25.66 24.38
CA ALA A 558 26.15 -26.42 24.84
C ALA A 558 25.15 -26.58 23.70
N ALA A 559 24.33 -27.61 23.77
CA ALA A 559 23.25 -27.83 22.82
C ALA A 559 22.10 -26.86 23.13
N ASN A 560 21.72 -26.06 22.13
CA ASN A 560 20.71 -25.02 22.26
C ASN A 560 19.60 -25.19 21.23
N GLN A 561 18.53 -24.42 21.43
CA GLN A 561 17.52 -24.23 20.41
C GLN A 561 17.81 -22.90 19.71
N TYR A 562 18.06 -22.94 18.41
CA TYR A 562 18.30 -21.73 17.62
C TYR A 562 17.11 -21.44 16.73
N ASP A 563 16.63 -20.19 16.79
CA ASP A 563 15.57 -19.69 15.92
C ASP A 563 16.16 -18.60 15.04
N LEU A 564 15.88 -18.66 13.74
CA LEU A 564 16.27 -17.60 12.81
C LEU A 564 15.04 -17.12 12.04
N PRO A 565 14.47 -15.95 12.43
CA PRO A 565 13.30 -15.43 11.73
C PRO A 565 13.62 -14.67 10.45
N PHE A 566 12.68 -14.74 9.52
CA PHE A 566 12.65 -13.89 8.33
C PHE A 566 11.26 -13.27 8.24
N TYR A 567 11.17 -11.97 8.57
CA TYR A 567 9.91 -11.23 8.55
C TYR A 567 9.71 -10.60 7.18
N PHE A 568 9.10 -11.39 6.31
CA PHE A 568 8.90 -11.04 4.91
C PHE A 568 7.64 -10.22 4.73
N LYS A 569 7.60 -9.45 3.65
CA LYS A 569 6.45 -8.64 3.28
C LYS A 569 5.90 -9.20 1.97
N GLY A 570 4.62 -9.54 1.94
CA GLY A 570 3.94 -9.96 0.73
C GLY A 570 3.09 -11.21 0.87
N GLN A 571 2.57 -11.62 -0.27
CA GLN A 571 1.64 -12.73 -0.39
C GLN A 571 2.40 -14.01 -0.70
N VAL A 572 2.22 -15.03 0.11
CA VAL A 572 2.88 -16.32 -0.10
C VAL A 572 2.48 -16.93 -1.44
N MET A 573 3.48 -17.35 -2.21
CA MET A 573 3.27 -17.94 -3.54
C MET A 573 3.52 -19.43 -3.61
N GLN A 574 4.63 -19.90 -3.04
CA GLN A 574 4.97 -21.32 -3.12
C GLN A 574 6.00 -21.69 -2.08
N THR A 575 6.00 -22.96 -1.71
CA THR A 575 7.04 -23.56 -0.91
C THR A 575 7.47 -24.86 -1.59
N ASN A 576 8.65 -25.35 -1.25
CA ASN A 576 9.08 -26.69 -1.68
C ASN A 576 9.06 -27.70 -0.54
N PHE A 577 8.31 -27.39 0.51
CA PHE A 577 8.15 -28.25 1.67
C PHE A 577 6.69 -28.26 2.07
N ASP A 578 6.23 -29.38 2.61
CA ASP A 578 4.87 -29.47 3.12
C ASP A 578 4.83 -28.87 4.52
N PHE A 579 3.68 -28.32 4.88
CA PHE A 579 3.49 -27.80 6.23
C PHE A 579 2.04 -28.01 6.65
N THR A 580 1.84 -28.17 7.94
CA THR A 580 0.51 -28.39 8.48
C THR A 580 -0.09 -27.07 8.90
N THR A 581 -1.41 -27.02 8.87
CA THR A 581 -2.19 -25.82 9.15
C THR A 581 -3.09 -26.17 10.33
N PRO A 582 -2.85 -25.58 11.51
CA PRO A 582 -3.64 -25.99 12.67
C PRO A 582 -5.07 -25.46 12.65
N LYS A 583 -5.94 -26.15 13.39
CA LYS A 583 -7.38 -25.79 13.46
C LYS A 583 -7.63 -24.65 14.43
N SER A 584 -6.68 -24.38 15.30
CA SER A 584 -6.72 -23.22 16.18
C SER A 584 -5.33 -22.61 16.19
N LEU A 585 -5.24 -21.30 16.35
CA LEU A 585 -3.93 -20.64 16.45
C LEU A 585 -3.56 -20.50 17.91
N GLU A 586 -2.37 -21.00 18.23
CA GLU A 586 -1.80 -20.94 19.57
C GLU A 586 -0.55 -20.08 19.53
N PRO A 587 -0.21 -19.40 20.64
CA PRO A 587 1.03 -18.64 20.63
C PRO A 587 2.25 -19.54 20.50
N LEU A 588 3.30 -19.04 19.85
CA LEU A 588 4.50 -19.83 19.62
C LEU A 588 5.24 -20.14 20.91
N GLY A 589 5.27 -19.18 21.83
CA GLY A 589 5.89 -19.37 23.14
C GLY A 589 5.30 -18.47 24.19
N SER A 590 5.92 -18.48 25.37
CA SER A 590 5.34 -17.81 26.54
C SER A 590 5.96 -16.46 26.90
N ASP A 591 7.18 -16.19 26.44
CA ASP A 591 7.95 -15.06 26.95
C ASP A 591 8.84 -14.44 25.88
N ASN A 592 9.35 -13.26 26.20
CA ASN A 592 10.40 -12.59 25.43
C ASN A 592 10.02 -12.30 23.98
N GLY A 593 8.73 -12.04 23.77
CA GLY A 593 8.18 -11.74 22.46
C GLY A 593 7.45 -12.88 21.80
N TYR A 594 7.78 -14.12 22.18
CA TYR A 594 7.13 -15.29 21.58
C TYR A 594 5.64 -15.35 21.87
N GLN A 595 5.23 -14.72 22.98
CA GLN A 595 3.81 -14.61 23.32
C GLN A 595 3.00 -13.74 22.36
N HIS A 596 3.66 -13.00 21.47
CA HIS A 596 2.98 -12.18 20.47
C HIS A 596 2.91 -12.82 19.09
N LEU A 597 3.42 -14.04 18.94
CA LEU A 597 3.38 -14.74 17.65
C LEU A 597 2.40 -15.88 17.67
N TRP A 598 1.46 -15.88 16.72
CA TRP A 598 0.61 -17.04 16.49
C TRP A 598 1.38 -18.03 15.61
N SER A 599 1.29 -19.31 15.96
CA SER A 599 1.82 -20.40 15.13
CA SER A 599 1.82 -20.40 15.13
C SER A 599 0.79 -20.70 14.04
N GLU A 600 1.09 -20.28 12.81
CA GLU A 600 0.16 -20.42 11.68
C GLU A 600 0.39 -21.68 10.84
N GLY A 601 1.59 -22.23 10.91
CA GLY A 601 1.91 -23.44 10.16
C GLY A 601 3.25 -24.00 10.59
N LEU A 602 3.43 -25.30 10.40
CA LEU A 602 4.66 -25.98 10.80
C LEU A 602 5.07 -26.95 9.70
N GLY A 603 6.25 -26.72 9.14
CA GLY A 603 6.78 -27.55 8.06
C GLY A 603 8.01 -28.30 8.52
N GLN A 604 8.27 -29.41 7.84
CA GLN A 604 9.54 -30.09 7.96
C GLN A 604 10.17 -30.05 6.55
N PRO A 605 11.48 -29.88 6.48
CA PRO A 605 12.13 -29.84 5.16
C PRO A 605 12.00 -31.16 4.39
N LYS A 606 11.88 -31.03 3.06
CA LYS A 606 11.89 -32.18 2.13
C LYS A 606 13.32 -32.60 1.76
N GLY A 607 14.30 -31.74 2.03
CA GLY A 607 15.64 -31.96 1.53
C GLY A 607 16.62 -30.93 2.06
N ASP A 608 17.76 -30.82 1.38
CA ASP A 608 18.87 -29.99 1.85
C ASP A 608 18.65 -28.49 1.68
N ASN A 609 17.76 -28.09 0.77
CA ASN A 609 17.41 -26.68 0.61
C ASN A 609 15.90 -26.52 0.68
N SER A 610 15.45 -25.60 1.54
CA SER A 610 14.04 -25.28 1.64
C SER A 610 13.80 -23.89 1.07
N GLN A 611 12.65 -23.72 0.42
CA GLN A 611 12.34 -22.51 -0.33
C GLN A 611 10.95 -22.00 -0.02
N LEU A 612 10.85 -20.68 0.14
CA LEU A 612 9.58 -19.96 0.26
C LEU A 612 9.64 -18.81 -0.72
N SER A 613 8.59 -18.66 -1.53
CA SER A 613 8.49 -17.51 -2.43
C SER A 613 7.25 -16.70 -2.15
N TRP A 614 7.31 -15.42 -2.45
CA TRP A 614 6.17 -14.51 -2.23
C TRP A 614 6.15 -13.41 -3.28
N LEU A 615 5.04 -12.68 -3.33
CA LEU A 615 4.79 -11.61 -4.27
C LEU A 615 4.56 -10.34 -3.45
N GLU A 616 5.34 -9.30 -3.71
CA GLU A 616 5.19 -8.02 -3.01
C GLU A 616 5.38 -6.88 -3.99
N ASN A 617 4.40 -5.97 -4.04
CA ASN A 617 4.43 -4.82 -4.92
C ASN A 617 4.88 -5.18 -6.35
N GLY A 618 4.26 -6.23 -6.88
CA GLY A 618 4.45 -6.60 -8.27
C GLY A 618 5.74 -7.31 -8.60
N ARG A 619 6.51 -7.76 -7.61
CA ARG A 619 7.78 -8.46 -7.82
C ARG A 619 7.76 -9.75 -7.01
N PHE A 620 8.38 -10.81 -7.54
CA PHE A 620 8.54 -12.05 -6.78
C PHE A 620 9.87 -12.09 -6.04
N TYR A 621 9.85 -12.80 -4.91
CA TYR A 621 11.01 -13.02 -4.06
C TYR A 621 11.07 -14.46 -3.65
N THR A 622 12.28 -15.01 -3.53
CA THR A 622 12.47 -16.37 -3.03
C THR A 622 13.55 -16.39 -1.95
N LEU A 623 13.21 -16.96 -0.81
CA LEU A 623 14.15 -17.29 0.24
C LEU A 623 14.50 -18.76 0.10
N THR A 624 15.78 -19.06 -0.08
CA THR A 624 16.29 -20.45 -0.08
C THR A 624 17.22 -20.58 1.09
N THR A 625 17.05 -21.63 1.90
CA THR A 625 17.90 -21.81 3.08
C THR A 625 18.34 -23.27 3.23
N ALA A 626 19.57 -23.46 3.69
CA ALA A 626 20.13 -24.80 3.88
C ALA A 626 19.52 -25.42 5.13
N THR A 627 18.79 -26.51 4.94
CA THR A 627 18.07 -27.15 6.03
C THR A 627 18.62 -28.54 6.31
N ASN A 628 18.57 -28.89 7.60
CA ASN A 628 18.83 -30.23 8.10
C ASN A 628 17.49 -30.92 8.26
N ASN A 629 17.46 -32.25 8.20
CA ASN A 629 16.19 -32.97 8.19
C ASN A 629 15.36 -32.83 9.52
N ASP A 630 16.02 -32.54 10.63
CA ASP A 630 15.33 -32.28 11.91
C ASP A 630 14.93 -30.81 12.15
N ASP A 631 15.20 -29.93 11.19
CA ASP A 631 14.74 -28.53 11.29
C ASP A 631 13.22 -28.43 11.27
N GLU A 632 12.71 -27.38 11.91
CA GLU A 632 11.31 -27.02 11.82
C GLU A 632 11.20 -25.67 11.10
N LEU A 633 10.22 -25.55 10.22
CA LEU A 633 9.96 -24.30 9.53
C LEU A 633 8.61 -23.78 10.01
N HIS A 634 8.64 -22.67 10.73
CA HIS A 634 7.45 -22.13 11.39
C HIS A 634 6.91 -20.91 10.66
N PHE A 635 5.69 -21.01 10.14
CA PHE A 635 4.96 -19.83 9.68
C PHE A 635 4.33 -19.18 10.90
N VAL A 636 4.64 -17.91 11.12
CA VAL A 636 4.12 -17.16 12.27
C VAL A 636 3.39 -15.92 11.82
N ARG A 637 2.55 -15.39 12.72
CA ARG A 637 1.79 -14.17 12.47
C ARG A 637 1.83 -13.35 13.75
N ILE A 638 2.25 -12.10 13.64
CA ILE A 638 2.26 -11.20 14.80
C ILE A 638 0.81 -10.89 15.16
N GLY A 639 0.53 -10.79 16.46
CA GLY A 639 -0.78 -10.34 16.95
C GLY A 639 -1.35 -11.06 18.16
N ALA A 640 -0.69 -12.12 18.64
CA ALA A 640 -1.13 -12.74 19.89
C ALA A 640 -0.87 -11.80 21.07
N ASN A 641 -1.66 -11.96 22.14
CA ASN A 641 -1.54 -11.14 23.33
C ASN A 641 -1.45 -9.65 23.01
N ASP A 642 -2.40 -9.18 22.19
CA ASP A 642 -2.43 -7.80 21.70
C ASP A 642 -3.85 -7.25 21.90
N PRO A 643 -4.27 -7.10 23.16
CA PRO A 643 -5.66 -6.76 23.44
C PRO A 643 -6.17 -5.42 22.91
N GLU A 644 -5.27 -4.50 22.58
CA GLU A 644 -5.66 -3.18 22.07
C GLU A 644 -5.41 -3.01 20.57
N PHE A 645 -5.08 -4.09 19.86
CA PHE A 645 -4.71 -4.02 18.43
C PHE A 645 -3.59 -2.97 18.22
N ASN A 646 -2.53 -3.10 19.01
CA ASN A 646 -1.36 -2.24 18.88
C ASN A 646 -0.30 -2.75 17.91
N LEU A 647 -0.42 -4.00 17.48
CA LEU A 647 0.57 -4.63 16.60
C LEU A 647 -0.01 -4.95 15.23
N ARG A 648 0.84 -4.88 14.22
CA ARG A 648 0.46 -5.26 12.84
C ARG A 648 0.45 -6.76 12.69
N ARG A 649 -0.48 -7.26 11.88
CA ARG A 649 -0.59 -8.70 11.59
C ARG A 649 0.34 -9.13 10.44
N ASP A 650 1.62 -8.78 10.56
CA ASP A 650 2.64 -9.19 9.59
C ASP A 650 3.04 -10.63 9.85
N ALA A 651 3.57 -11.30 8.83
CA ALA A 651 3.95 -12.71 8.90
C ALA A 651 5.46 -12.90 8.96
N GLY A 652 5.88 -14.12 9.30
CA GLY A 652 7.28 -14.49 9.21
C GLY A 652 7.46 -15.99 9.00
N LEU A 653 8.65 -16.36 8.55
CA LEU A 653 9.07 -17.76 8.54
C LEU A 653 10.27 -17.85 9.47
N ILE A 654 10.18 -18.75 10.46
CA ILE A 654 11.27 -18.96 11.42
C ILE A 654 11.83 -20.36 11.23
N ILE A 655 13.16 -20.43 11.06
CA ILE A 655 13.87 -21.69 11.03
C ILE A 655 14.20 -22.03 12.47
N ARG A 656 13.72 -23.16 12.97
CA ARG A 656 14.03 -23.62 14.32
C ARG A 656 14.90 -24.87 14.24
N ARG A 657 16.07 -24.79 14.86
CA ARG A 657 17.05 -25.87 14.89
C ARG A 657 17.33 -26.24 16.34
N LYS A 658 16.74 -27.35 16.78
CA LYS A 658 16.79 -27.77 18.19
C LYS A 658 18.02 -28.62 18.49
N ASN A 659 18.36 -28.67 19.77
CA ASN A 659 19.39 -29.57 20.29
C ASN A 659 20.69 -29.54 19.48
N THR A 660 21.16 -28.33 19.23
CA THR A 660 22.29 -28.09 18.34
C THR A 660 23.33 -27.22 19.01
N LYS A 661 24.60 -27.60 18.86
CA LYS A 661 25.71 -26.84 19.45
C LYS A 661 26.30 -25.89 18.41
N ASN A 662 27.11 -26.40 17.48
CA ASN A 662 27.66 -25.62 16.37
C ASN A 662 26.79 -25.81 15.16
N THR A 663 26.48 -24.71 14.46
CA THR A 663 25.74 -24.79 13.21
C THR A 663 25.96 -23.54 12.39
N THR A 664 25.77 -23.66 11.08
CA THR A 664 25.92 -22.53 10.17
C THR A 664 24.70 -22.45 9.28
N PHE A 665 23.91 -21.38 9.45
CA PHE A 665 22.78 -21.10 8.60
C PHE A 665 23.27 -20.45 7.32
N VAL A 666 22.73 -20.88 6.19
CA VAL A 666 23.10 -20.32 4.89
C VAL A 666 21.84 -20.08 4.10
N SER A 667 21.60 -18.83 3.69
CA SER A 667 20.37 -18.45 2.99
C SER A 667 20.66 -17.52 1.84
N ILE A 668 19.80 -17.58 0.83
CA ILE A 668 19.80 -16.61 -0.26
C ILE A 668 18.41 -16.01 -0.39
N LEU A 669 18.38 -14.69 -0.60
CA LEU A 669 17.16 -13.96 -0.93
C LEU A 669 17.30 -13.40 -2.33
N GLU A 670 16.47 -13.91 -3.23
CA GLU A 670 16.42 -13.49 -4.64
C GLU A 670 15.23 -12.59 -4.88
N SER A 671 15.41 -11.63 -5.78
CA SER A 671 14.29 -10.89 -6.39
C SER A 671 14.23 -11.28 -7.86
N HIS A 672 13.05 -11.63 -8.34
CA HIS A 672 12.92 -12.06 -9.74
C HIS A 672 11.54 -11.78 -10.30
N GLY A 673 11.49 -11.41 -11.56
CA GLY A 673 10.25 -11.33 -12.28
C GLY A 673 9.29 -10.28 -11.81
N HIS A 674 8.06 -10.39 -12.30
CA HIS A 674 7.04 -9.39 -12.01
C HIS A 674 5.66 -9.88 -12.35
N TYR A 675 4.68 -9.24 -11.73
CA TYR A 675 3.26 -9.47 -12.00
C TYR A 675 2.57 -8.11 -12.06
N SER A 676 1.56 -8.00 -12.92
CA SER A 676 0.70 -6.82 -12.99
C SER A 676 -0.75 -7.28 -13.04
N PRO A 677 -1.62 -6.68 -12.21
CA PRO A 677 -3.04 -6.97 -12.35
C PRO A 677 -3.73 -6.20 -13.48
N VAL A 678 -2.98 -5.44 -14.27
CA VAL A 678 -3.51 -4.79 -15.47
C VAL A 678 -3.27 -5.67 -16.69
N SER A 679 -2.03 -6.07 -16.90
CA SER A 679 -1.70 -6.99 -17.99
C SER A 679 -2.03 -8.45 -17.68
N GLU A 680 -2.05 -8.78 -16.39
CA GLU A 680 -2.23 -10.15 -15.90
C GLU A 680 -1.17 -11.12 -16.46
N PHE A 681 0.04 -10.60 -16.67
CA PHE A 681 1.19 -11.42 -17.03
C PHE A 681 2.06 -11.64 -15.79
N SER A 682 2.35 -12.92 -15.54
CA SER A 682 3.34 -13.33 -14.56
C SER A 682 4.61 -13.70 -15.31
N VAL A 683 5.72 -13.07 -14.97
CA VAL A 683 7.00 -13.29 -15.66
C VAL A 683 8.07 -13.68 -14.63
N ASN A 684 8.87 -14.69 -14.98
CA ASN A 684 10.00 -15.14 -14.16
C ASN A 684 9.66 -15.29 -12.68
N ALA A 685 8.63 -16.11 -12.44
CA ALA A 685 8.07 -16.30 -11.11
C ALA A 685 8.78 -17.38 -10.28
N ASN A 686 9.71 -18.12 -10.89
CA ASN A 686 10.44 -19.16 -10.17
C ASN A 686 11.84 -18.70 -9.82
N SER A 687 12.39 -19.31 -8.78
CA SER A 687 13.79 -19.11 -8.37
C SER A 687 14.75 -19.56 -9.47
N SER A 688 15.93 -18.93 -9.51
CA SER A 688 17.03 -19.40 -10.37
C SER A 688 18.07 -20.21 -9.61
N ILE A 689 17.84 -20.45 -8.31
CA ILE A 689 18.77 -21.30 -7.53
C ILE A 689 18.53 -22.76 -7.82
N SER A 690 19.57 -23.47 -8.21
CA SER A 690 19.53 -24.94 -8.31
C SER A 690 19.89 -25.53 -6.95
N LYS A 691 20.99 -25.06 -6.37
CA LYS A 691 21.50 -25.57 -5.11
C LYS A 691 22.40 -24.55 -4.41
N ILE A 692 22.32 -24.51 -3.09
CA ILE A 692 23.32 -23.91 -2.24
C ILE A 692 23.84 -25.01 -1.33
N GLU A 693 25.16 -25.07 -1.17
CA GLU A 693 25.78 -26.13 -0.39
C GLU A 693 26.96 -25.60 0.39
N LEU A 694 27.01 -25.98 1.67
CA LEU A 694 28.14 -25.68 2.53
C LEU A 694 29.21 -26.72 2.20
N MET A 695 30.25 -26.30 1.48
CA MET A 695 31.34 -27.19 1.06
C MET A 695 32.38 -27.38 2.14
N LEU A 696 32.55 -26.36 2.99
CA LEU A 696 33.45 -26.42 4.11
C LEU A 696 32.81 -25.64 5.24
N ASP A 697 32.77 -26.24 6.43
CA ASP A 697 32.11 -25.65 7.59
C ASP A 697 32.96 -25.89 8.83
N THR A 698 34.03 -25.11 8.95
CA THR A 698 34.94 -25.19 10.08
C THR A 698 35.02 -23.85 10.79
N LYS A 699 35.64 -23.83 11.97
CA LYS A 699 35.86 -22.56 12.66
C LYS A 699 36.81 -21.64 11.89
N GLU A 700 37.77 -22.21 11.16
CA GLU A 700 38.78 -21.42 10.46
C GLU A 700 38.29 -20.94 9.08
N TYR A 701 37.50 -21.76 8.39
CA TYR A 701 37.04 -21.46 7.02
C TYR A 701 35.61 -21.90 6.77
N THR A 702 34.87 -21.07 6.03
CA THR A 702 33.53 -21.40 5.56
C THR A 702 33.55 -21.28 4.04
N ALA A 703 32.95 -22.25 3.35
CA ALA A 703 32.83 -22.16 1.89
C ALA A 703 31.43 -22.56 1.44
N VAL A 704 30.81 -21.70 0.63
CA VAL A 704 29.44 -21.91 0.12
C VAL A 704 29.48 -21.93 -1.39
N LEU A 705 28.96 -23.01 -1.97
CA LEU A 705 28.84 -23.18 -3.42
C LEU A 705 27.42 -22.85 -3.83
N ILE A 706 27.28 -22.00 -4.86
CA ILE A 706 25.99 -21.56 -5.37
C ILE A 706 25.86 -22.02 -6.82
N ASP A 707 24.85 -22.85 -7.09
CA ASP A 707 24.55 -23.35 -8.44
C ASP A 707 23.30 -22.67 -8.96
N ALA A 708 23.39 -22.00 -10.10
CA ALA A 708 22.20 -21.48 -10.77
C ALA A 708 21.60 -22.55 -11.65
N LYS A 709 20.33 -22.40 -12.00
CA LYS A 709 19.63 -23.34 -12.84
C LYS A 709 20.27 -23.44 -14.19
N SER A 710 20.88 -22.39 -14.66
CA SER A 710 21.64 -22.49 -15.91
C SER A 710 22.87 -23.31 -15.48
N ASN A 711 22.94 -24.55 -15.91
CA ASN A 711 24.00 -25.49 -15.54
C ASN A 711 25.48 -25.09 -15.57
N THR A 712 25.84 -24.05 -16.30
CA THR A 712 27.23 -23.66 -16.36
C THR A 712 27.55 -22.51 -15.44
N GLU A 713 26.59 -22.10 -14.61
CA GLU A 713 26.85 -20.96 -13.73
C GLU A 713 26.94 -21.42 -12.27
N GLN A 714 28.18 -21.54 -11.80
CA GLN A 714 28.52 -21.93 -10.43
C GLN A 714 29.53 -20.96 -9.85
N THR A 715 29.31 -20.57 -8.60
CA THR A 715 30.22 -19.70 -7.88
C THR A 715 30.47 -20.21 -6.47
N LEU A 716 31.60 -19.82 -5.91
CA LEU A 716 32.05 -20.27 -4.60
C LEU A 716 32.47 -19.06 -3.80
N LEU A 717 31.89 -18.89 -2.61
CA LEU A 717 32.36 -17.89 -1.64
C LEU A 717 33.14 -18.63 -0.57
N ILE A 718 34.39 -18.22 -0.36
CA ILE A 718 35.21 -18.75 0.73
C ILE A 718 35.50 -17.63 1.71
N LEU A 719 35.33 -17.91 3.00
CA LEU A 719 35.60 -16.95 4.08
C LEU A 719 36.68 -17.52 4.98
N ALA A 720 37.69 -16.71 5.27
CA ALA A 720 38.64 -16.96 6.35
C ALA A 720 38.07 -16.29 7.60
N ASN A 721 37.83 -17.07 8.64
CA ASN A 721 37.06 -16.60 9.81
C ASN A 721 37.88 -16.08 10.98
N GLU A 722 39.16 -16.39 11.04
CA GLU A 722 39.99 -16.07 12.21
C GLU A 722 41.20 -15.21 11.89
N ASN A 723 41.17 -14.53 10.74
CA ASN A 723 42.22 -13.59 10.36
C ASN A 723 41.68 -12.68 9.27
N LYS A 724 41.45 -11.42 9.63
CA LYS A 724 40.92 -10.42 8.72
C LYS A 724 41.97 -9.72 7.84
N ASN A 725 43.25 -9.99 8.09
CA ASN A 725 44.33 -9.25 7.42
C ASN A 725 44.23 -9.37 5.90
N VAL A 726 44.19 -8.24 5.21
CA VAL A 726 44.02 -8.22 3.75
C VAL A 726 45.18 -8.83 2.95
N ASN A 727 46.36 -8.93 3.57
CA ASN A 727 47.55 -9.51 2.93
C ASN A 727 47.89 -10.95 3.36
N LYS A 728 47.09 -11.53 4.25
CA LYS A 728 47.32 -12.92 4.70
C LYS A 728 46.93 -13.89 3.59
N GLU A 729 47.88 -14.74 3.16
CA GLU A 729 47.58 -15.77 2.17
C GLU A 729 46.96 -16.99 2.85
N HIS A 730 45.95 -17.56 2.20
CA HIS A 730 45.25 -18.76 2.68
C HIS A 730 45.40 -19.85 1.64
N ILE A 731 45.64 -21.06 2.10
CA ILE A 731 45.71 -22.27 1.26
C ILE A 731 44.82 -23.32 1.92
N ILE A 732 43.75 -23.73 1.25
CA ILE A 732 42.86 -24.77 1.76
C ILE A 732 42.51 -25.79 0.69
N GLU A 733 41.97 -26.91 1.13
CA GLU A 733 41.49 -27.97 0.24
C GLU A 733 39.99 -28.12 0.39
N ILE A 734 39.28 -28.15 -0.75
CA ILE A 734 37.85 -28.48 -0.78
C ILE A 734 37.65 -29.55 -1.86
N LYS A 735 37.15 -30.72 -1.45
CA LYS A 735 36.96 -31.88 -2.33
C LYS A 735 38.23 -32.22 -3.11
N GLY A 736 39.36 -32.24 -2.39
CA GLY A 736 40.65 -32.57 -2.96
C GLY A 736 41.32 -31.50 -3.79
N LYS A 737 40.66 -30.35 -3.98
CA LYS A 737 41.13 -29.28 -4.85
C LYS A 737 41.63 -28.13 -3.99
N GLU A 738 42.83 -27.62 -4.32
CA GLU A 738 43.44 -26.53 -3.57
C GLU A 738 42.87 -25.17 -4.02
N TYR A 739 42.57 -24.31 -3.05
CA TYR A 739 42.19 -22.92 -3.29
C TYR A 739 43.15 -22.02 -2.54
N ARG A 740 43.66 -21.00 -3.24
CA ARG A 740 44.63 -20.05 -2.69
C ARG A 740 44.15 -18.64 -2.96
N TRP A 741 44.21 -17.78 -1.94
CA TRP A 741 43.86 -16.36 -2.09
C TRP A 741 44.46 -15.57 -0.94
N THR A 742 44.43 -14.24 -1.05
CA THR A 742 44.82 -13.37 0.05
C THR A 742 43.63 -12.56 0.55
N GLY A 743 43.59 -12.37 1.87
CA GLY A 743 42.53 -11.60 2.49
C GLY A 743 41.42 -12.46 3.03
N PRO A 744 40.43 -11.83 3.69
CA PRO A 744 39.43 -12.58 4.44
C PRO A 744 38.37 -13.32 3.61
N TYR A 745 38.26 -13.02 2.31
CA TYR A 745 37.31 -13.73 1.46
C TYR A 745 37.75 -13.81 0.02
N GLN A 746 37.16 -14.78 -0.67
CA GLN A 746 37.28 -14.88 -2.11
C GLN A 746 35.94 -15.30 -2.69
N PHE A 747 35.54 -14.67 -3.78
CA PHE A 747 34.37 -15.09 -4.54
C PHE A 747 34.83 -15.42 -5.94
N ILE A 748 34.66 -16.68 -6.34
CA ILE A 748 35.20 -17.14 -7.62
C ILE A 748 34.18 -17.91 -8.44
N LYS A 749 34.26 -17.72 -9.74
CA LYS A 749 33.46 -18.48 -10.68
C LYS A 749 34.12 -19.85 -10.84
N ILE A 750 33.34 -20.91 -10.70
CA ILE A 750 33.84 -22.29 -10.80
C ILE A 750 33.54 -22.78 -12.21
N ASN A 751 34.61 -23.07 -12.96
CA ASN A 751 34.51 -23.46 -14.36
C ASN A 751 34.65 -24.97 -14.53
N ALA B 25 -13.47 -9.63 -54.78
CA ALA B 25 -14.07 -8.30 -54.46
C ALA B 25 -13.54 -7.68 -53.16
N GLN B 26 -13.46 -8.48 -52.09
CA GLN B 26 -13.12 -7.98 -50.76
C GLN B 26 -11.65 -7.55 -50.62
N GLU B 27 -11.45 -6.32 -50.15
CA GLU B 27 -10.10 -5.79 -49.86
C GLU B 27 -9.54 -6.43 -48.60
N HIS B 28 -8.22 -6.54 -48.53
CA HIS B 28 -7.53 -6.97 -47.32
C HIS B 28 -6.34 -6.06 -47.07
N PRO B 29 -6.17 -5.50 -45.87
CA PRO B 29 -7.08 -5.67 -44.72
C PRO B 29 -8.35 -4.83 -44.86
N SER B 30 -9.42 -5.23 -44.17
CA SER B 30 -10.64 -4.41 -44.10
C SER B 30 -11.44 -4.50 -42.79
N LEU B 31 -11.19 -5.50 -41.94
CA LEU B 31 -12.02 -5.72 -40.76
C LEU B 31 -11.82 -4.64 -39.69
N ILE B 32 -10.57 -4.40 -39.32
CA ILE B 32 -10.22 -3.53 -38.20
C ILE B 32 -9.37 -2.38 -38.75
N LEU B 33 -8.13 -2.68 -39.14
CA LEU B 33 -7.34 -1.75 -39.92
C LEU B 33 -7.85 -1.82 -41.35
N THR B 34 -8.16 -0.68 -41.95
CA THR B 34 -8.69 -0.62 -43.33
C THR B 34 -7.64 -0.06 -44.27
N LYS B 35 -7.83 -0.29 -45.57
CA LYS B 35 -6.92 0.22 -46.60
C LYS B 35 -6.82 1.75 -46.57
N ALA B 36 -7.97 2.41 -46.48
CA ALA B 36 -8.02 3.87 -46.35
C ALA B 36 -7.36 4.32 -45.05
N GLY B 37 -7.59 3.57 -43.97
CA GLY B 37 -6.92 3.81 -42.69
C GLY B 37 -5.40 3.80 -42.79
N VAL B 38 -4.85 2.82 -43.49
CA VAL B 38 -3.39 2.72 -43.67
C VAL B 38 -2.86 4.00 -44.32
N GLU B 39 -3.54 4.46 -45.37
CA GLU B 39 -3.13 5.70 -46.06
C GLU B 39 -3.21 6.91 -45.15
N LYS B 40 -4.30 7.04 -44.40
CA LYS B 40 -4.47 8.17 -43.47
C LYS B 40 -3.40 8.16 -42.38
N ILE B 41 -3.12 6.98 -41.82
CA ILE B 41 -2.08 6.83 -40.79
C ILE B 41 -0.72 7.28 -41.33
N ARG B 42 -0.33 6.73 -42.48
CA ARG B 42 0.96 7.05 -43.12
C ARG B 42 1.13 8.56 -43.37
N ALA B 43 0.05 9.22 -43.78
CA ALA B 43 0.05 10.66 -44.01
C ALA B 43 0.28 11.49 -42.75
N GLU B 44 -0.15 10.96 -41.59
CA GLU B 44 -0.06 11.69 -40.31
C GLU B 44 1.12 11.31 -39.42
N LEU B 45 1.82 10.20 -39.72
CA LEU B 45 2.95 9.75 -38.89
C LEU B 45 3.96 10.87 -38.66
N GLY B 46 4.42 10.96 -37.42
CA GLY B 46 5.30 12.05 -36.97
C GLY B 46 4.61 13.26 -36.37
N ASN B 47 3.29 13.39 -36.54
CA ASN B 47 2.52 14.52 -36.01
C ASN B 47 1.35 14.09 -35.12
N ILE B 48 1.43 12.89 -34.55
CA ILE B 48 0.35 12.34 -33.71
C ILE B 48 1.01 11.64 -32.52
N PRO B 49 1.54 12.42 -31.55
CA PRO B 49 2.38 11.88 -30.47
C PRO B 49 1.91 10.59 -29.80
N ILE B 50 0.66 10.52 -29.35
CA ILE B 50 0.17 9.30 -28.68
C ILE B 50 0.25 8.06 -29.59
N PHE B 51 -0.02 8.26 -30.88
CA PHE B 51 0.06 7.19 -31.87
C PHE B 51 1.52 6.86 -32.18
N ASP B 52 2.32 7.90 -32.44
CA ASP B 52 3.74 7.73 -32.74
C ASP B 52 4.47 6.99 -31.62
N ALA B 53 4.18 7.35 -30.37
CA ALA B 53 4.78 6.69 -29.21
C ALA B 53 4.38 5.21 -29.13
N THR B 54 3.11 4.92 -29.40
CA THR B 54 2.64 3.53 -29.41
C THR B 54 3.33 2.73 -30.50
N LEU B 55 3.43 3.31 -31.69
CA LEU B 55 4.09 2.67 -32.82
C LEU B 55 5.53 2.30 -32.50
N GLU B 56 6.28 3.25 -31.92
CA GLU B 56 7.68 3.00 -31.52
C GLU B 56 7.77 1.85 -30.52
N LYS B 57 6.89 1.86 -29.52
CA LYS B 57 6.87 0.81 -28.49
C LYS B 57 6.56 -0.57 -29.08
N VAL B 58 5.51 -0.64 -29.89
CA VAL B 58 5.10 -1.89 -30.49
C VAL B 58 6.14 -2.42 -31.48
N LYS B 59 6.74 -1.53 -32.26
CA LYS B 59 7.80 -1.93 -33.18
C LYS B 59 8.97 -2.57 -32.43
N ALA B 60 9.37 -1.97 -31.32
CA ALA B 60 10.45 -2.53 -30.50
C ALA B 60 10.08 -3.90 -29.92
N GLU B 61 8.85 -4.05 -29.43
CA GLU B 61 8.36 -5.34 -28.89
C GLU B 61 8.42 -6.44 -29.94
N VAL B 62 7.89 -6.15 -31.14
CA VAL B 62 7.84 -7.13 -32.21
C VAL B 62 9.25 -7.45 -32.72
N ASP B 63 10.07 -6.42 -32.92
CA ASP B 63 11.46 -6.63 -33.37
C ASP B 63 12.22 -7.55 -32.42
N ALA B 64 12.00 -7.38 -31.11
CA ALA B 64 12.66 -8.24 -30.12
C ALA B 64 12.22 -9.69 -30.26
N GLU B 65 10.92 -9.92 -30.45
CA GLU B 65 10.41 -11.28 -30.64
C GLU B 65 10.88 -11.91 -31.95
N ILE B 66 10.97 -11.12 -33.02
CA ILE B 66 11.53 -11.60 -34.28
C ILE B 66 12.98 -12.08 -34.08
N ALA B 67 13.76 -11.31 -33.35
CA ALA B 67 15.14 -11.70 -33.03
C ALA B 67 15.21 -13.03 -32.28
N LEU B 68 14.25 -13.27 -31.39
CA LEU B 68 14.21 -14.49 -30.59
C LEU B 68 13.80 -15.72 -31.40
N GLY B 69 13.02 -15.51 -32.46
CA GLY B 69 12.65 -16.58 -33.38
C GLY B 69 11.17 -16.89 -33.28
N ILE B 70 10.84 -18.14 -33.62
CA ILE B 70 9.46 -18.60 -33.70
C ILE B 70 9.39 -19.90 -32.91
N ASP B 71 8.62 -19.87 -31.82
CA ASP B 71 8.52 -21.00 -30.91
C ASP B 71 7.05 -21.38 -30.80
N THR B 72 6.72 -22.61 -31.19
CA THR B 72 5.36 -23.15 -31.13
C THR B 72 5.41 -24.48 -30.38
N PRO B 73 5.60 -24.43 -29.05
CA PRO B 73 5.85 -25.66 -28.31
C PRO B 73 4.63 -26.57 -28.18
N LEU B 74 4.90 -27.87 -28.05
CA LEU B 74 3.88 -28.84 -27.73
C LEU B 74 3.16 -28.41 -26.44
N PRO B 75 1.84 -28.18 -26.50
CA PRO B 75 1.19 -27.61 -25.31
C PRO B 75 1.18 -28.54 -24.10
N LYS B 76 1.47 -27.98 -22.92
CA LYS B 76 1.54 -28.75 -21.68
C LYS B 76 0.97 -28.05 -20.46
N ASP B 77 1.11 -26.73 -20.38
CA ASP B 77 0.99 -26.02 -19.10
C ASP B 77 -0.32 -25.30 -18.90
N TYR B 78 -0.61 -25.01 -17.63
CA TYR B 78 -1.64 -24.05 -17.25
C TYR B 78 -1.08 -22.63 -17.36
N SER B 79 -1.94 -21.64 -17.09
CA SER B 79 -1.58 -20.23 -17.17
C SER B 79 -0.37 -19.89 -16.29
N GLY B 80 0.49 -19.02 -16.82
CA GLY B 80 1.78 -18.70 -16.19
C GLY B 80 2.90 -19.67 -16.57
N GLY B 81 2.55 -20.88 -17.01
CA GLY B 81 3.53 -21.87 -17.45
C GLY B 81 3.96 -21.60 -18.87
N TYR B 82 5.13 -22.15 -19.23
CA TYR B 82 5.77 -21.79 -20.50
C TYR B 82 4.88 -21.94 -21.74
N THR B 83 4.22 -23.06 -21.93
CA THR B 83 3.53 -23.26 -23.21
C THR B 83 2.32 -22.33 -23.34
N HIS B 84 1.67 -22.05 -22.22
CA HIS B 84 0.55 -21.11 -22.19
C HIS B 84 1.04 -19.71 -22.54
N GLU B 85 2.08 -19.26 -21.83
CA GLU B 85 2.59 -17.92 -22.04
C GLU B 85 3.18 -17.72 -23.42
N ARG B 86 3.82 -18.76 -23.97
CA ARG B 86 4.43 -18.67 -25.29
C ARG B 86 3.37 -18.58 -26.40
N HIS B 87 2.36 -19.43 -26.35
CA HIS B 87 1.29 -19.37 -27.36
C HIS B 87 0.45 -18.11 -27.21
N LYS B 88 0.29 -17.63 -25.98
CA LYS B 88 -0.41 -16.37 -25.72
C LYS B 88 0.35 -15.18 -26.28
N ARG B 89 1.65 -15.10 -25.97
CA ARG B 89 2.48 -14.03 -26.53
C ARG B 89 2.48 -14.07 -28.06
N ASN B 90 2.51 -15.27 -28.63
CA ASN B 90 2.48 -15.39 -30.08
C ASN B 90 1.26 -14.73 -30.71
N PHE B 91 0.07 -14.90 -30.14
CA PHE B 91 -1.11 -14.25 -30.74
C PHE B 91 -1.07 -12.73 -30.63
N PHE B 92 -0.58 -12.22 -29.49
CA PHE B 92 -0.42 -10.77 -29.36
C PHE B 92 0.59 -10.23 -30.37
N ILE B 93 1.71 -10.92 -30.51
CA ILE B 93 2.77 -10.48 -31.43
C ILE B 93 2.32 -10.55 -32.89
N LEU B 94 1.56 -11.59 -33.25
CA LEU B 94 1.07 -11.71 -34.63
C LEU B 94 0.19 -10.53 -35.01
N GLN B 95 -0.76 -10.15 -34.15
CA GLN B 95 -1.62 -9.01 -34.45
C GLN B 95 -0.81 -7.71 -34.56
N LYS B 96 0.16 -7.54 -33.67
CA LYS B 96 1.05 -6.38 -33.73
C LYS B 96 1.84 -6.34 -35.03
N ALA B 97 2.44 -7.47 -35.39
CA ALA B 97 3.20 -7.57 -36.64
C ALA B 97 2.34 -7.23 -37.86
N GLY B 98 1.06 -7.61 -37.83
CA GLY B 98 0.16 -7.34 -38.95
C GLY B 98 -0.03 -5.87 -39.21
N VAL B 99 -0.29 -5.11 -38.16
CA VAL B 99 -0.46 -3.66 -38.30
C VAL B 99 0.88 -2.95 -38.62
N LEU B 100 1.98 -3.45 -38.07
CA LEU B 100 3.31 -2.93 -38.42
C LEU B 100 3.63 -3.12 -39.90
N TYR B 101 3.36 -4.31 -40.43
CA TYR B 101 3.55 -4.57 -41.86
C TYR B 101 2.83 -3.52 -42.70
N GLN B 102 1.55 -3.31 -42.40
CA GLN B 102 0.71 -2.38 -43.16
C GLN B 102 1.13 -0.91 -42.97
N ILE B 103 1.33 -0.49 -41.73
CA ILE B 103 1.67 0.91 -41.44
C ILE B 103 3.07 1.29 -41.94
N LEU B 104 4.06 0.44 -41.67
CA LEU B 104 5.45 0.71 -42.05
C LEU B 104 5.80 0.26 -43.47
N ASN B 105 4.91 -0.47 -44.12
CA ASN B 105 5.16 -1.03 -45.46
C ASN B 105 6.49 -1.80 -45.51
N ASP B 106 6.69 -2.66 -44.51
CA ASP B 106 7.94 -3.37 -44.31
C ASP B 106 7.66 -4.86 -44.26
N GLU B 107 8.09 -5.57 -45.30
CA GLU B 107 7.83 -7.00 -45.43
C GLU B 107 8.50 -7.88 -44.37
N LYS B 108 9.46 -7.38 -43.59
CA LYS B 108 10.03 -8.18 -42.51
C LYS B 108 8.91 -8.69 -41.57
N TYR B 109 7.88 -7.86 -41.36
CA TYR B 109 6.76 -8.22 -40.48
C TYR B 109 5.83 -9.24 -41.13
N ALA B 110 5.59 -9.09 -42.44
CA ALA B 110 4.79 -10.06 -43.18
C ALA B 110 5.46 -11.42 -43.26
N LEU B 111 6.77 -11.43 -43.47
CA LEU B 111 7.54 -12.67 -43.51
C LEU B 111 7.48 -13.42 -42.18
N TYR B 112 7.59 -12.68 -41.08
CA TYR B 112 7.50 -13.28 -39.76
C TYR B 112 6.13 -13.91 -39.53
N ILE B 113 5.07 -13.19 -39.90
CA ILE B 113 3.71 -13.71 -39.79
C ILE B 113 3.57 -14.99 -40.64
N LYS B 114 4.01 -14.94 -41.88
CA LYS B 114 3.93 -16.11 -42.76
C LYS B 114 4.66 -17.30 -42.14
N ASP B 115 5.89 -17.09 -41.70
CA ASP B 115 6.69 -18.17 -41.13
C ASP B 115 6.06 -18.72 -39.85
N MET B 116 5.52 -17.86 -39.00
CA MET B 116 4.88 -18.35 -37.78
C MET B 116 3.58 -19.08 -38.08
N LEU B 117 2.75 -18.55 -38.97
CA LEU B 117 1.52 -19.23 -39.37
C LEU B 117 1.80 -20.61 -39.95
N PHE B 118 2.82 -20.73 -40.80
CA PHE B 118 3.17 -22.03 -41.35
C PHE B 118 3.79 -22.98 -40.33
N GLN B 119 4.52 -22.47 -39.36
CA GLN B 119 4.99 -23.34 -38.28
C GLN B 119 3.80 -23.86 -37.47
N TYR B 120 2.83 -22.99 -37.18
CA TYR B 120 1.57 -23.44 -36.60
C TYR B 120 0.86 -24.49 -37.46
N GLU B 121 0.79 -24.24 -38.77
CA GLU B 121 0.14 -25.20 -39.69
C GLU B 121 0.83 -26.58 -39.64
N GLY B 122 2.15 -26.59 -39.43
CA GLY B 122 2.91 -27.83 -39.33
C GLY B 122 2.64 -28.66 -38.09
N MET B 123 2.11 -28.04 -37.04
CA MET B 123 1.88 -28.73 -35.77
C MET B 123 0.42 -28.86 -35.34
N TYR B 124 -0.42 -27.88 -35.65
CA TYR B 124 -1.76 -27.82 -35.05
C TYR B 124 -2.60 -29.06 -35.38
N LYS B 125 -2.61 -29.42 -36.66
CA LYS B 125 -3.37 -30.58 -37.14
C LYS B 125 -2.99 -31.92 -36.51
N ASP B 126 -1.78 -32.05 -35.96
CA ASP B 126 -1.33 -33.29 -35.32
C ASP B 126 -1.37 -33.26 -33.79
N LEU B 127 -1.82 -32.15 -33.22
CA LEU B 127 -1.92 -32.05 -31.77
C LEU B 127 -3.02 -32.94 -31.20
N PRO B 128 -2.77 -33.48 -30.00
CA PRO B 128 -3.85 -34.09 -29.25
C PRO B 128 -4.65 -32.99 -28.55
N VAL B 129 -5.75 -33.36 -27.91
CA VAL B 129 -6.40 -32.45 -26.97
C VAL B 129 -5.38 -32.08 -25.91
N HIS B 130 -5.44 -30.86 -25.39
CA HIS B 130 -4.49 -30.38 -24.39
C HIS B 130 -4.41 -31.38 -23.22
N PRO B 131 -3.18 -31.71 -22.75
CA PRO B 131 -3.08 -32.77 -21.74
C PRO B 131 -3.65 -32.44 -20.35
N GLN B 132 -3.77 -31.16 -20.01
CA GLN B 132 -4.44 -30.78 -18.75
C GLN B 132 -5.94 -31.03 -18.86
N THR B 133 -6.52 -31.57 -17.79
CA THR B 133 -7.90 -32.07 -17.82
C THR B 133 -8.93 -31.23 -17.05
N ARG B 134 -8.53 -30.10 -16.48
CA ARG B 134 -9.47 -29.31 -15.66
C ARG B 134 -10.67 -28.79 -16.44
N SER B 135 -10.44 -28.31 -17.65
CA SER B 135 -11.49 -27.61 -18.39
C SER B 135 -12.63 -28.51 -18.85
N TYR B 136 -13.83 -27.94 -18.80
CA TYR B 136 -15.05 -28.52 -19.36
C TYR B 136 -15.01 -28.48 -20.88
N ALA B 137 -14.09 -27.69 -21.45
CA ALA B 137 -13.87 -27.64 -22.89
C ALA B 137 -12.38 -27.50 -23.17
N ARG B 138 -11.66 -28.60 -23.01
CA ARG B 138 -10.20 -28.58 -23.19
C ARG B 138 -9.83 -28.06 -24.58
N GLY B 139 -8.85 -27.18 -24.63
CA GLY B 139 -8.37 -26.64 -25.89
C GLY B 139 -7.38 -27.57 -26.57
N LYS B 140 -6.72 -27.04 -27.60
CA LYS B 140 -5.63 -27.71 -28.31
C LYS B 140 -4.32 -26.97 -28.02
N LEU B 141 -4.25 -25.69 -28.37
CA LEU B 141 -3.09 -24.87 -28.02
C LEU B 141 -3.02 -24.56 -26.53
N PHE B 142 -4.18 -24.48 -25.89
CA PHE B 142 -4.28 -24.11 -24.49
C PHE B 142 -5.14 -25.08 -23.71
N TRP B 143 -5.08 -24.97 -22.39
CA TRP B 143 -5.83 -25.85 -21.49
C TRP B 143 -7.36 -25.76 -21.69
N GLN B 144 -7.82 -24.63 -22.23
CA GLN B 144 -9.26 -24.40 -22.44
C GLN B 144 -9.52 -23.74 -23.79
N CYS B 145 -10.68 -24.06 -24.36
CA CYS B 145 -11.12 -23.46 -25.62
C CYS B 145 -11.21 -21.93 -25.58
N LEU B 146 -11.47 -21.35 -24.40
CA LEU B 146 -11.47 -19.90 -24.29
C LEU B 146 -10.17 -19.29 -24.85
N ASN B 147 -9.04 -19.88 -24.47
CA ASN B 147 -7.75 -19.34 -24.87
C ASN B 147 -7.41 -19.65 -26.33
N ASP B 148 -7.80 -20.83 -26.82
CA ASP B 148 -7.71 -21.08 -28.27
C ASP B 148 -8.52 -20.01 -29.03
N SER B 149 -9.68 -19.63 -28.49
CA SER B 149 -10.50 -18.59 -29.11
C SER B 149 -9.84 -17.21 -29.05
N ASN B 150 -9.22 -16.88 -27.92
CA ASN B 150 -8.41 -15.64 -27.84
C ASN B 150 -7.43 -15.61 -29.02
N TRP B 151 -6.72 -16.72 -29.18
CA TRP B 151 -5.68 -16.85 -30.20
C TRP B 151 -6.25 -16.55 -31.59
N LEU B 152 -7.39 -17.14 -31.91
CA LEU B 152 -7.95 -16.96 -33.25
C LEU B 152 -8.50 -15.55 -33.47
N VAL B 153 -9.08 -14.91 -32.45
CA VAL B 153 -9.50 -13.51 -32.62
C VAL B 153 -8.32 -12.62 -33.02
N TYR B 154 -7.19 -12.79 -32.34
CA TYR B 154 -5.99 -11.98 -32.62
C TYR B 154 -5.33 -12.38 -33.95
N VAL B 155 -5.21 -13.69 -34.18
CA VAL B 155 -4.54 -14.16 -35.40
C VAL B 155 -5.36 -13.85 -36.66
N SER B 156 -6.69 -13.83 -36.55
CA SER B 156 -7.52 -13.43 -37.71
C SER B 156 -7.19 -12.01 -38.18
N GLN B 157 -6.86 -11.14 -37.23
CA GLN B 157 -6.47 -9.77 -37.57
C GLN B 157 -5.13 -9.73 -38.30
N ALA B 158 -4.18 -10.55 -37.85
CA ALA B 158 -2.90 -10.68 -38.54
C ALA B 158 -3.07 -11.24 -39.94
N TYR B 159 -3.93 -12.24 -40.08
CA TYR B 159 -4.20 -12.86 -41.39
C TYR B 159 -4.81 -11.85 -42.36
N ASP B 160 -5.72 -11.00 -41.88
CA ASP B 160 -6.30 -9.93 -42.69
C ASP B 160 -5.21 -8.97 -43.22
N CYS B 161 -4.21 -8.69 -42.39
CA CYS B 161 -3.10 -7.81 -42.77
C CYS B 161 -2.10 -8.41 -43.76
N VAL B 162 -1.94 -9.74 -43.79
CA VAL B 162 -0.98 -10.39 -44.71
C VAL B 162 -1.63 -11.16 -45.86
N TYR B 163 -2.96 -11.09 -45.96
CA TYR B 163 -3.72 -11.87 -46.92
C TYR B 163 -3.18 -11.73 -48.35
N ASP B 164 -2.95 -10.49 -48.79
CA ASP B 164 -2.45 -10.22 -50.15
C ASP B 164 -0.97 -10.52 -50.35
N TYR B 165 -0.19 -10.47 -49.27
CA TYR B 165 1.22 -10.84 -49.31
C TYR B 165 1.40 -12.35 -49.56
N LEU B 166 0.48 -13.15 -49.02
CA LEU B 166 0.50 -14.59 -49.24
C LEU B 166 0.02 -14.90 -50.66
N SER B 167 0.47 -16.03 -51.19
CA SER B 167 -0.03 -16.52 -52.46
C SER B 167 -1.37 -17.23 -52.23
N LYS B 168 -2.12 -17.40 -53.31
CA LYS B 168 -3.36 -18.18 -53.28
C LYS B 168 -3.11 -19.60 -52.73
N LYS B 169 -2.03 -20.22 -53.19
CA LYS B 169 -1.63 -21.53 -52.73
C LYS B 169 -1.38 -21.57 -51.21
N GLU B 170 -0.67 -20.57 -50.72
CA GLU B 170 -0.37 -20.46 -49.28
C GLU B 170 -1.65 -20.26 -48.46
N ARG B 171 -2.51 -19.35 -48.91
CA ARG B 171 -3.79 -19.13 -48.26
C ARG B 171 -4.65 -20.39 -48.22
N LYS B 172 -4.70 -21.12 -49.32
CA LYS B 172 -5.50 -22.33 -49.37
C LYS B 172 -5.06 -23.35 -48.34
N GLN B 173 -3.75 -23.54 -48.19
CA GLN B 173 -3.23 -24.50 -47.23
C GLN B 173 -3.51 -24.07 -45.79
N LEU B 174 -3.29 -22.78 -45.49
CA LEU B 174 -3.56 -22.29 -44.14
C LEU B 174 -5.04 -22.40 -43.78
N GLU B 175 -5.91 -22.05 -44.72
CA GLU B 175 -7.35 -22.13 -44.47
C GLU B 175 -7.82 -23.58 -44.32
N LYS B 176 -7.34 -24.46 -45.19
CA LYS B 176 -7.75 -25.87 -45.17
C LYS B 176 -7.23 -26.63 -43.94
N ASN B 177 -5.98 -26.39 -43.57
CA ASN B 177 -5.33 -27.23 -42.57
C ASN B 177 -5.03 -26.59 -41.24
N LEU B 178 -5.21 -25.26 -41.14
CA LEU B 178 -5.10 -24.57 -39.87
C LEU B 178 -6.42 -23.89 -39.49
N PHE B 179 -6.86 -22.89 -40.26
CA PHE B 179 -7.96 -22.03 -39.79
C PHE B 179 -9.33 -22.70 -39.74
N ARG B 180 -9.71 -23.41 -40.79
CA ARG B 180 -11.03 -24.08 -40.77
C ARG B 180 -11.12 -25.18 -39.71
N PRO B 181 -10.10 -26.04 -39.59
CA PRO B 181 -10.15 -27.03 -38.49
C PRO B 181 -10.18 -26.38 -37.10
N PHE B 182 -9.42 -25.30 -36.92
CA PHE B 182 -9.38 -24.56 -35.65
C PHE B 182 -10.77 -24.00 -35.32
N ALA B 183 -11.40 -23.36 -36.30
CA ALA B 183 -12.74 -22.78 -36.10
C ALA B 183 -13.77 -23.84 -35.74
N ASP B 184 -13.68 -25.01 -36.36
CA ASP B 184 -14.56 -26.14 -36.01
C ASP B 184 -14.28 -26.68 -34.62
N TYR B 185 -13.01 -26.74 -34.22
CA TYR B 185 -12.64 -27.26 -32.89
C TYR B 185 -13.30 -26.48 -31.77
N ILE B 186 -13.26 -25.15 -31.86
CA ILE B 186 -13.80 -24.26 -30.83
C ILE B 186 -15.30 -24.00 -30.97
N SER B 187 -15.96 -24.62 -31.96
CA SER B 187 -17.39 -24.43 -32.15
C SER B 187 -18.12 -25.77 -32.21
N ILE B 188 -18.29 -26.34 -33.40
CA ILE B 188 -19.10 -27.58 -33.54
C ILE B 188 -18.53 -28.79 -32.79
N GLU B 189 -17.22 -28.83 -32.55
CA GLU B 189 -16.62 -29.92 -31.79
C GLU B 189 -16.71 -29.72 -30.28
N ASN B 190 -16.97 -28.48 -29.84
CA ASN B 190 -17.13 -28.14 -28.43
C ASN B 190 -18.31 -27.20 -28.22
N PRO B 191 -19.53 -27.68 -28.55
CA PRO B 191 -20.70 -26.81 -28.45
C PRO B 191 -21.01 -26.37 -27.02
N GLN B 192 -20.58 -27.15 -26.03
CA GLN B 192 -20.72 -26.75 -24.62
C GLN B 192 -19.99 -25.46 -24.28
N PHE B 193 -18.89 -25.19 -24.98
CA PHE B 193 -18.15 -23.93 -24.86
C PHE B 193 -18.77 -22.82 -25.73
N TYR B 194 -19.14 -23.19 -26.94
CA TYR B 194 -19.49 -22.22 -27.99
C TYR B 194 -20.90 -21.65 -27.91
N ASN B 195 -21.87 -22.44 -27.44
CA ASN B 195 -23.28 -22.15 -27.70
C ASN B 195 -24.00 -21.54 -26.51
N ARG B 196 -23.29 -20.79 -25.67
CA ARG B 196 -23.86 -20.27 -24.43
C ARG B 196 -24.05 -18.75 -24.49
N VAL B 197 -24.71 -18.20 -23.47
CA VAL B 197 -24.65 -16.77 -23.16
C VAL B 197 -23.67 -16.66 -22.02
N HIS B 198 -22.44 -16.30 -22.37
CA HIS B 198 -21.31 -16.32 -21.44
CA HIS B 198 -21.31 -16.42 -21.48
C HIS B 198 -20.11 -15.71 -22.14
N ASN B 199 -19.23 -15.07 -21.36
CA ASN B 199 -18.02 -14.48 -21.94
C ASN B 199 -17.20 -15.48 -22.79
N HIS B 200 -17.11 -16.74 -22.37
CA HIS B 200 -16.54 -17.82 -23.20
C HIS B 200 -17.09 -17.89 -24.60
N SER B 201 -18.42 -17.91 -24.72
CA SER B 201 -19.07 -18.00 -26.02
C SER B 201 -18.93 -16.71 -26.84
N THR B 202 -18.90 -15.56 -26.17
CA THR B 202 -18.63 -14.31 -26.87
C THR B 202 -17.26 -14.36 -27.57
N TRP B 203 -16.25 -14.83 -26.83
CA TRP B 203 -14.92 -15.06 -27.43
C TRP B 203 -14.95 -16.09 -28.56
N GLY B 204 -15.63 -17.21 -28.34
CA GLY B 204 -15.75 -18.25 -29.36
C GLY B 204 -16.44 -17.76 -30.63
N ASN B 205 -17.59 -17.10 -30.44
CA ASN B 205 -18.35 -16.54 -31.56
C ASN B 205 -17.51 -15.52 -32.34
N ALA B 206 -16.84 -14.64 -31.62
CA ALA B 206 -15.96 -13.65 -32.25
C ALA B 206 -14.81 -14.32 -33.01
N ALA B 207 -14.21 -15.36 -32.45
CA ALA B 207 -13.11 -16.06 -33.13
C ALA B 207 -13.56 -16.64 -34.47
N VAL B 208 -14.67 -17.38 -34.44
CA VAL B 208 -15.23 -18.00 -35.66
C VAL B 208 -15.67 -16.92 -36.66
N GLY B 209 -16.31 -15.87 -36.16
CA GLY B 209 -16.79 -14.80 -37.02
C GLY B 209 -15.69 -13.99 -37.66
N MET B 210 -14.63 -13.70 -36.89
CA MET B 210 -13.52 -12.93 -37.42
C MET B 210 -12.84 -13.68 -38.56
N ILE B 211 -12.52 -14.95 -38.36
CA ILE B 211 -11.88 -15.72 -39.42
C ILE B 211 -12.84 -15.92 -40.61
N GLY B 212 -14.13 -16.10 -40.31
CA GLY B 212 -15.13 -16.17 -41.36
C GLY B 212 -15.20 -14.91 -42.21
N LEU B 213 -15.16 -13.75 -41.57
CA LEU B 213 -15.16 -12.47 -42.30
C LEU B 213 -13.92 -12.31 -43.19
N VAL B 214 -12.75 -12.68 -42.69
CA VAL B 214 -11.52 -12.58 -43.50
C VAL B 214 -11.61 -13.48 -44.72
N MET B 215 -12.09 -14.70 -44.52
CA MET B 215 -12.17 -15.71 -45.60
C MET B 215 -13.41 -15.58 -46.50
N GLY B 216 -14.38 -14.75 -46.12
CA GLY B 216 -15.63 -14.61 -46.86
C GLY B 216 -16.46 -15.87 -46.81
N ASP B 217 -16.47 -16.53 -45.65
CA ASP B 217 -17.17 -17.80 -45.49
C ASP B 217 -18.50 -17.58 -44.78
N GLU B 218 -19.58 -17.63 -45.55
CA GLU B 218 -20.90 -17.32 -45.03
C GLU B 218 -21.35 -18.29 -43.93
N GLU B 219 -21.01 -19.57 -44.06
CA GLU B 219 -21.37 -20.56 -43.04
C GLU B 219 -20.79 -20.18 -41.68
N LEU B 220 -19.49 -19.84 -41.66
CA LEU B 220 -18.85 -19.46 -40.40
C LEU B 220 -19.40 -18.15 -39.85
N ILE B 221 -19.70 -17.20 -40.73
CA ILE B 221 -20.27 -15.92 -40.31
C ILE B 221 -21.64 -16.14 -39.67
N GLN B 222 -22.48 -16.98 -40.29
CA GLN B 222 -23.77 -17.33 -39.72
C GLN B 222 -23.65 -18.08 -38.39
N ARG B 223 -22.69 -18.99 -38.30
CA ARG B 223 -22.41 -19.70 -37.04
C ARG B 223 -21.97 -18.74 -35.94
N ALA B 224 -21.22 -17.71 -36.31
CA ALA B 224 -20.80 -16.66 -35.36
C ALA B 224 -21.99 -15.84 -34.87
N LEU B 225 -22.87 -15.45 -35.79
CA LEU B 225 -24.01 -14.59 -35.46
C LEU B 225 -25.14 -15.32 -34.73
N TYR B 226 -25.42 -16.56 -35.09
CA TYR B 226 -26.60 -17.29 -34.61
C TYR B 226 -26.31 -18.61 -33.91
N GLY B 227 -25.03 -18.95 -33.72
CA GLY B 227 -24.65 -20.16 -33.02
C GLY B 227 -24.91 -21.44 -33.81
N ILE B 228 -24.90 -22.55 -33.08
CA ILE B 228 -25.08 -23.89 -33.64
C ILE B 228 -26.54 -24.29 -33.44
N GLU B 229 -27.18 -24.74 -34.51
CA GLU B 229 -28.55 -25.28 -34.44
C GLU B 229 -28.51 -26.73 -33.98
N ASP B 230 -29.36 -27.06 -33.01
CA ASP B 230 -29.55 -28.43 -32.54
C ASP B 230 -28.23 -29.00 -31.99
N ASP B 231 -27.75 -28.39 -30.91
CA ASP B 231 -26.46 -28.76 -30.30
C ASP B 231 -26.46 -30.09 -29.53
N GLY B 232 -27.64 -30.64 -29.25
CA GLY B 232 -27.75 -31.92 -28.55
C GLY B 232 -27.33 -31.92 -27.08
N LEU B 233 -27.13 -30.73 -26.50
CA LEU B 233 -26.66 -30.63 -25.12
C LEU B 233 -27.79 -30.97 -24.14
N PRO B 234 -27.48 -31.74 -23.09
CA PRO B 234 -28.50 -32.19 -22.15
C PRO B 234 -28.76 -31.20 -21.03
N ILE B 235 -29.73 -31.57 -20.18
CA ILE B 235 -30.18 -30.72 -19.08
C ILE B 235 -29.21 -30.81 -17.93
N GLY B 236 -28.98 -29.67 -17.30
CA GLY B 236 -28.18 -29.61 -16.12
C GLY B 236 -26.70 -29.68 -16.41
N ALA B 237 -26.34 -29.70 -17.70
CA ALA B 237 -24.94 -29.68 -18.10
C ALA B 237 -24.34 -28.41 -17.53
N LYS B 238 -23.19 -28.55 -16.87
CA LYS B 238 -22.50 -27.41 -16.28
C LYS B 238 -21.06 -27.35 -16.74
N ASP B 239 -20.43 -26.24 -16.39
CA ASP B 239 -18.97 -26.09 -16.45
C ASP B 239 -18.38 -26.11 -15.01
N ASN B 240 -17.26 -25.43 -14.75
CA ASN B 240 -16.48 -25.61 -13.51
C ASN B 240 -16.59 -24.53 -12.44
N ASP B 241 -17.37 -23.48 -12.70
CA ASP B 241 -17.57 -22.43 -11.71
C ASP B 241 -18.99 -22.46 -11.16
N GLY B 242 -19.68 -23.57 -11.39
CA GLY B 242 -21.04 -23.78 -10.91
C GLY B 242 -22.17 -23.38 -11.85
N GLY B 243 -21.86 -23.11 -13.13
CA GLY B 243 -22.84 -22.53 -14.08
C GLY B 243 -23.33 -23.42 -15.19
N PHE B 244 -24.60 -23.23 -15.57
CA PHE B 244 -25.20 -24.04 -16.61
C PHE B 244 -24.69 -23.68 -17.99
N ILE B 245 -24.50 -24.71 -18.81
CA ILE B 245 -24.06 -24.53 -20.18
C ILE B 245 -25.13 -23.77 -20.96
N LYS B 246 -26.36 -24.25 -20.87
CA LYS B 246 -27.50 -23.71 -21.59
C LYS B 246 -28.57 -23.27 -20.62
N VAL B 247 -29.38 -22.31 -21.05
CA VAL B 247 -30.56 -21.86 -20.31
C VAL B 247 -31.77 -21.99 -21.22
N GLU B 248 -32.85 -22.58 -20.68
CA GLU B 248 -34.07 -22.84 -21.43
C GLU B 248 -34.58 -21.61 -22.20
N GLY B 249 -34.81 -21.78 -23.51
CA GLY B 249 -35.38 -20.74 -24.35
C GLY B 249 -34.43 -19.69 -24.88
N GLN B 250 -33.16 -19.76 -24.48
CA GLN B 250 -32.18 -18.76 -24.85
C GLN B 250 -31.55 -19.14 -26.18
N LYS B 251 -31.32 -18.15 -27.03
CA LYS B 251 -30.64 -18.38 -28.30
C LYS B 251 -29.13 -18.43 -28.06
N ALA B 252 -28.40 -18.78 -29.12
CA ALA B 252 -26.94 -18.85 -29.11
C ALA B 252 -26.39 -17.90 -30.17
N GLY B 253 -25.09 -17.65 -30.11
CA GLY B 253 -24.42 -16.78 -31.07
C GLY B 253 -24.19 -15.37 -30.56
N PHE B 254 -23.49 -14.60 -31.39
CA PHE B 254 -23.03 -13.27 -31.00
C PHE B 254 -24.17 -12.32 -30.65
N LEU B 255 -25.24 -12.36 -31.43
CA LEU B 255 -26.35 -11.44 -31.20
C LEU B 255 -27.05 -11.76 -29.87
N ALA B 256 -27.22 -13.05 -29.57
CA ALA B 256 -27.74 -13.48 -28.26
C ALA B 256 -26.86 -13.00 -27.10
N ASN B 257 -25.55 -13.00 -27.31
CA ASN B 257 -24.63 -12.49 -26.29
C ASN B 257 -24.64 -10.97 -26.12
N ILE B 258 -25.15 -10.24 -27.10
CA ILE B 258 -25.40 -8.82 -26.93
C ILE B 258 -26.73 -8.62 -26.18
N ASP B 259 -27.75 -9.36 -26.61
CA ASP B 259 -29.10 -9.12 -26.10
C ASP B 259 -29.33 -9.51 -24.64
N GLU B 260 -28.79 -10.65 -24.23
CA GLU B 260 -29.14 -11.23 -22.93
C GLU B 260 -28.39 -10.70 -21.70
N PRO B 261 -27.05 -10.60 -21.74
CA PRO B 261 -26.29 -10.24 -20.55
C PRO B 261 -26.03 -8.74 -20.35
N PHE B 262 -26.49 -7.90 -21.30
CA PHE B 262 -26.43 -6.46 -21.14
C PHE B 262 -27.82 -5.95 -20.81
N SER B 263 -27.90 -5.03 -19.85
CA SER B 263 -29.14 -4.32 -19.59
C SER B 263 -29.27 -3.15 -20.55
N PRO B 264 -30.44 -2.50 -20.55
CA PRO B 264 -30.58 -1.29 -21.38
C PRO B 264 -29.70 -0.11 -20.97
N ASP B 265 -29.08 -0.18 -19.78
CA ASP B 265 -28.09 0.81 -19.35
C ASP B 265 -26.65 0.44 -19.73
N GLY B 266 -26.46 -0.66 -20.46
CA GLY B 266 -25.13 -1.10 -20.85
C GLY B 266 -24.34 -1.76 -19.73
N TYR B 267 -25.04 -2.20 -18.69
CA TYR B 267 -24.42 -2.94 -17.59
C TYR B 267 -24.36 -4.41 -17.97
N TYR B 268 -23.16 -4.97 -17.96
CA TYR B 268 -22.93 -6.38 -18.26
C TYR B 268 -23.08 -7.18 -16.97
N THR B 269 -23.93 -8.20 -17.00
CA THR B 269 -24.40 -8.86 -15.77
C THR B 269 -23.31 -9.62 -15.00
N GLU B 270 -22.23 -10.01 -15.65
CA GLU B 270 -21.12 -10.70 -14.97
C GLU B 270 -20.34 -9.75 -14.04
N GLY B 271 -20.53 -8.44 -14.16
CA GLY B 271 -19.85 -7.45 -13.34
C GLY B 271 -18.67 -6.86 -14.09
N PRO B 272 -18.09 -5.76 -13.58
CA PRO B 272 -17.13 -5.02 -14.40
C PRO B 272 -15.82 -5.75 -14.75
N TYR B 273 -15.30 -6.58 -13.87
CA TYR B 273 -14.07 -7.32 -14.16
C TYR B 273 -14.28 -8.20 -15.39
N TYR B 274 -15.40 -8.93 -15.44
CA TYR B 274 -15.71 -9.74 -16.63
C TYR B 274 -16.23 -8.94 -17.80
N GLN B 275 -16.88 -7.80 -17.55
CA GLN B 275 -17.26 -6.93 -18.66
C GLN B 275 -16.00 -6.47 -19.39
N ARG B 276 -14.99 -6.06 -18.63
CA ARG B 276 -13.69 -5.69 -19.18
C ARG B 276 -13.17 -6.77 -20.13
N TYR B 277 -13.22 -8.02 -19.69
CA TYR B 277 -12.71 -9.15 -20.49
C TYR B 277 -13.51 -9.32 -21.79
N ALA B 278 -14.84 -9.28 -21.69
CA ALA B 278 -15.73 -9.46 -22.84
C ALA B 278 -15.74 -8.28 -23.81
N MET B 279 -15.36 -7.09 -23.37
CA MET B 279 -15.39 -5.89 -24.23
C MET B 279 -14.54 -6.06 -25.48
N TYR B 280 -13.42 -6.76 -25.36
CA TYR B 280 -12.54 -6.95 -26.50
C TYR B 280 -13.24 -7.70 -27.64
N PRO B 281 -13.71 -8.95 -27.41
CA PRO B 281 -14.39 -9.63 -28.53
C PRO B 281 -15.69 -8.94 -28.97
N PHE B 282 -16.45 -8.37 -28.04
CA PHE B 282 -17.67 -7.64 -28.42
C PHE B 282 -17.36 -6.51 -29.39
N LEU B 283 -16.42 -5.64 -29.03
CA LEU B 283 -16.17 -4.44 -29.85
C LEU B 283 -15.34 -4.72 -31.09
N ILE B 284 -14.40 -5.67 -31.03
CA ILE B 284 -13.61 -6.05 -32.20
C ILE B 284 -14.47 -6.72 -33.25
N PHE B 285 -15.27 -7.71 -32.86
CA PHE B 285 -16.14 -8.38 -33.84
C PHE B 285 -17.24 -7.42 -34.33
N ALA B 286 -17.75 -6.55 -33.46
CA ALA B 286 -18.71 -5.52 -33.90
C ALA B 286 -18.07 -4.59 -34.93
N GLU B 287 -16.86 -4.12 -34.66
CA GLU B 287 -16.16 -3.28 -35.63
C GLU B 287 -16.00 -4.00 -36.98
N ALA B 288 -15.59 -5.26 -36.94
CA ALA B 288 -15.41 -6.06 -38.16
C ALA B 288 -16.72 -6.21 -38.92
N LEU B 289 -17.81 -6.48 -38.21
CA LEU B 289 -19.13 -6.58 -38.84
C LEU B 289 -19.55 -5.25 -39.44
N HIS B 290 -19.30 -4.16 -38.73
CA HIS B 290 -19.62 -2.83 -39.25
C HIS B 290 -18.91 -2.55 -40.57
N ASN B 291 -17.62 -2.84 -40.62
CA ASN B 291 -16.81 -2.57 -41.80
C ASN B 291 -17.09 -3.51 -42.98
N VAL B 292 -17.29 -4.79 -42.71
CA VAL B 292 -17.49 -5.80 -43.77
C VAL B 292 -18.96 -6.03 -44.12
N ARG B 293 -19.83 -5.98 -43.11
CA ARG B 293 -21.26 -6.27 -43.26
C ARG B 293 -22.10 -5.15 -42.62
N PRO B 294 -22.02 -3.92 -43.17
CA PRO B 294 -22.75 -2.79 -42.58
C PRO B 294 -24.27 -2.99 -42.49
N GLN B 295 -24.82 -3.84 -43.35
CA GLN B 295 -26.25 -4.20 -43.32
C GLN B 295 -26.71 -4.86 -42.01
N GLN B 296 -25.79 -5.45 -41.25
CA GLN B 296 -26.09 -6.02 -39.95
C GLN B 296 -26.47 -4.95 -38.91
N LYS B 297 -26.00 -3.71 -39.10
CA LYS B 297 -26.27 -2.60 -38.19
C LYS B 297 -25.90 -2.95 -36.76
N ILE B 298 -24.72 -3.54 -36.59
CA ILE B 298 -24.32 -4.11 -35.30
C ILE B 298 -24.19 -3.07 -34.18
N PHE B 299 -23.74 -1.85 -34.51
CA PHE B 299 -23.64 -0.79 -33.52
C PHE B 299 -24.98 -0.17 -33.14
N GLU B 300 -26.04 -0.51 -33.89
CA GLU B 300 -27.43 -0.16 -33.51
C GLU B 300 -28.13 -1.26 -32.72
N HIS B 301 -27.53 -2.45 -32.65
CA HIS B 301 -28.19 -3.61 -32.01
C HIS B 301 -28.51 -3.34 -30.54
N LYS B 302 -29.71 -3.75 -30.12
CA LYS B 302 -30.21 -3.51 -28.76
C LYS B 302 -30.05 -2.04 -28.34
N ASP B 303 -30.58 -1.13 -29.17
CA ASP B 303 -30.56 0.31 -28.89
C ASP B 303 -29.12 0.83 -28.65
N GLY B 304 -28.16 0.32 -29.43
CA GLY B 304 -26.77 0.77 -29.37
C GLY B 304 -26.06 0.40 -28.09
N VAL B 305 -26.36 -0.78 -27.55
CA VAL B 305 -25.88 -1.12 -26.20
C VAL B 305 -24.36 -1.27 -26.10
N LEU B 306 -23.71 -1.78 -27.16
CA LEU B 306 -22.26 -2.00 -27.08
C LEU B 306 -21.49 -0.70 -26.89
N LEU B 307 -21.85 0.34 -27.65
CA LEU B 307 -21.21 1.65 -27.48
C LEU B 307 -21.53 2.25 -26.10
N LYS B 308 -22.78 2.13 -25.66
CA LYS B 308 -23.16 2.63 -24.34
C LYS B 308 -22.38 1.93 -23.22
N SER B 309 -22.16 0.63 -23.40
CA SER B 309 -21.54 -0.19 -22.35
C SER B 309 -20.11 0.23 -22.02
N VAL B 310 -19.43 0.88 -22.98
CA VAL B 310 -18.08 1.39 -22.75
C VAL B 310 -18.14 2.52 -21.70
N ASN B 311 -19.06 3.46 -21.86
CA ASN B 311 -19.27 4.51 -20.86
C ASN B 311 -19.66 3.93 -19.50
N THR B 312 -20.55 2.95 -19.53
CA THR B 312 -20.99 2.31 -18.29
C THR B 312 -19.83 1.65 -17.56
N LEU B 313 -18.98 0.93 -18.30
CA LEU B 313 -17.85 0.27 -17.68
C LEU B 313 -16.87 1.27 -17.08
N LEU B 314 -16.58 2.35 -17.81
CA LEU B 314 -15.73 3.42 -17.27
C LEU B 314 -16.30 4.02 -15.98
N SER B 315 -17.63 4.17 -15.92
CA SER B 315 -18.28 4.65 -14.70
C SER B 315 -18.20 3.68 -13.51
N LEU B 316 -17.92 2.40 -13.79
CA LEU B 316 -17.74 1.38 -12.75
C LEU B 316 -16.28 1.23 -12.31
N SER B 317 -15.51 2.31 -12.40
CA SER B 317 -14.14 2.35 -11.90
C SER B 317 -14.03 3.41 -10.82
N ASP B 318 -13.09 3.19 -9.89
CA ASP B 318 -12.80 4.14 -8.83
C ASP B 318 -11.97 5.31 -9.38
N ALA B 319 -11.52 6.20 -8.49
CA ALA B 319 -10.82 7.40 -8.92
C ALA B 319 -9.52 7.14 -9.67
N ASP B 320 -8.92 5.96 -9.45
CA ASP B 320 -7.69 5.57 -10.16
C ASP B 320 -7.96 4.72 -11.38
N GLY B 321 -9.23 4.56 -11.75
CA GLY B 321 -9.60 3.78 -12.92
C GLY B 321 -9.67 2.29 -12.68
N GLU B 322 -9.60 1.86 -11.42
CA GLU B 322 -9.64 0.43 -11.09
C GLU B 322 -11.08 -0.01 -10.91
N PHE B 323 -11.48 -1.07 -11.60
CA PHE B 323 -12.88 -1.52 -11.54
C PHE B 323 -13.26 -2.02 -10.16
N PHE B 324 -14.49 -1.69 -9.73
CA PHE B 324 -14.96 -2.11 -8.42
C PHE B 324 -15.02 -3.64 -8.39
N PRO B 325 -14.51 -4.25 -7.31
CA PRO B 325 -14.37 -5.71 -7.30
C PRO B 325 -15.67 -6.46 -6.93
N LEU B 326 -16.69 -6.29 -7.77
CA LEU B 326 -17.98 -6.93 -7.59
C LEU B 326 -17.95 -8.30 -8.24
N ASN B 327 -18.57 -9.29 -7.58
CA ASN B 327 -18.56 -10.68 -8.06
C ASN B 327 -17.11 -11.18 -8.21
N ASP B 328 -16.84 -12.21 -9.02
CA ASP B 328 -15.43 -12.62 -9.21
C ASP B 328 -14.70 -11.49 -9.93
N ALA B 329 -13.69 -10.92 -9.25
CA ALA B 329 -12.98 -9.75 -9.73
C ALA B 329 -11.64 -9.64 -9.04
N GLN B 330 -10.55 -9.57 -9.81
CA GLN B 330 -9.23 -9.34 -9.23
C GLN B 330 -9.01 -7.85 -9.08
N LYS B 331 -8.63 -7.43 -7.88
CA LYS B 331 -8.36 -6.02 -7.63
C LYS B 331 -7.12 -5.57 -8.40
N GLY B 332 -7.21 -4.36 -8.97
CA GLY B 332 -6.13 -3.81 -9.77
C GLY B 332 -6.43 -3.77 -11.25
N MET B 333 -7.37 -4.59 -11.72
CA MET B 333 -7.80 -4.50 -13.12
C MET B 333 -8.41 -3.11 -13.33
N SER B 334 -8.04 -2.47 -14.43
CA SER B 334 -8.33 -1.04 -14.60
C SER B 334 -8.55 -0.69 -16.05
N TYR B 335 -8.96 0.55 -16.29
CA TYR B 335 -9.12 1.01 -17.67
C TYR B 335 -7.82 1.32 -18.39
N HIS B 336 -6.68 1.05 -17.75
CA HIS B 336 -5.40 0.99 -18.46
C HIS B 336 -5.18 -0.31 -19.21
N SER B 337 -6.06 -1.30 -19.02
CA SER B 337 -5.90 -2.60 -19.68
C SER B 337 -6.08 -2.51 -21.19
N ARG B 338 -5.52 -3.50 -21.88
CA ARG B 338 -5.61 -3.55 -23.35
C ARG B 338 -7.06 -3.56 -23.84
N GLU B 339 -7.95 -4.21 -23.08
CA GLU B 339 -9.35 -4.27 -23.47
C GLU B 339 -9.98 -2.88 -23.48
N LEU B 340 -9.60 -2.03 -22.52
CA LEU B 340 -10.16 -0.67 -22.46
C LEU B 340 -9.49 0.31 -23.41
N VAL B 341 -8.22 0.10 -23.77
CA VAL B 341 -7.61 0.89 -24.84
C VAL B 341 -8.42 0.63 -26.12
N THR B 342 -8.69 -0.65 -26.38
CA THR B 342 -9.46 -1.08 -27.53
C THR B 342 -10.87 -0.49 -27.50
N ALA B 343 -11.55 -0.64 -26.36
CA ALA B 343 -12.95 -0.24 -26.26
C ALA B 343 -13.13 1.28 -26.39
N VAL B 344 -12.26 2.04 -25.73
CA VAL B 344 -12.30 3.51 -25.79
C VAL B 344 -12.11 3.98 -27.23
N ASP B 345 -11.12 3.42 -27.93
CA ASP B 345 -10.81 3.87 -29.29
C ASP B 345 -11.91 3.50 -30.27
N ILE B 346 -12.43 2.27 -30.18
CA ILE B 346 -13.54 1.86 -31.05
C ILE B 346 -14.80 2.70 -30.77
N ALA B 347 -15.13 2.90 -29.49
CA ALA B 347 -16.30 3.70 -29.14
C ALA B 347 -16.17 5.14 -29.65
N TYR B 348 -14.97 5.71 -29.54
CA TYR B 348 -14.75 7.07 -30.04
C TYR B 348 -14.98 7.16 -31.55
N HIS B 349 -14.37 6.25 -32.29
CA HIS B 349 -14.37 6.30 -33.77
C HIS B 349 -15.69 5.91 -34.42
N TYR B 350 -16.33 4.85 -33.90
CA TYR B 350 -17.56 4.32 -34.48
C TYR B 350 -18.85 4.80 -33.77
N GLY B 351 -18.70 5.44 -32.61
CA GLY B 351 -19.82 6.03 -31.89
C GLY B 351 -20.03 7.47 -32.32
N ASN B 352 -20.48 8.31 -31.38
CA ASN B 352 -20.74 9.72 -31.68
C ASN B 352 -19.54 10.66 -31.41
N HIS B 353 -18.34 10.09 -31.30
CA HIS B 353 -17.10 10.86 -31.09
C HIS B 353 -17.18 11.65 -29.77
N ASN B 354 -17.47 10.91 -28.71
CA ASN B 354 -17.61 11.48 -27.37
C ASN B 354 -16.26 12.02 -26.89
N PRO B 355 -16.15 13.36 -26.73
CA PRO B 355 -14.84 13.91 -26.36
C PRO B 355 -14.36 13.50 -24.97
N GLN B 356 -15.27 13.07 -24.10
CA GLN B 356 -14.88 12.55 -22.79
C GLN B 356 -14.01 11.31 -22.87
N LEU B 357 -14.19 10.52 -23.92
CA LEU B 357 -13.35 9.33 -24.13
C LEU B 357 -11.89 9.68 -24.42
N LEU B 358 -11.65 10.85 -25.00
CA LEU B 358 -10.29 11.29 -25.30
C LEU B 358 -9.45 11.52 -24.04
N SER B 359 -10.07 11.97 -22.95
CA SER B 359 -9.33 12.15 -21.69
C SER B 359 -8.89 10.80 -21.11
N ILE B 360 -9.73 9.77 -21.28
CA ILE B 360 -9.36 8.42 -20.87
C ILE B 360 -8.18 7.94 -21.72
N ALA B 361 -8.25 8.15 -23.04
CA ALA B 361 -7.14 7.81 -23.92
C ALA B 361 -5.83 8.50 -23.51
N GLU B 362 -5.92 9.78 -23.14
CA GLU B 362 -4.73 10.51 -22.68
C GLU B 362 -4.14 9.89 -21.41
N GLU B 363 -4.99 9.48 -20.49
CA GLU B 363 -4.54 8.77 -19.29
C GLU B 363 -3.91 7.42 -19.61
N GLN B 364 -4.50 6.70 -20.57
CA GLN B 364 -3.94 5.43 -21.02
C GLN B 364 -2.55 5.62 -21.64
N GLY B 365 -2.38 6.72 -22.38
CA GLY B 365 -1.08 7.04 -22.98
C GLY B 365 -0.72 6.20 -24.18
N GLN B 366 -1.70 5.50 -24.75
CA GLN B 366 -1.51 4.73 -25.97
C GLN B 366 -2.84 4.61 -26.69
N VAL B 367 -2.76 4.23 -27.96
CA VAL B 367 -3.94 4.00 -28.80
C VAL B 367 -3.73 2.73 -29.62
N LEU B 368 -4.81 2.23 -30.20
CA LEU B 368 -4.71 1.16 -31.19
C LEU B 368 -3.98 1.67 -32.42
N LEU B 369 -3.21 0.80 -33.06
CA LEU B 369 -2.50 1.15 -34.29
C LEU B 369 -3.40 0.83 -35.48
N ASP B 370 -4.47 1.61 -35.59
CA ASP B 370 -5.47 1.43 -36.65
C ASP B 370 -6.30 2.69 -36.83
N ASP B 371 -7.30 2.62 -37.71
CA ASP B 371 -8.20 3.74 -37.99
C ASP B 371 -8.73 4.40 -36.71
N SER B 372 -9.18 3.58 -35.77
CA SER B 372 -9.79 4.09 -34.54
C SER B 372 -8.77 4.80 -33.63
N GLY B 373 -7.57 4.26 -33.52
CA GLY B 373 -6.51 4.92 -32.77
C GLY B 373 -6.06 6.23 -33.38
N LEU B 374 -6.01 6.27 -34.71
CA LEU B 374 -5.74 7.51 -35.42
C LEU B 374 -6.78 8.57 -35.11
N ALA B 375 -8.06 8.19 -35.15
CA ALA B 375 -9.16 9.12 -34.84
C ALA B 375 -8.99 9.72 -33.44
N VAL B 376 -8.64 8.88 -32.47
CA VAL B 376 -8.40 9.34 -31.10
C VAL B 376 -7.21 10.30 -31.05
N ALA B 377 -6.11 9.92 -31.69
CA ALA B 377 -4.91 10.76 -31.74
C ALA B 377 -5.20 12.13 -32.36
N LEU B 378 -5.98 12.15 -33.44
CA LEU B 378 -6.33 13.39 -34.11
C LEU B 378 -7.26 14.25 -33.26
N GLY B 379 -8.24 13.62 -32.61
CA GLY B 379 -9.12 14.32 -31.67
C GLY B 379 -8.35 15.00 -30.55
N ILE B 380 -7.35 14.31 -30.01
CA ILE B 380 -6.48 14.87 -28.98
C ILE B 380 -5.69 16.05 -29.54
N ARG B 381 -5.05 15.85 -30.69
CA ARG B 381 -4.27 16.93 -31.33
C ARG B 381 -5.10 18.18 -31.63
N GLU B 382 -6.35 17.98 -32.04
CA GLU B 382 -7.28 19.09 -32.35
C GLU B 382 -7.87 19.79 -31.10
N GLY B 383 -7.44 19.39 -29.91
CA GLY B 383 -7.86 20.04 -28.66
C GLY B 383 -9.26 19.69 -28.21
N LYS B 384 -9.78 18.54 -28.64
CA LYS B 384 -11.16 18.16 -28.36
C LYS B 384 -11.37 17.46 -27.02
N SER B 385 -10.30 17.08 -26.34
CA SER B 385 -10.45 16.30 -25.09
C SER B 385 -11.25 17.04 -24.02
N GLU B 386 -12.18 16.32 -23.40
CA GLU B 386 -12.96 16.80 -22.24
C GLU B 386 -12.86 15.74 -21.15
N ASP B 387 -12.89 16.17 -19.89
CA ASP B 387 -12.73 15.24 -18.77
C ASP B 387 -13.90 14.25 -18.70
N PHE B 388 -13.60 12.99 -18.44
CA PHE B 388 -14.64 11.98 -18.29
C PHE B 388 -15.28 12.14 -16.92
N GLN B 389 -16.57 12.46 -16.91
CA GLN B 389 -17.27 12.76 -15.67
C GLN B 389 -17.65 11.48 -14.96
N LYS B 390 -17.23 11.38 -13.71
CA LYS B 390 -17.50 10.22 -12.86
C LYS B 390 -18.62 10.65 -11.93
N LYS B 391 -19.82 10.14 -12.20
CA LYS B 391 -21.04 10.66 -11.58
C LYS B 391 -21.73 9.60 -10.77
N SER B 392 -22.67 10.04 -9.92
CA SER B 392 -23.63 9.13 -9.32
C SER B 392 -24.48 8.57 -10.45
N ILE B 393 -24.76 7.27 -10.39
CA ILE B 393 -25.42 6.60 -11.50
C ILE B 393 -26.20 5.38 -10.98
N LYS B 394 -27.35 5.15 -11.60
CA LYS B 394 -28.19 3.98 -11.40
C LYS B 394 -28.04 3.12 -12.65
N LEU B 395 -27.69 1.85 -12.46
CA LEU B 395 -27.55 0.90 -13.57
C LEU B 395 -28.49 -0.26 -13.34
N SER B 396 -29.32 -0.57 -14.31
CA SER B 396 -30.22 -1.71 -14.22
C SER B 396 -29.51 -3.00 -14.63
N ASP B 397 -30.03 -4.11 -14.12
CA ASP B 397 -29.57 -5.45 -14.47
C ASP B 397 -30.74 -6.19 -15.11
N GLY B 398 -30.41 -7.27 -15.84
CA GLY B 398 -31.38 -8.02 -16.63
C GLY B 398 -31.49 -7.46 -18.03
N ALA B 399 -31.81 -8.32 -18.98
CA ALA B 399 -31.91 -7.93 -20.40
C ALA B 399 -32.87 -6.77 -20.61
N ASN B 400 -33.96 -6.75 -19.84
CA ASN B 400 -34.95 -5.68 -19.93
C ASN B 400 -34.86 -4.62 -18.82
N GLY B 401 -33.80 -4.67 -18.03
CA GLY B 401 -33.57 -3.68 -16.99
C GLY B 401 -34.46 -3.79 -15.77
N ASP B 402 -35.10 -4.95 -15.58
CA ASP B 402 -36.07 -5.14 -14.48
C ASP B 402 -35.61 -6.17 -13.43
N GLN B 403 -34.34 -6.54 -13.46
CA GLN B 403 -33.80 -7.54 -12.53
C GLN B 403 -32.77 -6.91 -11.57
N GLY B 404 -33.22 -5.93 -10.80
CA GLY B 404 -32.35 -5.24 -9.87
C GLY B 404 -31.37 -4.34 -10.57
N GLY B 405 -30.23 -4.11 -9.92
CA GLY B 405 -29.24 -3.19 -10.45
C GLY B 405 -28.08 -2.92 -9.53
N VAL B 406 -27.31 -1.91 -9.90
CA VAL B 406 -26.16 -1.44 -9.13
C VAL B 406 -26.25 0.08 -9.10
N ALA B 407 -26.03 0.66 -7.93
CA ALA B 407 -26.01 2.12 -7.78
C ALA B 407 -24.66 2.58 -7.28
N ILE B 408 -24.19 3.68 -7.85
CA ILE B 408 -22.96 4.33 -7.40
C ILE B 408 -23.34 5.74 -6.96
N LEU B 409 -23.06 6.08 -5.71
CA LEU B 409 -23.24 7.44 -5.21
C LEU B 409 -21.87 8.06 -5.00
N ARG B 410 -21.64 9.20 -5.63
CA ARG B 410 -20.38 9.92 -5.56
C ARG B 410 -20.60 11.31 -5.01
N TYR B 411 -19.73 11.72 -4.08
CA TYR B 411 -19.79 13.08 -3.55
C TYR B 411 -18.76 13.95 -4.22
N GLY B 412 -19.20 15.15 -4.63
CA GLY B 412 -18.31 16.20 -5.07
C GLY B 412 -17.50 15.79 -6.28
N ASN B 413 -16.21 16.08 -6.24
CA ASN B 413 -15.30 15.77 -7.34
C ASN B 413 -14.72 14.37 -7.16
N GLU B 414 -15.58 13.36 -7.22
CA GLU B 414 -15.20 11.97 -6.96
C GLU B 414 -14.48 11.84 -5.59
N ALA B 415 -14.99 12.56 -4.59
CA ALA B 415 -14.34 12.66 -3.29
C ALA B 415 -14.67 11.50 -2.35
N MET B 416 -15.84 10.91 -2.53
CA MET B 416 -16.25 9.72 -1.78
CA MET B 416 -16.28 9.75 -1.77
C MET B 416 -17.20 8.94 -2.67
N THR B 417 -17.08 7.62 -2.66
CA THR B 417 -17.82 6.77 -3.59
C THR B 417 -18.38 5.55 -2.87
N LEU B 418 -19.71 5.42 -2.93
CA LEU B 418 -20.45 4.29 -2.35
C LEU B 418 -21.00 3.45 -3.49
N VAL B 419 -20.73 2.14 -3.46
CA VAL B 419 -21.24 1.22 -4.48
C VAL B 419 -22.19 0.23 -3.80
N TYR B 420 -23.45 0.25 -4.23
CA TYR B 420 -24.52 -0.56 -3.64
C TYR B 420 -25.01 -1.55 -4.68
N LYS B 421 -24.87 -2.84 -4.35
CA LYS B 421 -25.13 -3.93 -5.29
C LYS B 421 -26.43 -4.66 -4.95
N TYR B 422 -27.47 -4.40 -5.74
CA TYR B 422 -28.80 -5.02 -5.55
C TYR B 422 -29.17 -5.74 -6.85
N ALA B 423 -28.20 -6.51 -7.34
CA ALA B 423 -28.23 -7.05 -8.70
C ALA B 423 -28.88 -8.43 -8.78
N ALA B 424 -28.96 -8.93 -10.00
CA ALA B 424 -29.32 -10.32 -10.27
C ALA B 424 -28.13 -11.23 -9.91
N GLN B 425 -28.21 -12.53 -10.20
CA GLN B 425 -27.18 -13.46 -9.74
C GLN B 425 -25.79 -13.15 -10.31
N GLY B 426 -25.73 -12.83 -11.61
CA GLY B 426 -24.47 -12.54 -12.28
C GLY B 426 -23.84 -13.73 -12.99
N LEU B 427 -24.63 -14.77 -13.24
CA LEU B 427 -24.14 -16.02 -13.83
C LEU B 427 -23.07 -16.66 -12.92
N SER B 428 -22.20 -17.53 -13.44
CA SER B 428 -21.30 -18.36 -12.64
CA SER B 428 -21.39 -18.36 -12.55
C SER B 428 -20.39 -17.58 -11.70
N HIS B 429 -19.97 -16.40 -12.14
CA HIS B 429 -19.04 -15.56 -11.37
C HIS B 429 -19.73 -14.75 -10.29
N GLY B 430 -21.06 -14.82 -10.21
CA GLY B 430 -21.81 -14.05 -9.23
C GLY B 430 -21.62 -14.49 -7.80
N HIS B 431 -21.69 -13.52 -6.88
CA HIS B 431 -21.55 -13.79 -5.45
C HIS B 431 -22.90 -13.81 -4.74
N TYR B 432 -22.95 -14.44 -3.57
CA TYR B 432 -24.17 -14.54 -2.76
C TYR B 432 -24.23 -13.31 -1.85
N ASP B 433 -24.56 -12.17 -2.45
CA ASP B 433 -24.24 -10.85 -1.91
C ASP B 433 -25.34 -9.79 -2.07
N LYS B 434 -26.60 -10.23 -2.02
CA LYS B 434 -27.73 -9.30 -2.21
C LYS B 434 -27.65 -8.12 -1.22
N LEU B 435 -27.76 -6.91 -1.76
CA LEU B 435 -27.75 -5.65 -0.99
C LEU B 435 -26.41 -5.31 -0.34
N SER B 436 -25.32 -5.94 -0.80
CA SER B 436 -24.00 -5.63 -0.29
C SER B 436 -23.54 -4.26 -0.77
N PHE B 437 -22.59 -3.67 -0.05
CA PHE B 437 -21.98 -2.42 -0.47
C PHE B 437 -20.49 -2.40 -0.21
N SER B 438 -19.83 -1.45 -0.87
CA SER B 438 -18.43 -1.13 -0.62
C SER B 438 -18.26 0.38 -0.67
N LEU B 439 -17.19 0.86 -0.06
CA LEU B 439 -16.97 2.31 0.12
C LEU B 439 -15.52 2.65 -0.17
N TYR B 440 -15.32 3.76 -0.88
CA TYR B 440 -14.01 4.20 -1.37
C TYR B 440 -13.88 5.70 -1.12
N GLU B 441 -12.66 6.15 -0.85
CA GLU B 441 -12.36 7.57 -0.75
C GLU B 441 -11.20 7.88 -1.67
N LYS B 442 -11.47 8.58 -2.76
CA LYS B 442 -10.43 9.01 -3.70
C LYS B 442 -9.48 7.87 -4.09
N GLY B 443 -10.08 6.73 -4.41
CA GLY B 443 -9.33 5.57 -4.88
C GLY B 443 -8.76 4.68 -3.79
N THR B 444 -9.05 4.96 -2.53
CA THR B 444 -8.66 4.10 -1.41
C THR B 444 -9.90 3.33 -0.95
N GLU B 445 -9.79 2.01 -0.93
CA GLU B 445 -10.85 1.14 -0.47
C GLU B 445 -10.98 1.23 1.05
N ILE B 446 -12.18 1.51 1.55
CA ILE B 446 -12.44 1.67 2.98
C ILE B 446 -13.22 0.50 3.57
N LEU B 447 -14.32 0.13 2.91
CA LEU B 447 -15.09 -1.06 3.24
C LEU B 447 -15.12 -1.89 1.96
N GLN B 448 -14.59 -3.11 2.03
CA GLN B 448 -14.31 -3.89 0.82
C GLN B 448 -15.38 -4.91 0.45
N ASP B 449 -15.46 -5.14 -0.86
CA ASP B 449 -15.96 -6.38 -1.43
C ASP B 449 -14.68 -7.19 -1.71
N TYR B 450 -14.61 -8.42 -1.19
CA TYR B 450 -13.38 -9.20 -1.21
C TYR B 450 -12.83 -9.43 -2.64
N GLY B 451 -13.72 -9.62 -3.60
CA GLY B 451 -13.31 -10.02 -4.94
C GLY B 451 -13.15 -11.52 -5.04
N LEU B 452 -12.31 -11.98 -5.95
CA LEU B 452 -12.07 -13.43 -6.13
C LEU B 452 -10.94 -13.97 -5.22
N ALA B 453 -10.88 -15.30 -5.11
CA ALA B 453 -9.79 -16.01 -4.49
C ALA B 453 -9.14 -16.79 -5.65
N ARG B 454 -8.14 -16.13 -6.23
CA ARG B 454 -7.48 -16.55 -7.46
C ARG B 454 -6.38 -15.54 -7.72
N PHE B 455 -5.23 -16.01 -8.20
CA PHE B 455 -4.12 -15.14 -8.53
C PHE B 455 -3.94 -15.31 -10.02
N VAL B 456 -4.58 -14.41 -10.76
CA VAL B 456 -4.92 -14.64 -12.17
C VAL B 456 -3.66 -14.81 -13.03
N ASN B 457 -3.55 -15.99 -13.65
CA ASN B 457 -2.42 -16.35 -14.49
C ASN B 457 -1.08 -16.51 -13.75
N ILE B 458 -1.11 -16.68 -12.42
CA ILE B 458 0.09 -16.99 -11.66
C ILE B 458 0.11 -18.51 -11.43
N GLU B 459 1.02 -19.18 -12.13
CA GLU B 459 1.06 -20.66 -12.16
C GLU B 459 1.18 -21.31 -10.77
N GLN B 460 1.91 -20.63 -9.90
CA GLN B 460 2.23 -21.10 -8.55
C GLN B 460 0.99 -21.22 -7.67
N LYS B 461 -0.06 -20.47 -7.98
CA LYS B 461 -1.32 -20.54 -7.25
C LYS B 461 -2.34 -21.31 -8.06
N GLY B 462 -2.31 -22.63 -7.92
CA GLY B 462 -3.29 -23.48 -8.59
C GLY B 462 -3.40 -23.28 -10.09
N GLY B 463 -2.26 -23.13 -10.76
CA GLY B 463 -2.22 -22.95 -12.21
C GLY B 463 -2.82 -21.65 -12.70
N GLY B 464 -2.90 -20.66 -11.80
CA GLY B 464 -3.51 -19.37 -12.09
C GLY B 464 -5.03 -19.40 -12.21
N ASN B 465 -5.63 -20.50 -11.76
CA ASN B 465 -7.06 -20.77 -11.95
C ASN B 465 -7.82 -20.53 -10.66
N TYR B 466 -9.15 -20.57 -10.72
CA TYR B 466 -9.96 -20.37 -9.50
C TYR B 466 -9.59 -21.38 -8.43
N LEU B 467 -9.47 -20.89 -7.21
CA LEU B 467 -9.06 -21.70 -6.07
C LEU B 467 -10.28 -22.21 -5.34
N LYS B 468 -10.08 -23.26 -4.54
CA LYS B 468 -11.16 -23.84 -3.74
C LYS B 468 -11.88 -22.77 -2.92
N GLU B 469 -11.12 -21.83 -2.39
CA GLU B 469 -11.64 -20.82 -1.49
C GLU B 469 -12.44 -19.73 -2.21
N ASN B 470 -12.41 -19.70 -3.55
CA ASN B 470 -13.34 -18.81 -4.25
C ASN B 470 -14.78 -19.18 -3.95
N THR B 471 -15.07 -20.49 -3.96
CA THR B 471 -16.39 -20.97 -3.58
C THR B 471 -16.59 -20.89 -2.08
N THR B 472 -15.64 -21.43 -1.31
CA THR B 472 -15.88 -21.62 0.12
C THR B 472 -15.79 -20.34 0.95
N TRP B 473 -15.07 -19.33 0.44
CA TRP B 473 -14.99 -18.00 1.07
C TRP B 473 -15.59 -16.90 0.19
N ALA B 474 -14.97 -16.62 -0.95
CA ALA B 474 -15.20 -15.34 -1.64
C ALA B 474 -16.63 -15.12 -2.11
N LYS B 475 -17.30 -16.19 -2.52
CA LYS B 475 -18.70 -16.11 -2.97
C LYS B 475 -19.72 -16.03 -1.83
N GLN B 476 -19.33 -16.42 -0.62
CA GLN B 476 -20.30 -16.61 0.45
C GLN B 476 -20.74 -15.29 1.06
N THR B 477 -21.95 -15.29 1.60
CA THR B 477 -22.54 -14.06 2.12
C THR B 477 -21.75 -13.48 3.30
N ILE B 478 -21.25 -14.34 4.18
CA ILE B 478 -20.48 -13.90 5.35
C ILE B 478 -19.21 -13.11 4.98
N ALA B 479 -18.70 -13.31 3.76
CA ALA B 479 -17.58 -12.52 3.25
C ALA B 479 -17.97 -11.11 2.80
N HIS B 480 -19.25 -10.77 2.85
CA HIS B 480 -19.75 -9.50 2.32
C HIS B 480 -20.34 -8.61 3.38
N ASN B 481 -20.41 -7.32 3.05
CA ASN B 481 -21.05 -6.32 3.90
C ASN B 481 -22.56 -6.32 3.66
N THR B 482 -23.21 -7.38 4.14
CA THR B 482 -24.67 -7.51 4.02
C THR B 482 -25.18 -8.49 5.05
N LEU B 483 -26.50 -8.61 5.13
CA LEU B 483 -27.12 -9.44 6.16
C LEU B 483 -26.91 -10.94 5.93
N VAL B 484 -26.47 -11.65 6.96
CA VAL B 484 -26.42 -13.10 6.97
C VAL B 484 -27.38 -13.62 8.03
N GLN B 485 -28.21 -14.60 7.66
CA GLN B 485 -29.20 -15.17 8.56
C GLN B 485 -28.86 -16.62 8.88
N ASN B 486 -28.79 -16.93 10.17
CA ASN B 486 -28.53 -18.29 10.64
C ASN B 486 -27.34 -18.97 9.97
N GLU B 487 -26.26 -18.22 9.82
CA GLU B 487 -24.99 -18.73 9.28
C GLU B 487 -25.14 -19.46 7.94
N THR B 488 -26.04 -18.94 7.11
CA THR B 488 -26.42 -19.54 5.83
C THR B 488 -26.29 -18.45 4.78
N SER B 489 -25.71 -18.75 3.62
CA SER B 489 -25.64 -17.77 2.55
C SER B 489 -27.00 -17.53 1.92
N HIS B 490 -27.13 -16.38 1.26
CA HIS B 490 -28.30 -16.08 0.44
C HIS B 490 -28.56 -17.24 -0.51
N PHE B 491 -29.83 -17.64 -0.63
CA PHE B 491 -30.24 -18.76 -1.49
C PHE B 491 -29.59 -20.09 -1.09
N GLU B 492 -29.18 -20.19 0.18
CA GLU B 492 -28.37 -21.31 0.68
C GLU B 492 -27.10 -21.55 -0.15
N GLY B 493 -26.58 -20.50 -0.79
CA GLY B 493 -25.41 -20.61 -1.65
C GLY B 493 -25.60 -21.55 -2.84
N LYS B 494 -26.86 -21.74 -3.25
CA LYS B 494 -27.19 -22.64 -4.35
C LYS B 494 -27.37 -21.84 -5.63
N TYR B 495 -26.48 -22.08 -6.60
CA TYR B 495 -26.48 -21.31 -7.83
C TYR B 495 -27.83 -21.37 -8.56
N GLU B 496 -28.39 -22.56 -8.65
CA GLU B 496 -29.63 -22.74 -9.39
C GLU B 496 -30.80 -21.93 -8.81
N VAL B 497 -30.77 -21.70 -7.50
CA VAL B 497 -31.80 -20.90 -6.83
C VAL B 497 -31.51 -19.41 -7.04
N GLY B 498 -30.28 -19.00 -6.72
CA GLY B 498 -29.90 -17.60 -6.92
C GLY B 498 -30.09 -17.11 -8.34
N SER B 499 -29.83 -17.99 -9.31
CA SER B 499 -30.01 -17.64 -10.73
C SER B 499 -31.44 -17.27 -11.11
N GLN B 500 -32.42 -17.65 -10.29
CA GLN B 500 -33.82 -17.26 -10.52
C GLN B 500 -34.22 -15.94 -9.88
N HIS B 501 -33.29 -15.26 -9.19
CA HIS B 501 -33.66 -14.13 -8.33
C HIS B 501 -32.77 -12.92 -8.48
N HIS B 502 -33.33 -11.79 -8.08
CA HIS B 502 -32.64 -10.51 -8.07
C HIS B 502 -33.26 -9.67 -6.97
N SER B 503 -32.49 -8.75 -6.42
CA SER B 503 -33.07 -7.75 -5.53
C SER B 503 -33.87 -6.76 -6.37
N GLU B 504 -34.68 -5.94 -5.70
CA GLU B 504 -35.61 -5.04 -6.38
C GLU B 504 -35.36 -3.61 -5.98
N LEU B 505 -35.13 -2.74 -6.95
CA LEU B 505 -35.01 -1.31 -6.67
C LEU B 505 -36.29 -0.80 -6.03
N TYR B 506 -36.16 -0.11 -4.91
CA TYR B 506 -37.29 0.57 -4.28
C TYR B 506 -37.32 2.01 -4.81
N PHE B 507 -36.25 2.78 -4.59
CA PHE B 507 -36.08 4.05 -5.32
C PHE B 507 -34.61 4.46 -5.36
N PHE B 508 -34.29 5.32 -6.31
CA PHE B 508 -32.98 5.94 -6.46
C PHE B 508 -33.21 7.43 -6.66
N ASP B 509 -32.64 8.25 -5.79
CA ASP B 509 -32.72 9.70 -5.93
C ASP B 509 -31.39 10.32 -5.57
N ALA B 510 -30.60 10.63 -6.60
CA ALA B 510 -29.31 11.30 -6.43
C ALA B 510 -29.35 12.76 -6.87
N SER B 511 -30.55 13.34 -7.00
CA SER B 511 -30.68 14.70 -7.54
C SER B 511 -30.03 15.77 -6.65
N ASN B 512 -30.11 15.59 -5.33
CA ASN B 512 -29.48 16.52 -4.40
C ASN B 512 -28.05 16.08 -4.14
N PRO B 513 -27.05 16.86 -4.62
CA PRO B 513 -25.66 16.44 -4.42
C PRO B 513 -25.25 16.27 -2.96
N GLU B 514 -25.95 16.94 -2.04
CA GLU B 514 -25.67 16.82 -0.61
C GLU B 514 -26.35 15.64 0.08
N VAL B 515 -27.40 15.09 -0.51
CA VAL B 515 -28.19 14.06 0.13
C VAL B 515 -28.68 13.11 -0.96
N GLN B 516 -27.90 12.08 -1.23
CA GLN B 516 -28.21 11.13 -2.31
C GLN B 516 -28.61 9.83 -1.64
N VAL B 517 -29.70 9.25 -2.12
CA VAL B 517 -30.35 8.14 -1.42
C VAL B 517 -30.71 7.03 -2.42
N VAL B 518 -30.45 5.79 -2.03
CA VAL B 518 -30.87 4.63 -2.83
C VAL B 518 -31.39 3.55 -1.87
N SER B 519 -32.40 2.82 -2.33
CA SER B 519 -33.09 1.87 -1.49
C SER B 519 -33.51 0.68 -2.33
N ALA B 520 -33.35 -0.52 -1.77
CA ALA B 520 -33.68 -1.76 -2.48
C ALA B 520 -34.12 -2.82 -1.48
N LYS B 521 -34.83 -3.83 -2.01
CA LYS B 521 -35.41 -4.87 -1.18
C LYS B 521 -35.05 -6.26 -1.70
N GLU B 522 -35.02 -7.21 -0.77
CA GLU B 522 -34.68 -8.60 -1.08
C GLU B 522 -35.49 -9.52 -0.19
N GLN B 523 -36.39 -10.31 -0.81
CA GLN B 523 -37.22 -11.22 -0.03
C GLN B 523 -37.09 -12.70 -0.40
N ASN B 524 -36.17 -13.03 -1.31
CA ASN B 524 -35.95 -14.42 -1.69
C ASN B 524 -34.64 -15.01 -1.18
N ALA B 525 -33.65 -14.17 -0.87
CA ALA B 525 -32.37 -14.66 -0.32
C ALA B 525 -32.60 -15.56 0.88
N TYR B 526 -33.52 -15.15 1.76
CA TYR B 526 -33.97 -15.94 2.89
C TYR B 526 -35.50 -15.98 2.85
N PRO B 527 -36.09 -17.03 2.25
CA PRO B 527 -37.56 -17.09 2.23
C PRO B 527 -38.15 -17.00 3.62
N GLY B 528 -39.16 -16.14 3.77
CA GLY B 528 -39.73 -15.81 5.08
C GLY B 528 -39.14 -14.59 5.76
N THR B 529 -38.08 -14.02 5.18
CA THR B 529 -37.46 -12.79 5.68
C THR B 529 -37.47 -11.74 4.58
N GLU B 530 -37.81 -10.50 4.96
CA GLU B 530 -37.76 -9.37 4.04
C GLU B 530 -36.62 -8.45 4.48
N MET B 531 -35.71 -8.15 3.55
CA MET B 531 -34.61 -7.21 3.80
C MET B 531 -34.90 -5.96 2.98
N HIS B 532 -34.81 -4.79 3.62
CA HIS B 532 -35.02 -3.50 2.96
C HIS B 532 -33.88 -2.60 3.39
N ARG B 533 -32.93 -2.39 2.48
CA ARG B 533 -31.73 -1.63 2.82
C ARG B 533 -31.71 -0.32 2.05
N THR B 534 -31.60 0.77 2.81
CA THR B 534 -31.54 2.12 2.28
C THR B 534 -30.18 2.69 2.66
N MET B 535 -29.48 3.21 1.66
CA MET B 535 -28.17 3.80 1.87
C MET B 535 -28.18 5.23 1.36
N ALA B 536 -27.55 6.12 2.12
CA ALA B 536 -27.50 7.52 1.77
C ALA B 536 -26.10 8.05 1.92
N LEU B 537 -25.71 8.94 1.02
CA LEU B 537 -24.47 9.68 1.14
C LEU B 537 -24.86 11.12 1.45
N ILE B 538 -24.53 11.57 2.65
CA ILE B 538 -25.07 12.80 3.22
C ILE B 538 -23.99 13.75 3.68
N LYS B 539 -24.02 14.97 3.16
CA LYS B 539 -23.21 16.07 3.68
CA LYS B 539 -23.22 16.09 3.64
C LYS B 539 -24.15 16.99 4.44
N THR B 540 -23.83 17.25 5.70
CA THR B 540 -24.64 18.12 6.54
C THR B 540 -23.77 18.89 7.54
N ASP B 541 -24.34 19.97 8.10
CA ASP B 541 -23.62 20.83 9.02
C ASP B 541 -23.21 20.04 10.27
N GLY B 542 -21.94 20.18 10.67
CA GLY B 542 -21.40 19.47 11.83
C GLY B 542 -20.40 18.38 11.49
N PHE B 543 -20.25 18.10 10.19
CA PHE B 543 -19.37 17.04 9.70
C PHE B 543 -18.44 17.60 8.63
N GLU B 544 -17.17 17.27 8.72
CA GLU B 544 -16.16 17.71 7.76
C GLU B 544 -16.43 17.20 6.34
N LYS B 545 -16.89 15.96 6.25
CA LYS B 545 -17.05 15.25 4.98
C LYS B 545 -18.43 14.60 4.91
N PRO B 546 -18.87 14.20 3.70
CA PRO B 546 -20.07 13.38 3.64
C PRO B 546 -19.88 12.08 4.42
N PHE B 547 -20.97 11.56 4.98
CA PHE B 547 -20.96 10.25 5.62
C PHE B 547 -21.95 9.35 4.92
N VAL B 548 -21.78 8.05 5.14
CA VAL B 548 -22.73 7.04 4.67
C VAL B 548 -23.69 6.69 5.81
N LEU B 549 -24.99 6.77 5.53
CA LEU B 549 -26.03 6.28 6.43
C LEU B 549 -26.56 4.97 5.84
N ASP B 550 -26.60 3.94 6.68
CA ASP B 550 -27.00 2.59 6.28
C ASP B 550 -28.15 2.14 7.16
N ILE B 551 -29.33 1.95 6.57
CA ILE B 551 -30.51 1.44 7.28
C ILE B 551 -30.85 0.08 6.69
N LEU B 552 -30.75 -0.96 7.50
CA LEU B 552 -31.05 -2.32 7.04
C LEU B 552 -32.21 -2.84 7.87
N ARG B 553 -33.40 -2.74 7.29
CA ARG B 553 -34.65 -3.13 7.95
C ARG B 553 -34.95 -4.59 7.62
N VAL B 554 -35.17 -5.39 8.66
CA VAL B 554 -35.37 -6.83 8.54
C VAL B 554 -36.72 -7.19 9.15
N GLY B 555 -37.54 -7.90 8.38
CA GLY B 555 -38.79 -8.47 8.86
C GLY B 555 -38.73 -9.98 8.67
N SER B 556 -39.13 -10.76 9.68
CA SER B 556 -39.15 -12.21 9.53
C SER B 556 -40.33 -12.83 10.26
N ASN B 557 -40.56 -14.10 9.93
CA ASN B 557 -41.63 -14.91 10.53
C ASN B 557 -41.15 -15.85 11.65
N ALA B 558 -39.89 -15.70 12.06
CA ALA B 558 -39.25 -16.57 13.04
C ALA B 558 -38.08 -15.83 13.68
N ALA B 559 -37.70 -16.23 14.89
CA ALA B 559 -36.53 -15.67 15.56
C ALA B 559 -35.28 -16.29 14.94
N ASN B 560 -34.36 -15.41 14.52
CA ASN B 560 -33.15 -15.81 13.80
C ASN B 560 -31.91 -15.20 14.44
N GLN B 561 -30.75 -15.68 13.99
CA GLN B 561 -29.47 -15.04 14.28
C GLN B 561 -29.07 -14.22 13.06
N TYR B 562 -28.97 -12.91 13.24
CA TYR B 562 -28.55 -12.01 12.16
C TYR B 562 -27.11 -11.56 12.38
N ASP B 563 -26.27 -11.73 11.36
CA ASP B 563 -24.92 -11.17 11.33
C ASP B 563 -24.84 -10.08 10.27
N LEU B 564 -24.22 -8.96 10.63
CA LEU B 564 -23.96 -7.89 9.69
C LEU B 564 -22.47 -7.51 9.73
N PRO B 565 -21.69 -8.00 8.73
CA PRO B 565 -20.27 -7.69 8.68
C PRO B 565 -19.93 -6.32 8.10
N PHE B 566 -18.81 -5.78 8.57
CA PHE B 566 -18.16 -4.61 8.00
C PHE B 566 -16.68 -4.93 7.83
N TYR B 567 -16.26 -5.19 6.59
CA TYR B 567 -14.88 -5.53 6.26
C TYR B 567 -14.10 -4.26 5.97
N PHE B 568 -13.59 -3.67 7.04
CA PHE B 568 -12.87 -2.40 7.01
C PHE B 568 -11.42 -2.61 6.60
N LYS B 569 -10.82 -1.55 6.08
CA LYS B 569 -9.41 -1.53 5.73
C LYS B 569 -8.74 -0.52 6.63
N GLY B 570 -7.68 -0.95 7.32
CA GLY B 570 -6.85 -0.05 8.12
C GLY B 570 -6.56 -0.54 9.53
N GLN B 571 -5.93 0.34 10.29
CA GLN B 571 -5.39 0.05 11.61
C GLN B 571 -6.39 0.50 12.67
N VAL B 572 -6.81 -0.41 13.55
CA VAL B 572 -7.79 -0.08 14.59
C VAL B 572 -7.23 1.02 15.51
N MET B 573 -8.04 2.03 15.74
CA MET B 573 -7.65 3.18 16.59
C MET B 573 -8.36 3.24 17.92
N GLN B 574 -9.68 3.04 17.94
CA GLN B 574 -10.44 3.17 19.19
C GLN B 574 -11.79 2.48 19.07
N THR B 575 -12.30 2.01 20.20
CA THR B 575 -13.68 1.57 20.34
C THR B 575 -14.30 2.29 21.53
N ASN B 576 -15.63 2.34 21.58
CA ASN B 576 -16.34 2.79 22.78
C ASN B 576 -16.99 1.63 23.55
N PHE B 577 -16.51 0.42 23.30
CA PHE B 577 -16.95 -0.79 23.98
C PHE B 577 -15.74 -1.63 24.34
N ASP B 578 -15.85 -2.38 25.44
CA ASP B 578 -14.80 -3.31 25.81
C ASP B 578 -14.97 -4.60 25.04
N PHE B 579 -13.87 -5.30 24.81
CA PHE B 579 -13.89 -6.58 24.14
C PHE B 579 -12.79 -7.46 24.70
N THR B 580 -13.03 -8.75 24.68
CA THR B 580 -12.09 -9.72 25.19
C THR B 580 -11.24 -10.20 24.04
N THR B 581 -10.03 -10.63 24.38
CA THR B 581 -9.00 -11.07 23.45
C THR B 581 -8.65 -12.49 23.85
N PRO B 582 -9.02 -13.49 23.02
CA PRO B 582 -8.78 -14.88 23.43
C PRO B 582 -7.32 -15.31 23.35
N LYS B 583 -6.98 -16.32 24.14
CA LYS B 583 -5.63 -16.88 24.20
C LYS B 583 -5.29 -17.80 23.03
N SER B 584 -6.33 -18.24 22.31
CA SER B 584 -6.15 -19.01 21.09
C SER B 584 -7.19 -18.53 20.08
N LEU B 585 -6.84 -18.54 18.79
CA LEU B 585 -7.80 -18.19 17.74
C LEU B 585 -8.55 -19.45 17.32
N GLU B 586 -9.88 -19.38 17.40
CA GLU B 586 -10.78 -20.45 16.96
C GLU B 586 -11.61 -19.92 15.80
N PRO B 587 -12.03 -20.81 14.88
CA PRO B 587 -12.91 -20.36 13.80
C PRO B 587 -14.25 -19.87 14.32
N LEU B 588 -14.83 -18.89 13.64
CA LEU B 588 -16.11 -18.32 14.07
C LEU B 588 -17.25 -19.31 13.94
N GLY B 589 -17.22 -20.12 12.89
CA GLY B 589 -18.23 -21.15 12.68
C GLY B 589 -17.70 -22.27 11.83
N SER B 590 -18.59 -23.16 11.41
CA SER B 590 -18.19 -24.41 10.76
C SER B 590 -18.40 -24.48 9.25
N ASP B 591 -19.24 -23.61 8.70
CA ASP B 591 -19.68 -23.77 7.31
C ASP B 591 -19.99 -22.43 6.66
N ASN B 592 -20.16 -22.46 5.34
CA ASN B 592 -20.67 -21.33 4.55
C ASN B 592 -19.82 -20.07 4.66
N GLY B 593 -18.51 -20.26 4.80
CA GLY B 593 -17.54 -19.18 4.91
C GLY B 593 -17.06 -18.90 6.32
N TYR B 594 -17.87 -19.27 7.32
CA TYR B 594 -17.52 -18.99 8.72
C TYR B 594 -16.29 -19.77 9.16
N GLN B 595 -16.02 -20.89 8.50
CA GLN B 595 -14.82 -21.68 8.75
C GLN B 595 -13.53 -20.98 8.35
N HIS B 596 -13.63 -19.88 7.59
CA HIS B 596 -12.46 -19.11 7.17
C HIS B 596 -12.21 -17.87 8.03
N LEU B 597 -13.02 -17.65 9.07
CA LEU B 597 -12.84 -16.50 9.95
C LEU B 597 -12.33 -16.93 11.31
N TRP B 598 -11.22 -16.34 11.75
CA TRP B 598 -10.77 -16.46 13.13
C TRP B 598 -11.52 -15.46 13.99
N SER B 599 -11.93 -15.89 15.18
CA SER B 599 -12.53 -15.01 16.17
CA SER B 599 -12.51 -15.00 16.18
C SER B 599 -11.40 -14.32 16.94
N GLU B 600 -11.16 -13.05 16.64
CA GLU B 600 -10.05 -12.31 17.26
C GLU B 600 -10.44 -11.52 18.50
N GLY B 601 -11.72 -11.24 18.66
CA GLY B 601 -12.20 -10.49 19.81
C GLY B 601 -13.69 -10.49 19.88
N LEU B 602 -14.23 -10.38 21.10
CA LEU B 602 -15.67 -10.38 21.31
C LEU B 602 -16.05 -9.25 22.26
N GLY B 603 -16.88 -8.34 21.77
CA GLY B 603 -17.31 -7.18 22.53
C GLY B 603 -18.78 -7.24 22.87
N GLN B 604 -19.14 -6.56 23.95
CA GLN B 604 -20.52 -6.35 24.33
C GLN B 604 -20.72 -4.83 24.33
N PRO B 605 -21.83 -4.34 23.76
CA PRO B 605 -22.04 -2.88 23.74
C PRO B 605 -22.17 -2.25 25.13
N LYS B 606 -21.62 -1.03 25.28
CA LYS B 606 -21.75 -0.25 26.51
C LYS B 606 -23.03 0.58 26.52
N GLY B 607 -23.68 0.70 25.37
CA GLY B 607 -24.88 1.50 25.26
C GLY B 607 -25.55 1.41 23.91
N ASP B 608 -26.37 2.42 23.62
CA ASP B 608 -27.23 2.40 22.44
C ASP B 608 -26.49 2.61 21.14
N ASN B 609 -25.30 3.20 21.17
CA ASN B 609 -24.46 3.37 19.99
C ASN B 609 -23.08 2.80 20.26
N SER B 610 -22.61 1.94 19.36
CA SER B 610 -21.27 1.37 19.44
C SER B 610 -20.42 1.90 18.30
N GLN B 611 -19.15 2.19 18.60
CA GLN B 611 -18.25 2.86 17.67
C GLN B 611 -16.93 2.13 17.56
N LEU B 612 -16.45 2.02 16.32
CA LEU B 612 -15.12 1.55 15.99
C LEU B 612 -14.48 2.57 15.05
N SER B 613 -13.26 3.00 15.36
CA SER B 613 -12.52 3.91 14.49
CA SER B 613 -12.54 3.90 14.47
CA SER B 613 -12.51 3.92 14.50
C SER B 613 -11.21 3.30 14.04
N TRP B 614 -10.77 3.67 12.85
CA TRP B 614 -9.52 3.16 12.29
C TRP B 614 -8.83 4.21 11.42
N LEU B 615 -7.56 3.93 11.09
CA LEU B 615 -6.73 4.81 10.28
C LEU B 615 -6.34 4.04 9.01
N GLU B 616 -6.64 4.60 7.85
CA GLU B 616 -6.28 3.98 6.57
C GLU B 616 -5.79 5.05 5.61
N ASN B 617 -4.60 4.82 5.05
CA ASN B 617 -3.99 5.76 4.11
C ASN B 617 -4.08 7.21 4.58
N GLY B 618 -3.72 7.42 5.83
CA GLY B 618 -3.61 8.77 6.38
C GLY B 618 -4.90 9.46 6.73
N ARG B 619 -6.03 8.76 6.72
CA ARG B 619 -7.33 9.34 7.08
C ARG B 619 -7.99 8.48 8.15
N PHE B 620 -8.75 9.10 9.05
CA PHE B 620 -9.52 8.36 10.06
C PHE B 620 -10.94 8.11 9.58
N TYR B 621 -11.49 7.00 10.06
CA TYR B 621 -12.86 6.58 9.75
C TYR B 621 -13.51 6.13 11.04
N THR B 622 -14.80 6.35 11.17
CA THR B 622 -15.55 5.83 12.32
C THR B 622 -16.84 5.17 11.84
N LEU B 623 -17.06 3.94 12.29
CA LEU B 623 -18.34 3.25 12.15
C LEU B 623 -19.09 3.41 13.46
N THR B 624 -20.29 3.99 13.39
CA THR B 624 -21.19 4.07 14.55
C THR B 624 -22.42 3.26 14.21
N THR B 625 -22.84 2.36 15.11
CA THR B 625 -24.01 1.52 14.82
C THR B 625 -24.92 1.44 16.03
N ALA B 626 -26.22 1.39 15.78
CA ALA B 626 -27.24 1.30 16.85
C ALA B 626 -27.25 -0.11 17.41
N THR B 627 -26.90 -0.25 18.69
CA THR B 627 -26.77 -1.56 19.31
C THR B 627 -27.77 -1.74 20.45
N ASN B 628 -28.15 -2.99 20.64
CA ASN B 628 -28.97 -3.45 21.75
C ASN B 628 -28.05 -4.14 22.75
N ASN B 629 -28.48 -4.18 24.00
CA ASN B 629 -27.69 -4.74 25.10
C ASN B 629 -27.17 -6.18 24.87
N ASP B 630 -27.98 -7.00 24.20
CA ASP B 630 -27.65 -8.40 23.93
C ASP B 630 -26.89 -8.63 22.61
N ASP B 631 -26.55 -7.56 21.88
CA ASP B 631 -25.75 -7.72 20.67
C ASP B 631 -24.35 -8.18 21.03
N GLU B 632 -23.72 -8.88 20.09
CA GLU B 632 -22.31 -9.23 20.17
C GLU B 632 -21.57 -8.49 19.06
N LEU B 633 -20.38 -8.01 19.37
CA LEU B 633 -19.53 -7.33 18.40
C LEU B 633 -18.29 -8.19 18.21
N HIS B 634 -18.16 -8.79 17.03
CA HIS B 634 -17.10 -9.76 16.75
C HIS B 634 -16.01 -9.16 15.89
N PHE B 635 -14.80 -9.08 16.43
CA PHE B 635 -13.62 -8.80 15.62
C PHE B 635 -13.20 -10.11 14.99
N VAL B 636 -13.10 -10.12 13.66
CA VAL B 636 -12.74 -11.33 12.92
C VAL B 636 -11.54 -11.08 12.04
N ARG B 637 -10.87 -12.17 11.67
CA ARG B 637 -9.80 -12.08 10.69
C ARG B 637 -9.88 -13.25 9.73
N ILE B 638 -9.77 -12.93 8.46
CA ILE B 638 -9.81 -13.94 7.42
C ILE B 638 -8.51 -14.75 7.49
N GLY B 639 -8.62 -16.06 7.25
CA GLY B 639 -7.44 -16.91 7.14
C GLY B 639 -7.52 -18.28 7.77
N ALA B 640 -8.60 -18.61 8.48
CA ALA B 640 -8.76 -19.97 8.99
C ALA B 640 -9.04 -20.93 7.84
N ASN B 641 -8.69 -22.20 8.05
CA ASN B 641 -8.87 -23.24 7.02
CA ASN B 641 -8.86 -23.25 7.03
C ASN B 641 -8.36 -22.79 5.65
N ASP B 642 -7.13 -22.29 5.63
CA ASP B 642 -6.48 -21.77 4.43
C ASP B 642 -5.08 -22.37 4.30
N PRO B 643 -5.01 -23.69 4.05
CA PRO B 643 -3.73 -24.41 4.10
C PRO B 643 -2.68 -23.98 3.08
N GLU B 644 -3.10 -23.34 1.99
CA GLU B 644 -2.17 -22.89 0.96
C GLU B 644 -1.90 -21.38 0.98
N PHE B 645 -2.36 -20.67 2.02
CA PHE B 645 -2.24 -19.21 2.09
C PHE B 645 -2.84 -18.57 0.82
N ASN B 646 -4.07 -18.97 0.49
CA ASN B 646 -4.80 -18.39 -0.65
C ASN B 646 -5.61 -17.15 -0.31
N LEU B 647 -5.81 -16.88 0.98
CA LEU B 647 -6.65 -15.77 1.42
C LEU B 647 -5.84 -14.68 2.12
N ARG B 648 -6.28 -13.43 1.96
CA ARG B 648 -5.70 -12.30 2.65
C ARG B 648 -6.13 -12.24 4.10
N ARG B 649 -5.23 -11.84 4.98
CA ARG B 649 -5.52 -11.70 6.41
C ARG B 649 -6.17 -10.35 6.73
N ASP B 650 -7.22 -10.02 6.01
CA ASP B 650 -8.00 -8.80 6.28
C ASP B 650 -8.91 -9.03 7.49
N ALA B 651 -9.33 -7.93 8.11
CA ALA B 651 -10.14 -7.96 9.33
C ALA B 651 -11.58 -7.52 9.08
N GLY B 652 -12.44 -7.78 10.05
CA GLY B 652 -13.80 -7.24 9.99
C GLY B 652 -14.38 -7.09 11.37
N LEU B 653 -15.46 -6.31 11.46
CA LEU B 653 -16.30 -6.25 12.65
C LEU B 653 -17.67 -6.74 12.25
N ILE B 654 -18.17 -7.74 12.96
CA ILE B 654 -19.48 -8.31 12.66
C ILE B 654 -20.42 -8.05 13.84
N ILE B 655 -21.57 -7.45 13.55
CA ILE B 655 -22.61 -7.26 14.56
C ILE B 655 -23.45 -8.53 14.53
N ARG B 656 -23.54 -9.23 15.66
CA ARG B 656 -24.36 -10.45 15.76
C ARG B 656 -25.54 -10.19 16.67
N ARG B 657 -26.74 -10.38 16.15
CA ARG B 657 -27.97 -10.12 16.87
C ARG B 657 -28.77 -11.42 16.91
N LYS B 658 -28.71 -12.12 18.04
CA LYS B 658 -29.33 -13.43 18.20
C LYS B 658 -30.81 -13.35 18.57
N ASN B 659 -31.51 -14.46 18.33
CA ASN B 659 -32.88 -14.66 18.79
C ASN B 659 -33.81 -13.46 18.50
N THR B 660 -33.78 -13.01 17.25
CA THR B 660 -34.45 -11.78 16.84
C THR B 660 -35.29 -12.03 15.58
N LYS B 661 -36.53 -11.52 15.60
CA LYS B 661 -37.44 -11.62 14.45
C LYS B 661 -37.33 -10.37 13.57
N ASN B 662 -37.95 -9.28 13.99
CA ASN B 662 -37.90 -8.02 13.27
C ASN B 662 -36.83 -7.16 13.90
N THR B 663 -36.00 -6.53 13.08
CA THR B 663 -35.01 -5.60 13.59
C THR B 663 -34.55 -4.66 12.49
N THR B 664 -34.04 -3.51 12.89
CA THR B 664 -33.54 -2.51 11.96
C THR B 664 -32.15 -2.09 12.40
N PHE B 665 -31.15 -2.43 11.59
CA PHE B 665 -29.78 -1.98 11.81
C PHE B 665 -29.65 -0.56 11.27
N VAL B 666 -28.97 0.30 12.01
CA VAL B 666 -28.72 1.67 11.59
C VAL B 666 -27.26 2.00 11.87
N SER B 667 -26.52 2.37 10.82
CA SER B 667 -25.09 2.64 10.93
C SER B 667 -24.70 3.90 10.18
N ILE B 668 -23.65 4.56 10.67
CA ILE B 668 -23.03 5.66 9.94
C ILE B 668 -21.53 5.37 9.78
N LEU B 669 -21.02 5.62 8.58
CA LEU B 669 -19.59 5.58 8.31
C LEU B 669 -19.11 6.99 8.00
N GLU B 670 -18.27 7.53 8.89
CA GLU B 670 -17.66 8.86 8.73
C GLU B 670 -16.23 8.76 8.28
N SER B 671 -15.81 9.74 7.48
CA SER B 671 -14.40 10.01 7.21
C SER B 671 -14.04 11.32 7.84
N HIS B 672 -12.94 11.36 8.59
CA HIS B 672 -12.57 12.59 9.29
C HIS B 672 -11.10 12.67 9.54
N GLY B 673 -10.56 13.87 9.45
CA GLY B 673 -9.19 14.11 9.86
C GLY B 673 -8.12 13.44 9.05
N HIS B 674 -6.92 13.46 9.60
CA HIS B 674 -5.77 12.94 8.90
C HIS B 674 -4.59 12.76 9.82
N TYR B 675 -3.67 11.92 9.36
CA TYR B 675 -2.40 11.68 10.02
C TYR B 675 -1.32 11.58 8.97
N SER B 676 -0.12 12.07 9.30
CA SER B 676 1.06 11.90 8.45
C SER B 676 2.23 11.44 9.31
N PRO B 677 2.97 10.41 8.86
CA PRO B 677 4.19 10.05 9.56
C PRO B 677 5.39 10.94 9.22
N VAL B 678 5.19 11.97 8.41
CA VAL B 678 6.22 12.97 8.14
C VAL B 678 6.05 14.13 9.10
N SER B 679 4.86 14.71 9.16
CA SER B 679 4.59 15.81 10.09
C SER B 679 4.34 15.33 11.52
N GLU B 680 3.88 14.08 11.64
CA GLU B 680 3.43 13.48 12.90
C GLU B 680 2.33 14.30 13.59
N PHE B 681 1.48 14.93 12.79
CA PHE B 681 0.28 15.60 13.29
C PHE B 681 -0.93 14.70 13.07
N SER B 682 -1.66 14.46 14.15
CA SER B 682 -2.97 13.81 14.10
C SER B 682 -4.02 14.92 14.22
N VAL B 683 -4.93 15.01 13.26
CA VAL B 683 -5.95 16.07 13.22
C VAL B 683 -7.34 15.43 13.10
N ASN B 684 -8.29 15.96 13.86
CA ASN B 684 -9.72 15.55 13.82
CA ASN B 684 -9.70 15.54 13.83
C ASN B 684 -9.86 14.02 13.83
N ALA B 685 -9.27 13.40 14.84
CA ALA B 685 -9.22 11.95 14.97
C ALA B 685 -10.45 11.33 15.61
N ASN B 686 -11.35 12.15 16.15
CA ASN B 686 -12.58 11.64 16.76
C ASN B 686 -13.78 11.85 15.87
N SER B 687 -14.78 11.00 16.08
CA SER B 687 -16.08 11.10 15.42
C SER B 687 -16.77 12.43 15.76
N SER B 688 -17.60 12.91 14.84
CA SER B 688 -18.50 14.03 15.12
C SER B 688 -19.94 13.60 15.43
N ILE B 689 -20.20 12.29 15.49
CA ILE B 689 -21.54 11.79 15.85
C ILE B 689 -21.71 11.84 17.36
N SER B 690 -22.75 12.54 17.82
CA SER B 690 -23.16 12.49 19.22
C SER B 690 -24.13 11.34 19.44
N LYS B 691 -25.13 11.22 18.56
CA LYS B 691 -26.15 10.17 18.70
C LYS B 691 -26.81 9.87 17.36
N ILE B 692 -27.13 8.60 17.14
CA ILE B 692 -28.10 8.17 16.14
C ILE B 692 -29.20 7.40 16.86
N GLU B 693 -30.44 7.68 16.51
CA GLU B 693 -31.58 7.07 17.21
C GLU B 693 -32.71 6.81 16.23
N LEU B 694 -33.30 5.62 16.32
CA LEU B 694 -34.55 5.33 15.61
C LEU B 694 -35.72 5.97 16.32
N MET B 695 -36.27 7.02 15.73
CA MET B 695 -37.45 7.71 16.29
C MET B 695 -38.74 7.01 15.92
N LEU B 696 -38.74 6.30 14.79
CA LEU B 696 -39.86 5.49 14.37
C LEU B 696 -39.31 4.26 13.66
N ASP B 697 -39.82 3.08 14.02
CA ASP B 697 -39.33 1.82 13.48
C ASP B 697 -40.51 0.89 13.27
N THR B 698 -41.23 1.15 12.18
CA THR B 698 -42.41 0.37 11.82
C THR B 698 -42.27 -0.16 10.40
N LYS B 699 -43.17 -1.04 10.02
CA LYS B 699 -43.19 -1.55 8.66
C LYS B 699 -43.47 -0.46 7.63
N GLU B 700 -44.30 0.52 8.00
CA GLU B 700 -44.72 1.57 7.08
C GLU B 700 -43.71 2.74 7.01
N TYR B 701 -43.08 3.08 8.14
CA TYR B 701 -42.17 4.23 8.21
C TYR B 701 -40.97 3.97 9.10
N THR B 702 -39.81 4.46 8.66
CA THR B 702 -38.58 4.46 9.45
C THR B 702 -38.10 5.90 9.58
N ALA B 703 -37.75 6.32 10.79
CA ALA B 703 -37.20 7.66 11.00
C ALA B 703 -35.95 7.58 11.86
N VAL B 704 -34.87 8.18 11.37
CA VAL B 704 -33.58 8.18 12.07
C VAL B 704 -33.17 9.63 12.35
N LEU B 705 -32.90 9.92 13.63
CA LEU B 705 -32.44 11.23 14.08
C LEU B 705 -30.94 11.18 14.26
N ILE B 706 -30.23 12.15 13.69
CA ILE B 706 -28.76 12.21 13.72
C ILE B 706 -28.36 13.49 14.45
N ASP B 707 -27.64 13.35 15.56
CA ASP B 707 -27.12 14.48 16.33
C ASP B 707 -25.63 14.57 16.14
N ALA B 708 -25.14 15.73 15.71
CA ALA B 708 -23.68 15.97 15.66
C ALA B 708 -23.21 16.46 17.02
N LYS B 709 -21.91 16.35 17.27
CA LYS B 709 -21.34 16.78 18.54
C LYS B 709 -21.15 18.30 18.61
N SER B 710 -21.06 18.97 17.46
CA SER B 710 -20.86 20.42 17.43
C SER B 710 -22.19 21.16 17.38
N ASN B 711 -22.34 22.12 18.29
CA ASN B 711 -23.48 23.01 18.26
C ASN B 711 -24.78 22.25 18.02
N THR B 712 -25.86 23.00 17.83
CA THR B 712 -27.17 22.44 17.58
C THR B 712 -27.30 21.92 16.15
N GLU B 713 -26.63 20.82 15.86
CA GLU B 713 -26.74 20.21 14.54
C GLU B 713 -27.49 18.89 14.61
N GLN B 714 -28.77 18.91 14.23
CA GLN B 714 -29.65 17.74 14.24
C GLN B 714 -30.40 17.62 12.92
N THR B 715 -30.46 16.40 12.40
CA THR B 715 -31.20 16.11 11.18
C THR B 715 -32.02 14.85 11.35
N LEU B 716 -33.05 14.74 10.53
CA LEU B 716 -33.98 13.62 10.58
C LEU B 716 -34.20 13.10 9.17
N LEU B 717 -33.95 11.80 8.96
CA LEU B 717 -34.32 11.12 7.72
C LEU B 717 -35.57 10.32 8.00
N ILE B 718 -36.62 10.53 7.20
CA ILE B 718 -37.83 9.73 7.28
C ILE B 718 -38.01 8.99 5.97
N LEU B 719 -38.31 7.70 6.06
CA LEU B 719 -38.54 6.84 4.90
C LEU B 719 -39.95 6.29 4.96
N ALA B 720 -40.68 6.40 3.84
CA ALA B 720 -41.91 5.65 3.62
C ALA B 720 -41.52 4.33 2.97
N ASN B 721 -41.87 3.22 3.61
CA ASN B 721 -41.37 1.90 3.20
C ASN B 721 -42.26 1.11 2.25
N GLU B 722 -43.53 1.46 2.16
CA GLU B 722 -44.50 0.65 1.40
C GLU B 722 -45.22 1.43 0.30
N ASN B 723 -44.64 2.54 -0.12
CA ASN B 723 -45.15 3.31 -1.26
C ASN B 723 -44.05 4.23 -1.79
N LYS B 724 -43.53 3.88 -2.97
CA LYS B 724 -42.45 4.65 -3.60
C LYS B 724 -42.93 5.87 -4.40
N ASN B 725 -44.24 6.03 -4.59
CA ASN B 725 -44.76 7.04 -5.51
C ASN B 725 -44.26 8.45 -5.16
N VAL B 726 -43.67 9.13 -6.15
CA VAL B 726 -43.08 10.45 -5.93
C VAL B 726 -44.09 11.54 -5.57
N ASN B 727 -45.38 11.33 -5.90
CA ASN B 727 -46.45 12.30 -5.60
C ASN B 727 -47.31 11.94 -4.37
N LYS B 728 -47.00 10.84 -3.68
CA LYS B 728 -47.77 10.41 -2.51
C LYS B 728 -47.44 11.25 -1.29
N GLU B 729 -48.44 11.93 -0.72
CA GLU B 729 -48.23 12.70 0.52
C GLU B 729 -48.32 11.78 1.73
N HIS B 730 -47.38 11.95 2.66
CA HIS B 730 -47.31 11.17 3.89
C HIS B 730 -47.52 12.08 5.07
N ILE B 731 -48.27 11.60 6.06
CA ILE B 731 -48.57 12.34 7.29
C ILE B 731 -48.29 11.39 8.46
N ILE B 732 -47.29 11.71 9.26
CA ILE B 732 -46.97 10.92 10.47
C ILE B 732 -46.72 11.85 11.65
N GLU B 733 -46.71 11.26 12.85
CA GLU B 733 -46.35 11.98 14.07
C GLU B 733 -45.16 11.32 14.74
N ILE B 734 -44.23 12.14 15.21
CA ILE B 734 -43.11 11.70 16.04
C ILE B 734 -43.10 12.59 17.28
N LYS B 735 -43.30 11.98 18.46
CA LYS B 735 -43.41 12.68 19.74
C LYS B 735 -44.45 13.82 19.72
N GLY B 736 -45.63 13.51 19.16
CA GLY B 736 -46.71 14.48 19.07
C GLY B 736 -46.53 15.63 18.10
N LYS B 737 -45.54 15.56 17.20
CA LYS B 737 -45.32 16.57 16.19
C LYS B 737 -45.54 15.95 14.81
N GLU B 738 -46.36 16.62 13.99
CA GLU B 738 -46.68 16.12 12.66
C GLU B 738 -45.56 16.43 11.66
N TYR B 739 -45.24 15.44 10.83
CA TYR B 739 -44.33 15.61 9.70
C TYR B 739 -45.08 15.27 8.43
N ARG B 740 -45.01 16.18 7.46
CA ARG B 740 -45.66 16.01 6.16
C ARG B 740 -44.62 16.17 5.07
N TRP B 741 -44.68 15.29 4.08
CA TRP B 741 -43.85 15.40 2.89
C TRP B 741 -44.45 14.57 1.78
N THR B 742 -43.91 14.76 0.58
CA THR B 742 -44.33 13.99 -0.59
CA THR B 742 -44.32 14.05 -0.64
C THR B 742 -43.16 13.16 -1.10
N GLY B 743 -43.46 11.92 -1.49
CA GLY B 743 -42.44 11.01 -2.00
C GLY B 743 -41.88 10.09 -0.94
N PRO B 744 -40.96 9.19 -1.35
CA PRO B 744 -40.57 8.11 -0.45
C PRO B 744 -39.62 8.48 0.70
N TYR B 745 -39.03 9.68 0.67
CA TYR B 745 -38.17 10.10 1.78
C TYR B 745 -38.19 11.60 1.99
N GLN B 746 -37.82 11.99 3.20
CA GLN B 746 -37.53 13.37 3.52
C GLN B 746 -36.30 13.43 4.42
N PHE B 747 -35.46 14.41 4.19
CA PHE B 747 -34.33 14.69 5.06
C PHE B 747 -34.46 16.14 5.50
N ILE B 748 -34.61 16.36 6.79
CA ILE B 748 -34.89 17.71 7.31
C ILE B 748 -33.98 18.09 8.45
N LYS B 749 -33.67 19.37 8.51
CA LYS B 749 -32.94 19.96 9.61
C LYS B 749 -33.93 20.16 10.75
N ILE B 750 -33.57 19.71 11.94
CA ILE B 750 -34.43 19.83 13.12
C ILE B 750 -33.90 21.00 13.94
N ASN B 751 -34.75 22.01 14.11
CA ASN B 751 -34.40 23.25 14.80
C ASN B 751 -35.01 23.31 16.20
#